data_5FVA
#
_entry.id   5FVA
#
_cell.length_a   174.615
_cell.length_b   174.615
_cell.length_c   89.824
_cell.angle_alpha   90.00
_cell.angle_beta   90.00
_cell.angle_gamma   120.00
#
_symmetry.space_group_name_H-M   'P 6'
#
loop_
_entity.id
_entity.type
_entity.pdbx_description
1 polymer NUCLEOPROTEIN
2 non-polymer 'SODIUM ION'
3 water water
#
_entity_poly.entity_id   1
_entity_poly.type   'polypeptide(L)'
_entity_poly.pdbx_seq_one_letter_code
;GSDENYRDIALAFLDESADSGTINAWVNEFAYQGFDPKRIVQLVKERGTAKGRDWKKDVKMMIVLNLVRGNKPEAMMKKM
SEKGASIVANLISVYQLKEGNPGRDTITLSRVSAAFVPWTVQALRVLSESLPVSGTTMDAIAGVTYPRAMMHPSFAGIID
LDLPNGAGATIADAHGLFMIEFSKTINPSLRTKQANEVAATFEKPNMAAMSGRFFTREDKKKLLIAVGIIDEDLVLASAV
VRSAEKYRAKVGK
;
_entity_poly.pdbx_strand_id   A,B,C,D,E,F
#
# COMPACT_ATOMS: atom_id res chain seq x y z
N GLU A 4 41.19 -51.35 -47.23
CA GLU A 4 41.64 -50.85 -48.52
C GLU A 4 41.38 -49.36 -48.67
N ASN A 5 40.28 -49.02 -49.33
CA ASN A 5 39.95 -47.62 -49.58
C ASN A 5 38.98 -47.20 -48.50
N TYR A 6 39.41 -46.22 -47.73
CA TYR A 6 38.69 -45.83 -46.53
C TYR A 6 38.02 -44.46 -46.63
N ARG A 7 38.63 -43.56 -47.41
CA ARG A 7 38.08 -42.22 -47.60
C ARG A 7 36.65 -42.37 -48.12
N ASP A 8 36.47 -43.34 -48.99
CA ASP A 8 35.16 -43.62 -49.60
C ASP A 8 34.15 -44.06 -48.55
N ILE A 9 34.60 -44.79 -47.53
CA ILE A 9 33.69 -45.26 -46.49
C ILE A 9 33.12 -44.10 -45.66
N ALA A 10 33.97 -43.11 -45.36
CA ALA A 10 33.52 -41.96 -44.57
C ALA A 10 32.43 -41.15 -45.29
N LEU A 11 32.65 -40.89 -46.57
CA LEU A 11 31.66 -40.19 -47.41
C LEU A 11 30.46 -41.08 -47.74
N ALA A 12 30.63 -42.40 -47.60
CA ALA A 12 29.60 -43.36 -47.97
C ALA A 12 28.30 -43.15 -47.20
N PHE A 13 28.37 -42.47 -46.06
CA PHE A 13 27.18 -42.17 -45.27
C PHE A 13 26.09 -41.46 -46.08
N LEU A 14 26.53 -40.59 -47.00
CA LEU A 14 25.68 -39.81 -47.92
C LEU A 14 24.23 -39.62 -47.46
N ASP A 15 23.45 -40.70 -47.52
CA ASP A 15 22.06 -40.69 -47.09
C ASP A 15 21.98 -41.22 -45.66
N GLU A 16 22.39 -40.40 -44.69
CA GLU A 16 22.45 -40.86 -43.31
C GLU A 16 21.08 -41.12 -42.69
N SER A 17 20.92 -42.30 -42.10
CA SER A 17 19.68 -42.66 -41.42
C SER A 17 19.62 -41.91 -40.10
N ALA A 18 19.19 -40.66 -40.16
CA ALA A 18 19.12 -39.79 -39.00
C ALA A 18 17.68 -39.45 -38.65
N ASP A 19 17.32 -39.59 -37.38
CA ASP A 19 15.98 -39.30 -36.94
C ASP A 19 15.98 -38.17 -35.91
N SER A 20 15.16 -37.15 -36.17
CA SER A 20 15.08 -35.97 -35.31
C SER A 20 14.65 -36.30 -33.89
N GLY A 21 13.51 -36.97 -33.77
CA GLY A 21 12.94 -37.30 -32.47
C GLY A 21 13.95 -38.08 -31.66
N THR A 22 14.71 -38.90 -32.37
CA THR A 22 15.69 -39.78 -31.75
C THR A 22 16.97 -39.05 -31.32
N ILE A 23 17.43 -38.08 -32.11
CA ILE A 23 18.60 -37.31 -31.67
C ILE A 23 18.21 -36.41 -30.50
N ASN A 24 16.99 -35.86 -30.53
CA ASN A 24 16.52 -35.03 -29.43
C ASN A 24 16.34 -35.83 -28.15
N ALA A 25 15.83 -37.05 -28.30
CA ALA A 25 15.67 -37.94 -27.16
C ALA A 25 17.04 -38.28 -26.60
N TRP A 26 17.99 -38.53 -27.50
CA TRP A 26 19.35 -38.86 -27.07
C TRP A 26 20.00 -37.72 -26.30
N VAL A 27 19.76 -36.47 -26.72
CA VAL A 27 20.48 -35.40 -26.07
C VAL A 27 19.96 -35.10 -24.68
N ASN A 28 18.93 -35.80 -24.20
CA ASN A 28 18.42 -35.46 -22.89
C ASN A 28 19.17 -36.22 -21.80
N GLU A 29 19.36 -37.52 -21.99
CA GLU A 29 20.20 -38.26 -21.07
C GLU A 29 21.64 -37.89 -21.36
N PHE A 30 21.93 -37.54 -22.62
CA PHE A 30 23.29 -37.11 -22.94
C PHE A 30 23.57 -35.66 -22.52
N ALA A 31 22.53 -34.86 -22.29
CA ALA A 31 22.72 -33.47 -21.88
C ALA A 31 23.42 -33.40 -20.54
N TYR A 32 24.25 -32.37 -20.37
CA TYR A 32 24.80 -32.04 -19.07
C TYR A 32 23.69 -32.16 -18.01
N GLN A 33 23.97 -32.84 -16.89
CA GLN A 33 22.98 -33.09 -15.83
C GLN A 33 23.52 -32.93 -14.41
N GLY A 34 23.50 -31.72 -13.86
CA GLY A 34 24.11 -31.47 -12.57
C GLY A 34 23.76 -32.39 -11.41
N PHE A 35 22.52 -32.84 -11.30
CA PHE A 35 22.14 -33.71 -10.17
C PHE A 35 20.99 -34.69 -10.46
N ASP A 36 21.00 -35.83 -9.76
CA ASP A 36 19.97 -36.89 -9.89
C ASP A 36 18.95 -36.92 -8.75
N PRO A 37 17.66 -36.71 -9.09
CA PRO A 37 16.50 -36.71 -8.20
C PRO A 37 16.30 -38.00 -7.38
N LYS A 38 16.33 -39.17 -8.02
CA LYS A 38 16.03 -40.42 -7.32
C LYS A 38 17.05 -40.64 -6.21
N ARG A 39 18.31 -40.35 -6.50
CA ARG A 39 19.35 -40.49 -5.50
C ARG A 39 19.15 -39.57 -4.30
N ILE A 40 18.97 -38.26 -4.55
CA ILE A 40 18.81 -37.31 -3.45
C ILE A 40 17.54 -37.56 -2.63
N VAL A 41 16.41 -37.80 -3.31
CA VAL A 41 15.16 -38.09 -2.60
C VAL A 41 15.38 -39.35 -1.77
N GLN A 42 16.13 -40.31 -2.31
CA GLN A 42 16.39 -41.54 -1.61
C GLN A 42 17.19 -41.25 -0.34
N LEU A 43 18.21 -40.41 -0.45
CA LEU A 43 19.03 -40.12 0.72
C LEU A 43 18.30 -39.31 1.79
N VAL A 44 17.59 -38.26 1.40
CA VAL A 44 16.86 -37.48 2.39
C VAL A 44 15.71 -38.27 3.05
N LYS A 45 14.94 -39.00 2.25
CA LYS A 45 13.84 -39.79 2.80
C LYS A 45 14.31 -40.98 3.64
N GLU A 46 15.34 -41.70 3.16
CA GLU A 46 15.88 -42.83 3.90
C GLU A 46 16.51 -42.37 5.21
N ARG A 47 17.25 -41.27 5.15
CA ARG A 47 17.87 -40.70 6.34
C ARG A 47 16.77 -40.29 7.30
N GLY A 48 15.74 -39.65 6.76
CA GLY A 48 14.61 -39.19 7.55
C GLY A 48 13.90 -40.35 8.23
N THR A 49 13.82 -41.49 7.56
CA THR A 49 13.27 -42.68 8.18
C THR A 49 14.18 -43.15 9.32
N ALA A 50 15.48 -43.22 9.03
CA ALA A 50 16.46 -43.65 10.03
C ALA A 50 16.59 -42.65 11.18
N LYS A 51 16.70 -41.37 10.83
CA LYS A 51 16.78 -40.31 11.83
C LYS A 51 15.40 -40.01 12.40
N GLY A 52 15.36 -39.50 13.63
CA GLY A 52 14.09 -39.19 14.27
C GLY A 52 13.53 -37.82 13.95
N ARG A 53 13.21 -37.56 12.68
CA ARG A 53 12.61 -36.28 12.33
C ARG A 53 11.62 -36.38 11.16
N ASP A 54 10.70 -35.43 11.12
CA ASP A 54 9.64 -35.40 10.11
C ASP A 54 10.16 -34.70 8.86
N TRP A 55 10.02 -35.35 7.72
CA TRP A 55 10.56 -34.87 6.46
C TRP A 55 10.04 -33.50 6.02
N LYS A 56 8.74 -33.28 6.16
CA LYS A 56 8.10 -32.04 5.69
C LYS A 56 8.66 -30.77 6.33
N LYS A 57 8.82 -30.78 7.65
CA LYS A 57 9.34 -29.62 8.36
C LYS A 57 10.77 -29.32 7.94
N ASP A 58 11.56 -30.38 7.88
CA ASP A 58 12.97 -30.28 7.49
C ASP A 58 13.14 -29.70 6.09
N VAL A 59 12.46 -30.32 5.13
CA VAL A 59 12.57 -29.87 3.75
C VAL A 59 12.09 -28.42 3.68
N LYS A 60 10.97 -28.11 4.33
CA LYS A 60 10.43 -26.76 4.30
C LYS A 60 11.44 -25.71 4.79
N MET A 61 12.13 -26.03 5.88
CA MET A 61 13.15 -25.13 6.41
C MET A 61 14.28 -24.95 5.38
N MET A 62 14.67 -26.08 4.80
CA MET A 62 15.77 -26.10 3.83
C MET A 62 15.45 -25.23 2.63
N ILE A 63 14.20 -25.30 2.16
CA ILE A 63 13.71 -24.47 1.06
C ILE A 63 13.64 -22.99 1.39
N VAL A 64 13.06 -22.64 2.53
CA VAL A 64 12.96 -21.22 2.89
C VAL A 64 14.33 -20.56 2.98
N LEU A 65 15.25 -21.19 3.71
CA LEU A 65 16.60 -20.62 3.81
C LEU A 65 17.29 -20.74 2.44
N ASN A 66 16.88 -21.72 1.63
CA ASN A 66 17.46 -21.85 0.30
C ASN A 66 17.20 -20.55 -0.38
N LEU A 67 15.95 -20.14 -0.27
CA LEU A 67 15.47 -18.96 -0.93
C LEU A 67 16.15 -17.69 -0.44
N VAL A 68 16.22 -17.52 0.87
CA VAL A 68 16.64 -16.23 1.42
C VAL A 68 18.16 -16.08 1.61
N ARG A 69 18.81 -17.12 2.12
CA ARG A 69 20.25 -17.10 2.36
C ARG A 69 21.09 -17.64 1.19
N GLY A 70 20.49 -18.36 0.24
CA GLY A 70 21.29 -18.89 -0.86
C GLY A 70 21.77 -20.33 -0.81
N ASN A 71 22.52 -20.79 -1.81
CA ASN A 71 22.79 -22.22 -1.90
C ASN A 71 23.60 -22.74 -0.75
N LYS A 72 24.56 -21.93 -0.41
CA LYS A 72 25.55 -22.30 0.58
C LYS A 72 25.19 -21.91 1.99
N PRO A 73 25.17 -22.90 2.88
CA PRO A 73 24.95 -22.61 4.30
C PRO A 73 26.32 -22.44 4.94
N GLU A 74 27.34 -22.60 4.10
CA GLU A 74 28.75 -22.56 4.49
C GLU A 74 29.22 -21.17 4.92
N ALA A 75 28.60 -20.14 4.34
CA ALA A 75 29.02 -18.76 4.57
C ALA A 75 29.14 -18.38 6.06
N MET A 76 28.23 -18.92 6.88
CA MET A 76 28.19 -18.69 8.33
C MET A 76 26.82 -19.05 8.91
N MET A 77 26.86 -19.64 10.10
CA MET A 77 25.69 -20.04 10.85
C MET A 77 25.65 -19.13 12.06
N LYS A 78 26.50 -18.11 11.98
CA LYS A 78 26.61 -17.12 13.04
C LYS A 78 25.66 -16.00 12.70
N LYS A 79 25.80 -15.43 11.51
CA LYS A 79 24.84 -14.44 11.01
C LYS A 79 23.37 -14.84 11.14
N MET A 80 22.95 -15.32 12.31
CA MET A 80 21.55 -15.64 12.58
C MET A 80 21.45 -15.88 14.10
N SER A 81 20.25 -16.02 14.65
CA SER A 81 20.12 -16.16 16.09
C SER A 81 20.56 -17.55 16.53
N GLU A 82 21.22 -17.61 17.69
CA GLU A 82 21.87 -18.82 18.17
C GLU A 82 20.88 -19.98 18.34
N LYS A 83 19.76 -19.71 18.99
CA LYS A 83 18.74 -20.72 19.17
C LYS A 83 18.17 -21.13 17.82
N GLY A 84 18.01 -20.15 16.94
CA GLY A 84 17.59 -20.39 15.58
C GLY A 84 18.65 -21.14 14.80
N ALA A 85 19.92 -20.78 15.05
CA ALA A 85 21.05 -21.39 14.36
C ALA A 85 21.23 -22.83 14.76
N SER A 86 20.72 -23.18 15.93
CA SER A 86 20.83 -24.54 16.44
C SER A 86 20.22 -25.56 15.48
N ILE A 87 19.09 -25.21 14.87
CA ILE A 87 18.34 -26.09 13.97
C ILE A 87 19.08 -26.55 12.70
N VAL A 88 19.85 -25.67 12.09
CA VAL A 88 20.52 -25.99 10.83
C VAL A 88 21.56 -27.10 10.93
N ALA A 89 22.32 -27.16 12.01
CA ALA A 89 23.40 -28.14 12.15
C ALA A 89 22.92 -29.59 12.03
N ASN A 90 21.82 -29.90 12.70
CA ASN A 90 21.25 -31.25 12.69
C ASN A 90 20.96 -31.66 11.25
N LEU A 91 20.29 -30.74 10.56
CA LEU A 91 19.88 -30.92 9.17
C LEU A 91 21.08 -31.09 8.25
N ILE A 92 22.06 -30.20 8.35
CA ILE A 92 23.20 -30.29 7.45
C ILE A 92 23.91 -31.62 7.65
N SER A 93 24.02 -32.04 8.90
CA SER A 93 24.71 -33.29 9.16
C SER A 93 24.00 -34.50 8.58
N VAL A 94 22.69 -34.59 8.81
CA VAL A 94 21.94 -35.74 8.29
C VAL A 94 21.94 -35.73 6.76
N TYR A 95 21.79 -34.55 6.18
CA TYR A 95 21.71 -34.39 4.74
C TYR A 95 23.09 -34.42 4.06
N GLN A 96 24.11 -34.03 4.81
CA GLN A 96 25.49 -33.88 4.30
C GLN A 96 25.44 -32.87 3.17
N LEU A 97 24.73 -31.78 3.41
CA LEU A 97 24.67 -30.71 2.42
C LEU A 97 26.06 -30.14 2.22
N LYS A 98 26.37 -29.85 0.96
CA LYS A 98 27.65 -29.31 0.58
C LYS A 98 27.42 -28.05 -0.23
N GLU A 99 28.24 -27.03 0.01
CA GLU A 99 28.07 -25.73 -0.63
C GLU A 99 28.24 -25.74 -2.14
N GLY A 100 27.41 -24.97 -2.84
CA GLY A 100 27.45 -24.92 -4.29
C GLY A 100 26.93 -26.21 -4.91
N ASN A 101 27.53 -26.62 -6.03
CA ASN A 101 27.16 -27.87 -6.65
C ASN A 101 28.41 -28.75 -6.71
N PRO A 102 28.66 -29.54 -5.65
CA PRO A 102 29.85 -30.40 -5.73
C PRO A 102 29.72 -31.70 -6.53
N GLY A 103 28.65 -32.46 -6.31
CA GLY A 103 28.52 -33.77 -6.91
C GLY A 103 27.12 -34.32 -7.03
N ARG A 104 26.93 -35.29 -7.93
CA ARG A 104 25.64 -35.93 -8.09
C ARG A 104 25.20 -36.71 -6.85
N ASP A 105 26.12 -37.46 -6.25
CA ASP A 105 25.79 -38.21 -5.03
C ASP A 105 25.54 -37.27 -3.86
N THR A 106 26.33 -36.19 -3.80
CA THR A 106 26.15 -35.16 -2.79
C THR A 106 24.81 -34.46 -2.96
N ILE A 107 24.16 -34.13 -1.85
CA ILE A 107 22.89 -33.44 -1.89
C ILE A 107 23.08 -31.94 -1.71
N THR A 108 22.40 -31.15 -2.54
CA THR A 108 22.36 -29.71 -2.34
C THR A 108 20.93 -29.29 -2.05
N LEU A 109 20.79 -28.21 -1.28
CA LEU A 109 19.47 -27.71 -0.91
C LEU A 109 18.59 -27.34 -2.11
N SER A 110 19.20 -26.83 -3.17
CA SER A 110 18.43 -26.46 -4.36
C SER A 110 17.90 -27.69 -5.08
N ARG A 111 18.60 -28.83 -4.96
CA ARG A 111 18.09 -30.10 -5.47
C ARG A 111 16.92 -30.61 -4.63
N VAL A 112 17.00 -30.39 -3.33
CA VAL A 112 15.91 -30.75 -2.43
C VAL A 112 14.67 -29.93 -2.76
N SER A 113 14.87 -28.63 -2.93
CA SER A 113 13.80 -27.73 -3.32
C SER A 113 13.23 -28.09 -4.68
N ALA A 114 14.11 -28.40 -5.62
CA ALA A 114 13.70 -28.71 -6.99
C ALA A 114 12.90 -30.00 -7.08
N ALA A 115 13.37 -31.04 -6.42
CA ALA A 115 12.70 -32.34 -6.47
C ALA A 115 11.35 -32.24 -5.78
N PHE A 116 11.28 -31.46 -4.70
CA PHE A 116 10.04 -31.27 -3.98
C PHE A 116 9.53 -29.84 -4.18
N VAL A 117 9.65 -29.33 -5.40
CA VAL A 117 9.20 -27.97 -5.73
C VAL A 117 7.68 -27.71 -5.56
N PRO A 118 6.81 -28.73 -5.80
CA PRO A 118 5.39 -28.40 -5.57
C PRO A 118 5.06 -28.00 -4.14
N TRP A 119 5.75 -28.56 -3.15
CA TRP A 119 5.51 -28.16 -1.77
C TRP A 119 5.96 -26.69 -1.65
N THR A 120 7.08 -26.36 -2.29
CA THR A 120 7.66 -25.02 -2.25
C THR A 120 6.79 -23.92 -2.85
N VAL A 121 6.18 -24.21 -4.00
CA VAL A 121 5.43 -23.21 -4.76
C VAL A 121 4.21 -22.66 -4.04
N GLN A 122 3.48 -23.53 -3.34
CA GLN A 122 2.27 -23.12 -2.63
C GLN A 122 2.55 -22.10 -1.55
N ALA A 123 3.59 -22.35 -0.77
CA ALA A 123 3.98 -21.44 0.28
C ALA A 123 4.57 -20.18 -0.33
N LEU A 124 5.34 -20.38 -1.39
CA LEU A 124 6.16 -19.36 -2.02
C LEU A 124 5.45 -18.06 -2.42
N ARG A 125 4.16 -18.14 -2.73
CA ARG A 125 3.45 -17.01 -3.31
C ARG A 125 3.52 -15.66 -2.57
N VAL A 126 3.15 -15.63 -1.30
CA VAL A 126 3.19 -14.37 -0.59
C VAL A 126 4.56 -14.01 -0.01
N LEU A 127 5.42 -15.00 0.25
CA LEU A 127 6.74 -14.65 0.79
C LEU A 127 7.69 -14.49 -0.39
N SER A 128 7.10 -14.46 -1.58
CA SER A 128 7.85 -14.26 -2.82
C SER A 128 8.45 -12.87 -2.75
N GLU A 129 7.72 -11.98 -2.09
CA GLU A 129 8.15 -10.61 -1.85
C GLU A 129 9.37 -10.58 -0.92
N SER A 130 9.44 -11.53 0.00
CA SER A 130 10.53 -11.62 0.98
C SER A 130 11.93 -11.80 0.39
N LEU A 131 12.02 -12.36 -0.81
CA LEU A 131 13.32 -12.61 -1.44
C LEU A 131 14.07 -11.32 -1.77
N PRO A 132 15.39 -11.39 -2.04
CA PRO A 132 16.20 -10.21 -2.30
C PRO A 132 15.63 -9.34 -3.41
N VAL A 133 15.04 -9.99 -4.40
CA VAL A 133 14.32 -9.27 -5.44
C VAL A 133 12.90 -9.11 -4.97
N SER A 134 12.51 -7.86 -4.68
CA SER A 134 11.17 -7.59 -4.19
C SER A 134 10.14 -7.98 -5.22
N GLY A 135 8.96 -8.34 -4.74
CA GLY A 135 7.82 -8.57 -5.62
C GLY A 135 7.52 -7.27 -6.32
N THR A 136 7.71 -6.19 -5.56
CA THR A 136 7.46 -4.83 -6.03
C THR A 136 8.33 -4.54 -7.25
N THR A 137 9.57 -5.00 -7.21
CA THR A 137 10.45 -4.84 -8.35
C THR A 137 9.91 -5.58 -9.57
N MET A 138 9.38 -6.78 -9.36
CA MET A 138 8.90 -7.60 -10.47
C MET A 138 7.56 -7.18 -11.09
N ASP A 139 6.62 -6.64 -10.30
CA ASP A 139 5.45 -6.02 -10.93
C ASP A 139 5.85 -4.68 -11.54
N ALA A 140 6.90 -4.05 -11.00
CA ALA A 140 7.39 -2.82 -11.62
C ALA A 140 7.90 -3.16 -13.02
N ILE A 141 8.63 -4.26 -13.14
CA ILE A 141 9.13 -4.73 -14.44
C ILE A 141 7.98 -5.19 -15.36
N ALA A 142 7.03 -5.93 -14.81
CA ALA A 142 5.87 -6.39 -15.58
C ALA A 142 4.57 -5.90 -14.95
N GLY A 143 3.78 -5.15 -15.71
CA GLY A 143 2.59 -4.51 -15.18
C GLY A 143 1.60 -5.43 -14.49
N VAL A 144 1.34 -6.58 -15.10
CA VAL A 144 0.51 -7.59 -14.47
C VAL A 144 1.38 -8.27 -13.40
N THR A 145 0.74 -8.77 -12.34
CA THR A 145 1.49 -9.40 -11.25
C THR A 145 2.35 -10.55 -11.74
N TYR A 146 3.60 -10.58 -11.30
CA TYR A 146 4.52 -11.61 -11.75
C TYR A 146 4.15 -12.92 -11.07
N PRO A 147 4.21 -14.03 -11.81
CA PRO A 147 3.89 -15.32 -11.20
C PRO A 147 4.83 -15.69 -10.07
N ARG A 148 4.25 -15.75 -8.88
CA ARG A 148 4.94 -16.07 -7.64
C ARG A 148 5.51 -17.47 -7.74
N ALA A 149 4.78 -18.35 -8.43
CA ALA A 149 5.23 -19.71 -8.62
C ALA A 149 6.54 -19.66 -9.39
N MET A 150 6.58 -18.80 -10.39
CA MET A 150 7.75 -18.68 -11.22
C MET A 150 8.89 -17.97 -10.47
N MET A 151 8.70 -17.69 -9.19
CA MET A 151 9.69 -16.98 -8.38
C MET A 151 10.91 -17.83 -8.06
N HIS A 152 10.83 -19.13 -8.34
CA HIS A 152 11.93 -20.01 -7.99
C HIS A 152 12.78 -20.21 -9.24
N PRO A 153 14.11 -20.08 -9.10
CA PRO A 153 14.93 -20.33 -10.30
C PRO A 153 14.74 -21.77 -10.76
N SER A 154 14.51 -22.66 -9.79
CA SER A 154 14.23 -24.06 -10.06
C SER A 154 12.87 -24.28 -10.74
N PHE A 155 12.00 -23.28 -10.68
CA PHE A 155 10.66 -23.41 -11.27
C PHE A 155 10.80 -23.60 -12.77
N ALA A 156 11.92 -23.14 -13.31
CA ALA A 156 12.13 -23.15 -14.75
C ALA A 156 12.29 -24.58 -15.26
N GLY A 157 12.87 -25.44 -14.43
CA GLY A 157 13.16 -26.81 -14.81
C GLY A 157 11.98 -27.68 -15.21
N ILE A 158 10.87 -27.51 -14.50
CA ILE A 158 9.69 -28.34 -14.76
C ILE A 158 9.15 -28.19 -16.19
N ILE A 159 9.03 -26.96 -16.68
CA ILE A 159 8.36 -26.67 -17.96
C ILE A 159 9.00 -27.38 -19.16
N ASP A 160 8.15 -27.77 -20.11
CA ASP A 160 8.54 -28.49 -21.32
C ASP A 160 8.45 -27.64 -22.59
N LEU A 161 9.50 -27.69 -23.40
CA LEU A 161 9.52 -27.00 -24.68
C LEU A 161 8.54 -27.59 -25.70
N ASP A 162 8.30 -28.89 -25.60
CA ASP A 162 7.42 -29.60 -26.53
C ASP A 162 5.93 -29.41 -26.29
N LEU A 163 5.57 -28.55 -25.33
CA LEU A 163 4.16 -28.28 -25.07
C LEU A 163 3.51 -27.83 -26.37
N PRO A 164 2.25 -28.24 -26.60
CA PRO A 164 1.54 -27.87 -27.84
C PRO A 164 1.51 -26.37 -28.07
N ASN A 165 1.71 -25.97 -29.32
CA ASN A 165 1.73 -24.57 -29.78
C ASN A 165 3.04 -23.90 -29.39
N GLY A 166 3.96 -24.70 -28.85
CA GLY A 166 5.26 -24.23 -28.42
C GLY A 166 5.13 -23.16 -27.34
N ALA A 167 4.08 -23.29 -26.52
CA ALA A 167 3.81 -22.31 -25.48
C ALA A 167 4.97 -22.25 -24.51
N GLY A 168 5.60 -23.40 -24.27
CA GLY A 168 6.71 -23.47 -23.36
C GLY A 168 7.82 -22.52 -23.77
N ALA A 169 8.00 -22.37 -25.08
CA ALA A 169 9.04 -21.47 -25.58
C ALA A 169 8.79 -20.08 -25.04
N THR A 170 7.54 -19.64 -25.14
CA THR A 170 7.17 -18.32 -24.65
C THR A 170 7.51 -18.27 -23.17
N ILE A 171 7.12 -19.33 -22.46
CA ILE A 171 7.34 -19.40 -21.03
C ILE A 171 8.83 -19.27 -20.79
N ALA A 172 9.62 -19.99 -21.59
CA ALA A 172 11.05 -19.98 -21.43
C ALA A 172 11.58 -18.56 -21.56
N ASP A 173 11.10 -17.84 -22.58
CA ASP A 173 11.56 -16.48 -22.79
C ASP A 173 11.13 -15.66 -21.60
N ALA A 174 9.87 -15.86 -21.21
CA ALA A 174 9.34 -15.13 -20.08
C ALA A 174 10.15 -15.52 -18.86
N HIS A 175 10.41 -16.82 -18.72
CA HIS A 175 11.14 -17.29 -17.55
C HIS A 175 12.56 -16.82 -17.73
N GLY A 176 12.98 -16.68 -18.98
CA GLY A 176 14.33 -16.25 -19.27
C GLY A 176 14.54 -14.88 -18.66
N LEU A 177 13.50 -14.03 -18.74
CA LEU A 177 13.64 -12.67 -18.25
C LEU A 177 13.86 -12.69 -16.76
N PHE A 178 13.22 -13.67 -16.14
CA PHE A 178 13.25 -13.85 -14.71
C PHE A 178 14.71 -14.01 -14.29
N MET A 179 15.44 -14.80 -15.09
CA MET A 179 16.81 -15.13 -14.78
C MET A 179 17.65 -13.88 -14.52
N ILE A 180 17.54 -12.89 -15.41
CA ILE A 180 18.48 -11.78 -15.33
C ILE A 180 18.41 -11.11 -13.99
N GLU A 181 17.23 -11.04 -13.40
CA GLU A 181 17.15 -10.24 -12.19
C GLU A 181 17.99 -10.86 -11.07
N PHE A 182 17.96 -12.17 -10.92
CA PHE A 182 18.76 -12.78 -9.87
C PHE A 182 20.19 -12.83 -10.24
N SER A 183 20.42 -12.88 -11.54
CA SER A 183 21.78 -12.89 -12.01
C SER A 183 22.32 -11.57 -11.50
N LYS A 184 21.51 -10.52 -11.65
CA LYS A 184 21.92 -9.19 -11.22
C LYS A 184 22.23 -9.20 -9.74
N THR A 185 21.38 -9.86 -8.95
CA THR A 185 21.64 -9.98 -7.53
C THR A 185 22.78 -10.96 -7.24
N ILE A 186 22.81 -12.11 -7.93
CA ILE A 186 23.82 -13.09 -7.54
C ILE A 186 25.18 -12.66 -8.06
N ASN A 187 25.23 -12.17 -9.29
CA ASN A 187 26.46 -11.56 -9.80
C ASN A 187 26.29 -10.05 -9.97
N PRO A 188 27.13 -9.26 -9.27
CA PRO A 188 27.13 -7.80 -9.29
C PRO A 188 27.49 -7.17 -10.63
N SER A 189 28.40 -7.80 -11.36
CA SER A 189 28.95 -7.22 -12.60
C SER A 189 28.11 -7.48 -13.83
N LEU A 190 27.05 -8.23 -13.69
CA LEU A 190 26.25 -8.59 -14.83
C LEU A 190 24.98 -7.73 -14.92
N ARG A 191 24.65 -7.10 -13.79
CA ARG A 191 23.41 -6.33 -13.65
C ARG A 191 23.30 -5.13 -14.58
N THR A 192 24.44 -4.55 -14.95
CA THR A 192 24.44 -3.30 -15.70
C THR A 192 24.49 -3.47 -17.22
N LYS A 193 24.90 -4.64 -17.70
CA LYS A 193 25.00 -4.82 -19.15
C LYS A 193 23.96 -5.79 -19.71
N GLN A 194 23.68 -5.59 -21.00
CA GLN A 194 22.68 -6.31 -21.81
C GLN A 194 22.41 -7.79 -21.50
N ALA A 195 21.15 -8.17 -21.66
CA ALA A 195 20.66 -9.53 -21.42
C ALA A 195 21.26 -10.61 -22.34
N ASN A 196 21.64 -10.25 -23.55
CA ASN A 196 22.26 -11.20 -24.50
C ASN A 196 23.57 -11.80 -24.00
N GLU A 197 24.50 -10.97 -23.55
CA GLU A 197 25.77 -11.49 -23.06
C GLU A 197 25.46 -12.22 -21.76
N VAL A 198 24.41 -11.76 -21.09
CA VAL A 198 23.92 -12.34 -19.85
C VAL A 198 23.45 -13.81 -20.06
N ALA A 199 22.86 -14.08 -21.22
CA ALA A 199 22.23 -15.38 -21.48
C ALA A 199 23.20 -16.56 -21.48
N ALA A 200 24.40 -16.35 -22.01
CA ALA A 200 25.34 -17.45 -22.26
C ALA A 200 25.67 -18.23 -20.98
N THR A 201 25.85 -17.52 -19.88
CA THR A 201 26.02 -18.21 -18.60
C THR A 201 24.61 -18.58 -18.18
N PHE A 202 24.48 -19.59 -17.34
CA PHE A 202 23.19 -20.17 -16.94
C PHE A 202 22.15 -20.53 -18.03
N GLU A 203 22.29 -20.14 -19.31
CA GLU A 203 21.26 -20.60 -20.25
C GLU A 203 21.28 -22.12 -20.44
N LYS A 204 22.47 -22.69 -20.56
CA LYS A 204 22.63 -24.13 -20.80
C LYS A 204 22.16 -25.03 -19.64
N PRO A 205 22.56 -24.70 -18.39
CA PRO A 205 22.02 -25.51 -17.29
C PRO A 205 20.51 -25.39 -17.14
N ASN A 206 19.95 -24.22 -17.46
CA ASN A 206 18.51 -24.06 -17.38
C ASN A 206 17.80 -25.04 -18.31
N MET A 207 18.32 -25.21 -19.53
CA MET A 207 17.75 -26.16 -20.47
C MET A 207 18.01 -27.58 -20.00
N ALA A 208 19.15 -27.78 -19.34
CA ALA A 208 19.46 -29.09 -18.77
C ALA A 208 18.39 -29.47 -17.74
N ALA A 209 17.98 -28.49 -16.95
CA ALA A 209 16.92 -28.66 -15.96
C ALA A 209 15.56 -28.87 -16.61
N MET A 210 15.30 -28.10 -17.66
CA MET A 210 14.00 -28.10 -18.33
C MET A 210 13.63 -29.47 -18.94
N SER A 211 14.64 -30.21 -19.38
CA SER A 211 14.39 -31.54 -19.97
C SER A 211 14.82 -32.69 -19.04
N GLY A 212 13.84 -33.46 -18.56
CA GLY A 212 14.12 -34.63 -17.72
C GLY A 212 13.12 -35.76 -17.94
N ARG A 213 13.60 -37.01 -17.93
CA ARG A 213 12.76 -38.19 -18.14
C ARG A 213 12.15 -38.68 -16.83
N PHE A 214 12.63 -38.08 -15.76
CA PHE A 214 12.33 -38.44 -14.37
C PHE A 214 10.85 -38.25 -14.06
N PHE A 215 10.30 -37.16 -14.59
CA PHE A 215 8.92 -36.77 -14.33
C PHE A 215 8.13 -36.83 -15.64
N THR A 216 7.00 -37.55 -15.65
CA THR A 216 6.20 -37.64 -16.86
C THR A 216 5.41 -36.37 -17.17
N ARG A 217 5.08 -36.19 -18.44
CA ARG A 217 4.35 -35.01 -18.93
C ARG A 217 2.90 -34.89 -18.45
N GLU A 218 2.23 -36.02 -18.34
CA GLU A 218 0.82 -36.08 -17.97
C GLU A 218 0.59 -35.46 -16.61
N ASP A 219 1.54 -35.74 -15.74
CA ASP A 219 1.57 -35.26 -14.36
C ASP A 219 1.64 -33.75 -14.26
N LYS A 220 2.34 -33.16 -15.23
CA LYS A 220 2.57 -31.72 -15.31
C LYS A 220 1.28 -30.91 -15.44
N LYS A 221 0.28 -31.49 -16.09
CA LYS A 221 -0.95 -30.76 -16.28
C LYS A 221 -1.57 -30.42 -14.93
N LYS A 222 -1.62 -31.35 -13.99
CA LYS A 222 -2.21 -31.06 -12.70
C LYS A 222 -1.48 -29.91 -11.97
N LEU A 223 -0.15 -29.97 -11.99
CA LEU A 223 0.68 -28.89 -11.46
C LEU A 223 0.37 -27.52 -12.06
N LEU A 224 0.49 -27.40 -13.38
CA LEU A 224 0.31 -26.11 -14.04
C LEU A 224 -1.12 -25.60 -13.87
N ILE A 225 -2.08 -26.51 -13.85
CA ILE A 225 -3.47 -26.12 -13.66
C ILE A 225 -3.74 -25.65 -12.22
N ALA A 226 -2.98 -26.21 -11.29
CA ALA A 226 -3.10 -25.85 -9.89
C ALA A 226 -2.80 -24.37 -9.71
N VAL A 227 -1.84 -23.86 -10.46
CA VAL A 227 -1.56 -22.43 -10.42
C VAL A 227 -2.78 -21.56 -10.86
N GLY A 228 -3.55 -22.04 -11.84
CA GLY A 228 -4.80 -21.41 -12.26
C GLY A 228 -4.60 -20.27 -13.27
N ILE A 229 -3.32 -20.01 -13.51
CA ILE A 229 -2.82 -19.00 -14.44
C ILE A 229 -3.05 -19.62 -15.85
N ILE A 230 -2.89 -20.94 -15.95
CA ILE A 230 -3.10 -21.70 -17.19
C ILE A 230 -4.25 -22.72 -17.01
N ASP A 231 -5.23 -22.66 -17.91
CA ASP A 231 -6.42 -23.52 -17.91
C ASP A 231 -6.18 -24.93 -18.45
N GLU A 232 -7.17 -25.81 -18.27
CA GLU A 232 -7.09 -27.18 -18.80
C GLU A 232 -7.23 -27.22 -20.32
N ASP A 233 -7.74 -26.13 -20.89
CA ASP A 233 -7.79 -26.01 -22.33
C ASP A 233 -6.37 -26.06 -22.87
N LEU A 234 -5.52 -25.20 -22.29
CA LEU A 234 -4.08 -25.00 -22.52
C LEU A 234 -3.83 -23.57 -23.01
N VAL A 235 -4.59 -22.61 -22.51
CA VAL A 235 -4.31 -21.25 -22.93
C VAL A 235 -3.35 -20.63 -21.94
N LEU A 236 -2.23 -20.15 -22.47
CA LEU A 236 -1.18 -19.60 -21.64
C LEU A 236 -1.63 -18.21 -21.21
N ALA A 237 -1.34 -17.93 -19.94
CA ALA A 237 -1.68 -16.69 -19.25
C ALA A 237 -1.03 -15.42 -19.78
N SER A 238 -1.74 -14.30 -19.60
CA SER A 238 -1.26 -12.98 -20.01
C SER A 238 0.05 -12.55 -19.37
N ALA A 239 0.29 -12.96 -18.13
CA ALA A 239 1.49 -12.55 -17.43
C ALA A 239 2.77 -13.06 -18.10
N VAL A 240 2.76 -14.34 -18.48
CA VAL A 240 3.91 -14.98 -19.10
C VAL A 240 4.23 -14.37 -20.47
N VAL A 241 3.22 -14.25 -21.32
CA VAL A 241 3.43 -13.71 -22.66
C VAL A 241 3.84 -12.24 -22.58
N ARG A 242 3.20 -11.49 -21.67
CA ARG A 242 3.52 -10.08 -21.48
C ARG A 242 4.96 -9.88 -20.98
N SER A 243 5.43 -10.77 -20.11
CA SER A 243 6.82 -10.70 -19.66
C SER A 243 7.75 -11.06 -20.82
N ALA A 244 7.29 -12.01 -21.63
CA ALA A 244 8.05 -12.46 -22.78
C ALA A 244 8.22 -11.27 -23.73
N GLU A 245 7.25 -10.36 -23.71
CA GLU A 245 7.34 -9.14 -24.52
C GLU A 245 8.51 -8.24 -24.09
N LYS A 246 8.70 -8.11 -22.77
CA LYS A 246 9.80 -7.32 -22.21
C LYS A 246 11.12 -7.96 -22.63
N TYR A 247 11.13 -9.28 -22.54
CA TYR A 247 12.30 -10.06 -22.90
C TYR A 247 12.58 -9.79 -24.37
N ARG A 248 11.52 -9.77 -25.16
CA ARG A 248 11.61 -9.52 -26.60
C ARG A 248 12.19 -8.13 -26.85
N ALA A 249 11.82 -7.17 -26.00
CA ALA A 249 12.28 -5.81 -26.18
C ALA A 249 13.80 -5.69 -25.99
N LYS A 250 14.34 -6.04 -24.83
CA LYS A 250 15.79 -5.86 -24.72
C LYS A 250 16.60 -7.12 -25.06
N VAL A 251 15.96 -8.29 -24.98
CA VAL A 251 16.55 -9.59 -25.30
C VAL A 251 17.77 -9.92 -24.44
N GLU B 4 4.96 -47.84 -1.23
CA GLU B 4 5.54 -46.53 -0.97
C GLU B 4 5.42 -45.65 -2.21
N ASN B 5 4.75 -44.52 -2.08
CA ASN B 5 4.53 -43.68 -3.24
C ASN B 5 5.56 -42.56 -3.29
N TYR B 6 6.36 -42.52 -4.35
CA TYR B 6 7.46 -41.54 -4.47
C TYR B 6 7.02 -40.20 -5.01
N ARG B 7 7.30 -40.07 -6.31
CA ARG B 7 7.09 -38.83 -7.05
C ARG B 7 5.65 -38.35 -7.02
N ASP B 8 4.70 -39.25 -7.14
CA ASP B 8 3.31 -38.82 -7.26
C ASP B 8 2.82 -37.97 -6.10
N ILE B 9 3.25 -38.26 -4.87
CA ILE B 9 2.88 -37.40 -3.76
C ILE B 9 3.59 -36.05 -3.94
N ALA B 10 4.83 -36.10 -4.46
CA ALA B 10 5.64 -34.90 -4.64
C ALA B 10 4.90 -33.92 -5.54
N LEU B 11 4.29 -34.41 -6.61
CA LEU B 11 3.44 -33.57 -7.44
C LEU B 11 2.09 -33.25 -6.77
N ALA B 12 1.62 -34.22 -5.98
CA ALA B 12 0.30 -34.16 -5.34
C ALA B 12 0.13 -33.04 -4.32
N PHE B 13 1.23 -32.52 -3.76
CA PHE B 13 1.13 -31.50 -2.72
C PHE B 13 0.24 -30.31 -3.09
N LEU B 14 0.33 -29.90 -4.35
CA LEU B 14 -0.44 -28.79 -4.90
C LEU B 14 -0.24 -27.61 -3.93
N ASP B 15 -1.31 -27.17 -3.29
CA ASP B 15 -1.26 -26.07 -2.32
C ASP B 15 -1.20 -26.52 -0.86
N GLU B 16 -0.07 -27.06 -0.42
CA GLU B 16 0.07 -27.52 0.96
C GLU B 16 0.13 -26.34 1.93
N ALA B 25 7.80 -13.17 7.53
CA ALA B 25 6.97 -13.48 8.70
C ALA B 25 7.68 -14.45 9.62
N TRP B 26 7.60 -15.72 9.26
CA TRP B 26 8.23 -16.82 10.00
C TRP B 26 9.74 -16.66 9.89
N VAL B 27 10.16 -16.09 8.77
CA VAL B 27 11.55 -15.98 8.40
C VAL B 27 12.39 -15.04 9.26
N ASN B 28 11.82 -14.50 10.33
CA ASN B 28 12.55 -13.55 11.16
C ASN B 28 13.65 -14.29 11.89
N GLU B 29 13.30 -15.45 12.41
CA GLU B 29 14.29 -16.32 13.01
C GLU B 29 15.13 -16.92 11.88
N PHE B 30 14.54 -17.09 10.70
CA PHE B 30 15.30 -17.61 9.57
C PHE B 30 16.15 -16.54 8.88
N ALA B 31 15.82 -15.27 9.08
CA ALA B 31 16.57 -14.18 8.46
C ALA B 31 18.01 -14.19 8.95
N TYR B 32 18.94 -13.81 8.09
CA TYR B 32 20.31 -13.64 8.55
C TYR B 32 20.32 -12.60 9.65
N GLN B 33 21.00 -12.91 10.75
CA GLN B 33 21.03 -12.05 11.92
C GLN B 33 22.43 -11.95 12.53
N GLY B 34 23.26 -11.06 11.99
CA GLY B 34 24.63 -10.91 12.43
C GLY B 34 24.74 -10.71 13.94
N PHE B 35 23.79 -9.99 14.51
CA PHE B 35 23.82 -9.69 15.93
C PHE B 35 22.39 -9.58 16.43
N ASP B 36 22.17 -9.89 17.70
CA ASP B 36 20.86 -9.71 18.30
C ASP B 36 20.93 -8.44 19.11
N PRO B 37 20.10 -7.44 18.76
CA PRO B 37 20.09 -6.17 19.51
C PRO B 37 19.91 -6.42 21.00
N LYS B 38 18.95 -7.28 21.34
CA LYS B 38 18.63 -7.56 22.73
C LYS B 38 19.84 -8.14 23.48
N ARG B 39 20.61 -8.97 22.79
CA ARG B 39 21.83 -9.51 23.37
C ARG B 39 22.76 -8.37 23.74
N ILE B 40 22.94 -7.43 22.80
CA ILE B 40 23.82 -6.30 23.02
C ILE B 40 23.39 -5.46 24.21
N VAL B 41 22.10 -5.11 24.28
CA VAL B 41 21.62 -4.38 25.43
C VAL B 41 21.82 -5.13 26.75
N GLN B 42 21.55 -6.43 26.83
CA GLN B 42 21.70 -7.11 28.11
C GLN B 42 23.16 -7.22 28.54
N LEU B 43 24.02 -7.65 27.63
CA LEU B 43 25.42 -7.85 27.99
C LEU B 43 26.10 -6.53 28.31
N VAL B 44 25.89 -5.49 27.51
CA VAL B 44 26.50 -4.20 27.83
C VAL B 44 25.97 -3.67 29.18
N LYS B 45 24.66 -3.83 29.42
CA LYS B 45 24.10 -3.36 30.69
C LYS B 45 24.69 -4.09 31.90
N GLU B 46 24.81 -5.41 31.79
CA GLU B 46 25.38 -6.21 32.88
C GLU B 46 26.85 -5.90 33.15
N ARG B 47 27.66 -5.82 32.10
CA ARG B 47 29.07 -5.50 32.31
C ARG B 47 29.20 -4.09 32.92
N GLY B 48 28.53 -3.13 32.30
CA GLY B 48 28.59 -1.75 32.76
C GLY B 48 28.06 -1.40 34.13
N THR B 49 26.96 -2.03 34.53
CA THR B 49 26.35 -1.76 35.84
C THR B 49 27.24 -2.09 37.04
N ALA B 50 27.91 -3.23 37.03
CA ALA B 50 28.79 -3.63 38.12
C ALA B 50 29.97 -2.69 38.26
N LYS B 51 30.50 -2.26 37.11
CA LYS B 51 31.67 -1.40 37.08
C LYS B 51 31.36 0.03 37.48
N GLY B 52 32.37 0.71 38.03
CA GLY B 52 32.24 2.08 38.49
C GLY B 52 32.46 3.16 37.45
N ARG B 53 31.61 3.19 36.44
CA ARG B 53 31.70 4.21 35.39
C ARG B 53 30.29 4.56 34.90
N ASP B 54 30.15 5.73 34.28
CA ASP B 54 28.82 6.18 33.88
C ASP B 54 28.44 5.54 32.54
N TRP B 55 27.32 4.84 32.54
CA TRP B 55 26.88 4.09 31.37
C TRP B 55 26.58 4.96 30.16
N LYS B 56 25.82 6.03 30.37
CA LYS B 56 25.40 6.91 29.29
C LYS B 56 26.63 7.52 28.62
N LYS B 57 27.56 7.95 29.46
CA LYS B 57 28.80 8.55 28.98
C LYS B 57 29.58 7.53 28.17
N ASP B 58 29.68 6.30 28.67
CA ASP B 58 30.40 5.23 27.96
C ASP B 58 29.80 5.01 26.58
N VAL B 59 28.47 4.91 26.52
CA VAL B 59 27.81 4.71 25.23
C VAL B 59 28.18 5.86 24.30
N LYS B 60 28.11 7.09 24.81
CA LYS B 60 28.43 8.27 24.01
C LYS B 60 29.85 8.20 23.45
N MET B 61 30.80 7.77 24.29
CA MET B 61 32.18 7.60 23.86
C MET B 61 32.25 6.57 22.75
N MET B 62 31.49 5.48 22.91
CA MET B 62 31.50 4.41 21.92
C MET B 62 31.01 4.94 20.57
N ILE B 63 29.99 5.78 20.61
CA ILE B 63 29.47 6.40 19.39
C ILE B 63 30.49 7.31 18.72
N VAL B 64 31.05 8.25 19.49
CA VAL B 64 32.03 9.17 18.90
C VAL B 64 33.22 8.40 18.33
N LEU B 65 33.68 7.37 19.04
CA LEU B 65 34.77 6.53 18.54
C LEU B 65 34.37 5.81 17.26
N ASN B 66 33.15 5.29 17.20
CA ASN B 66 32.71 4.59 15.99
C ASN B 66 32.75 5.56 14.81
N LEU B 67 32.31 6.78 15.06
CA LEU B 67 32.29 7.81 14.02
C LEU B 67 33.71 8.17 13.56
N VAL B 68 34.59 8.48 14.51
CA VAL B 68 35.94 8.91 14.15
C VAL B 68 36.98 7.79 14.12
N ARG B 69 36.94 6.89 15.11
CA ARG B 69 37.94 5.82 15.18
C ARG B 69 37.53 4.57 14.40
N GLY B 70 36.22 4.40 14.18
CA GLY B 70 35.74 3.26 13.43
C GLY B 70 35.50 2.04 14.30
N ASN B 71 35.05 0.95 13.67
CA ASN B 71 34.75 -0.28 14.37
C ASN B 71 36.06 -0.84 14.90
N LYS B 72 37.11 -0.61 14.12
CA LYS B 72 38.46 -1.04 14.47
C LYS B 72 38.91 -0.34 15.75
N PRO B 73 39.37 -1.12 16.73
CA PRO B 73 39.85 -0.64 18.02
C PRO B 73 41.32 -0.31 17.95
N GLU B 74 41.84 -0.38 16.72
CA GLU B 74 43.24 -0.15 16.38
C GLU B 74 43.41 -0.81 15.01
N ALA B 75 44.22 -0.24 14.11
CA ALA B 75 45.00 0.98 14.29
C ALA B 75 44.33 2.12 15.06
N MET B 76 44.65 2.16 16.35
CA MET B 76 44.14 3.17 17.27
C MET B 76 45.10 3.24 18.44
N MET B 77 45.80 2.14 18.66
CA MET B 77 46.78 2.04 19.72
C MET B 77 47.91 3.03 19.49
N LYS B 78 48.51 2.98 18.29
CA LYS B 78 49.58 3.90 18.00
C LYS B 78 48.92 4.91 17.09
N LYS B 79 49.40 6.15 17.13
CA LYS B 79 48.88 7.24 16.32
C LYS B 79 47.56 7.72 16.94
N MET B 80 47.63 8.06 18.22
CA MET B 80 46.51 8.62 18.95
C MET B 80 47.16 9.29 20.17
N SER B 81 46.45 10.17 20.86
CA SER B 81 47.07 10.85 21.99
C SER B 81 47.08 9.89 23.18
N GLU B 82 48.16 9.92 23.94
CA GLU B 82 48.36 8.96 25.02
C GLU B 82 47.23 9.07 26.04
N LYS B 83 46.93 10.29 26.44
CA LYS B 83 45.84 10.54 27.37
C LYS B 83 44.51 10.16 26.74
N GLY B 84 44.37 10.45 25.44
CA GLY B 84 43.19 10.06 24.70
C GLY B 84 43.06 8.56 24.55
N ALA B 85 44.20 7.90 24.36
CA ALA B 85 44.22 6.45 24.18
C ALA B 85 43.96 5.74 25.51
N SER B 86 44.26 6.41 26.61
CA SER B 86 44.05 5.85 27.94
C SER B 86 42.59 5.48 28.15
N ILE B 87 41.71 6.36 27.70
CA ILE B 87 40.28 6.15 27.82
C ILE B 87 39.93 4.89 27.06
N VAL B 88 40.59 4.72 25.90
CA VAL B 88 40.34 3.56 25.08
C VAL B 88 40.78 2.30 25.80
N ALA B 89 41.96 2.32 26.43
CA ALA B 89 42.45 1.13 27.12
C ALA B 89 41.54 0.70 28.28
N ASN B 90 41.23 1.66 29.15
CA ASN B 90 40.36 1.38 30.27
C ASN B 90 38.99 0.89 29.83
N LEU B 91 38.41 1.59 28.86
CA LEU B 91 37.08 1.23 28.37
C LEU B 91 37.08 -0.16 27.71
N ILE B 92 38.04 -0.42 26.82
CA ILE B 92 38.12 -1.69 26.09
C ILE B 92 38.33 -2.88 27.02
N SER B 93 39.11 -2.68 28.09
CA SER B 93 39.41 -3.79 28.99
C SER B 93 38.15 -4.43 29.58
N VAL B 94 37.21 -3.59 30.02
CA VAL B 94 35.98 -4.07 30.62
C VAL B 94 35.07 -4.85 29.65
N TYR B 95 34.93 -4.37 28.43
CA TYR B 95 34.08 -5.02 27.43
C TYR B 95 34.67 -6.28 26.81
N GLN B 96 35.99 -6.42 26.88
CA GLN B 96 36.69 -7.54 26.24
C GLN B 96 36.46 -7.51 24.73
N LEU B 97 36.61 -6.31 24.17
CA LEU B 97 36.46 -6.08 22.73
C LEU B 97 37.44 -6.89 21.88
N LYS B 98 36.96 -7.33 20.73
CA LYS B 98 37.78 -8.06 19.79
C LYS B 98 37.72 -7.32 18.45
N GLU B 99 38.88 -7.18 17.82
CA GLU B 99 38.98 -6.46 16.55
C GLU B 99 38.24 -7.20 15.45
N GLY B 100 37.60 -6.44 14.56
CA GLY B 100 36.81 -7.02 13.49
C GLY B 100 35.51 -7.65 13.95
N ASN B 101 35.08 -8.72 13.28
CA ASN B 101 33.81 -9.39 13.60
C ASN B 101 34.04 -10.87 13.99
N PRO B 102 34.11 -11.11 15.31
CA PRO B 102 34.35 -12.40 15.94
C PRO B 102 33.17 -13.38 16.00
N GLY B 103 32.04 -13.03 16.61
CA GLY B 103 30.93 -13.98 16.75
C GLY B 103 29.63 -13.22 16.91
N ARG B 104 28.48 -13.84 16.69
CA ARG B 104 27.23 -13.12 16.92
C ARG B 104 27.09 -12.75 18.40
N ASP B 105 27.48 -13.65 19.29
CA ASP B 105 27.41 -13.39 20.73
C ASP B 105 28.33 -12.25 21.10
N THR B 106 29.47 -12.23 20.43
CA THR B 106 30.50 -11.20 20.55
C THR B 106 29.99 -9.84 20.09
N ILE B 107 30.67 -8.80 20.57
CA ILE B 107 30.27 -7.41 20.35
C ILE B 107 31.00 -6.70 19.21
N THR B 108 30.24 -5.95 18.39
CA THR B 108 30.84 -5.05 17.41
C THR B 108 30.47 -3.60 17.71
N LEU B 109 31.42 -2.69 17.50
CA LEU B 109 31.23 -1.26 17.78
C LEU B 109 30.12 -0.57 16.97
N SER B 110 30.03 -0.90 15.69
CA SER B 110 29.03 -0.30 14.82
C SER B 110 27.64 -0.81 15.17
N ARG B 111 27.59 -2.05 15.62
CA ARG B 111 26.35 -2.64 16.14
C ARG B 111 25.95 -2.07 17.49
N VAL B 112 26.94 -1.74 18.32
CA VAL B 112 26.65 -1.04 19.59
C VAL B 112 26.04 0.31 19.24
N SER B 113 26.60 0.95 18.24
CA SER B 113 26.06 2.21 17.73
C SER B 113 24.62 1.95 17.27
N ALA B 114 24.43 0.82 16.61
CA ALA B 114 23.13 0.43 16.03
C ALA B 114 22.03 0.22 17.06
N ALA B 115 22.34 -0.48 18.16
CA ALA B 115 21.33 -0.76 19.18
C ALA B 115 20.85 0.54 19.81
N PHE B 116 21.76 1.48 19.98
CA PHE B 116 21.42 2.78 20.52
C PHE B 116 21.51 3.87 19.45
N VAL B 117 21.09 3.54 18.24
CA VAL B 117 21.08 4.49 17.12
C VAL B 117 20.14 5.71 17.32
N PRO B 118 19.01 5.55 18.06
CA PRO B 118 18.19 6.76 18.25
C PRO B 118 18.96 7.87 18.94
N TRP B 119 19.86 7.51 19.84
CA TRP B 119 20.72 8.50 20.48
C TRP B 119 21.64 9.12 19.44
N THR B 120 22.20 8.26 18.58
CA THR B 120 23.18 8.66 17.58
C THR B 120 22.70 9.64 16.53
N VAL B 121 21.45 9.50 16.08
CA VAL B 121 20.98 10.33 14.97
C VAL B 121 21.02 11.85 15.27
N GLN B 122 20.64 12.25 16.48
CA GLN B 122 20.66 13.67 16.83
C GLN B 122 22.07 14.26 16.88
N ALA B 123 23.00 13.54 17.48
CA ALA B 123 24.39 13.98 17.62
C ALA B 123 25.17 13.97 16.31
N LEU B 124 24.93 12.94 15.50
CA LEU B 124 25.72 12.67 14.30
C LEU B 124 25.80 13.85 13.31
N ARG B 125 24.74 14.64 13.24
CA ARG B 125 24.64 15.73 12.27
C ARG B 125 25.82 16.72 12.31
N VAL B 126 26.19 17.14 13.51
CA VAL B 126 27.22 18.17 13.69
C VAL B 126 28.66 17.70 13.46
N LEU B 127 28.90 16.41 13.66
CA LEU B 127 30.25 15.86 13.48
C LEU B 127 30.49 15.21 12.10
N SER B 128 29.60 15.47 11.15
CA SER B 128 29.69 14.86 9.82
C SER B 128 31.03 15.18 9.15
N GLU B 129 31.58 16.37 9.41
CA GLU B 129 32.91 16.72 8.91
C GLU B 129 33.97 15.81 9.55
N SER B 130 33.76 15.43 10.80
CA SER B 130 34.69 14.57 11.51
C SER B 130 34.79 13.19 10.84
N LEU B 131 33.73 12.80 10.14
CA LEU B 131 33.70 11.49 9.48
C LEU B 131 34.71 11.61 8.33
N PRO B 132 35.16 10.47 7.76
CA PRO B 132 36.18 10.57 6.70
C PRO B 132 35.77 11.47 5.53
N VAL B 133 34.48 11.47 5.22
CA VAL B 133 33.90 12.33 4.20
C VAL B 133 33.41 13.67 4.74
N SER B 134 33.93 14.77 4.19
CA SER B 134 33.45 16.08 4.58
C SER B 134 31.97 16.12 4.20
N GLY B 135 31.17 16.91 4.91
CA GLY B 135 29.76 17.05 4.57
C GLY B 135 29.58 17.61 3.17
N THR B 136 30.47 18.54 2.82
CA THR B 136 30.43 19.20 1.53
C THR B 136 30.52 18.19 0.39
N THR B 137 31.30 17.13 0.60
CA THR B 137 31.42 16.08 -0.41
C THR B 137 30.08 15.40 -0.69
N MET B 138 29.31 15.08 0.34
CA MET B 138 28.01 14.44 0.14
C MET B 138 26.89 15.36 -0.31
N ASP B 139 26.99 16.63 0.05
CA ASP B 139 26.12 17.62 -0.58
C ASP B 139 26.49 17.77 -2.05
N ALA B 140 27.77 17.57 -2.37
CA ALA B 140 28.25 17.56 -3.76
C ALA B 140 27.74 16.37 -4.57
N ILE B 141 27.76 15.18 -3.98
CA ILE B 141 27.33 13.95 -4.66
C ILE B 141 25.84 13.97 -5.04
N ALA B 142 25.01 14.50 -4.15
CA ALA B 142 23.59 14.61 -4.40
C ALA B 142 23.22 16.08 -4.42
N GLY B 143 22.60 16.53 -5.51
CA GLY B 143 22.34 17.96 -5.71
C GLY B 143 21.63 18.61 -4.54
N VAL B 144 20.62 17.95 -4.02
CA VAL B 144 19.97 18.43 -2.80
C VAL B 144 20.89 18.09 -1.62
N THR B 145 20.84 18.90 -0.58
CA THR B 145 21.70 18.68 0.58
C THR B 145 21.49 17.31 1.21
N TYR B 146 22.59 16.60 1.46
CA TYR B 146 22.49 15.28 2.06
C TYR B 146 22.18 15.40 3.54
N PRO B 147 21.23 14.59 4.02
CA PRO B 147 20.95 14.62 5.47
C PRO B 147 22.16 14.09 6.21
N ARG B 148 22.80 14.96 6.99
CA ARG B 148 24.01 14.61 7.72
C ARG B 148 23.71 13.48 8.71
N ALA B 149 22.56 13.56 9.35
CA ALA B 149 22.13 12.53 10.30
C ALA B 149 21.90 11.20 9.61
N MET B 150 21.34 11.25 8.39
CA MET B 150 21.04 10.03 7.64
C MET B 150 22.30 9.34 7.12
N MET B 151 23.47 9.84 7.55
CA MET B 151 24.72 9.28 7.05
C MET B 151 25.01 7.89 7.59
N HIS B 152 24.96 7.69 8.91
CA HIS B 152 25.50 6.47 9.51
C HIS B 152 24.92 5.19 8.92
N PRO B 153 25.78 4.19 8.67
CA PRO B 153 25.29 2.91 8.13
C PRO B 153 24.24 2.27 9.04
N SER B 154 24.33 2.54 10.33
CA SER B 154 23.34 2.09 11.31
C SER B 154 21.97 2.74 11.12
N PHE B 155 21.93 3.84 10.38
CA PHE B 155 20.71 4.62 10.15
C PHE B 155 19.66 3.77 9.43
N ALA B 156 20.12 2.73 8.75
CA ALA B 156 19.28 1.92 7.87
C ALA B 156 18.24 1.14 8.68
N GLY B 157 18.60 0.79 9.90
CA GLY B 157 17.73 0.00 10.76
C GLY B 157 16.41 0.69 11.01
N ILE B 158 16.48 2.01 11.13
CA ILE B 158 15.34 2.86 11.46
C ILE B 158 14.19 2.66 10.49
N ILE B 159 14.48 2.88 9.22
CA ILE B 159 13.48 2.86 8.15
C ILE B 159 12.88 1.48 7.95
N ASP B 160 11.58 1.46 7.66
CA ASP B 160 10.87 0.22 7.40
C ASP B 160 10.55 0.20 5.91
N LEU B 161 10.95 -0.84 5.21
CA LEU B 161 10.64 -0.97 3.79
C LEU B 161 9.14 -1.23 3.62
N ASP B 162 8.53 -1.82 4.65
CA ASP B 162 7.12 -2.18 4.61
C ASP B 162 6.21 -0.97 4.74
N LEU B 163 6.79 0.22 4.79
CA LEU B 163 5.99 1.45 4.84
C LEU B 163 5.06 1.41 3.64
N PRO B 164 3.82 1.89 3.81
CA PRO B 164 2.85 1.85 2.72
C PRO B 164 3.35 2.57 1.47
N ASN B 165 3.10 1.98 0.31
CA ASN B 165 3.44 2.57 -0.99
C ASN B 165 4.92 2.45 -1.31
N GLY B 166 5.63 1.71 -0.46
CA GLY B 166 7.06 1.49 -0.60
C GLY B 166 7.93 2.72 -0.53
N ALA B 167 7.49 3.70 0.27
CA ALA B 167 8.24 4.94 0.43
C ALA B 167 9.61 4.61 1.00
N GLY B 168 9.64 3.60 1.85
CA GLY B 168 10.85 3.16 2.51
C GLY B 168 11.93 2.82 1.50
N ALA B 169 11.51 2.30 0.35
CA ALA B 169 12.44 1.91 -0.70
C ALA B 169 13.30 3.11 -1.07
N THR B 170 12.67 4.27 -1.17
CA THR B 170 13.39 5.48 -1.53
C THR B 170 14.55 5.72 -0.58
N ILE B 171 14.30 5.59 0.72
CA ILE B 171 15.36 5.83 1.70
C ILE B 171 16.51 4.87 1.42
N ALA B 172 16.17 3.61 1.15
CA ALA B 172 17.18 2.60 0.89
C ALA B 172 18.05 3.07 -0.27
N ASP B 173 17.41 3.62 -1.29
CA ASP B 173 18.15 4.20 -2.40
C ASP B 173 18.84 5.48 -1.96
N ALA B 174 18.07 6.36 -1.32
CA ALA B 174 18.57 7.68 -0.93
C ALA B 174 19.75 7.59 0.02
N HIS B 175 19.61 6.74 1.03
CA HIS B 175 20.68 6.51 1.99
C HIS B 175 21.74 5.67 1.31
N GLY B 176 21.28 4.90 0.32
CA GLY B 176 22.09 3.91 -0.37
C GLY B 176 23.35 4.41 -1.05
N LEU B 177 23.30 5.57 -1.68
CA LEU B 177 24.51 6.06 -2.31
C LEU B 177 25.53 6.53 -1.27
N PHE B 178 25.11 6.68 -0.01
CA PHE B 178 26.12 6.90 1.02
C PHE B 178 26.91 5.59 1.01
N MET B 179 26.19 4.47 1.04
CA MET B 179 26.79 3.14 1.12
C MET B 179 27.78 2.80 0.02
N ILE B 180 27.32 2.90 -1.22
CA ILE B 180 28.06 2.36 -2.34
C ILE B 180 29.44 2.95 -2.49
N GLU B 181 29.61 4.25 -2.31
CA GLU B 181 30.96 4.75 -2.41
C GLU B 181 31.75 4.63 -1.11
N PHE B 182 31.18 4.66 0.11
CA PHE B 182 32.15 4.70 1.23
C PHE B 182 32.95 3.40 1.42
N SER B 183 32.79 2.47 0.49
CA SER B 183 33.62 1.27 0.43
C SER B 183 35.04 1.77 0.24
N LYS B 184 35.13 2.86 -0.53
CA LYS B 184 36.36 3.55 -0.84
C LYS B 184 37.09 3.92 0.45
N THR B 185 36.33 4.31 1.47
CA THR B 185 36.97 4.63 2.74
C THR B 185 37.52 3.35 3.37
N ILE B 186 36.74 2.28 3.38
CA ILE B 186 37.23 1.05 3.99
C ILE B 186 38.20 0.31 3.06
N ASN B 187 37.88 0.23 1.77
CA ASN B 187 38.81 -0.31 0.77
C ASN B 187 39.33 0.76 -0.19
N PRO B 188 40.65 0.97 -0.24
CA PRO B 188 41.22 1.97 -1.14
C PRO B 188 41.05 1.61 -2.63
N SER B 189 41.23 0.35 -2.98
CA SER B 189 41.17 -0.08 -4.37
C SER B 189 39.79 -0.54 -4.84
N LEU B 190 38.75 -0.19 -4.09
CA LEU B 190 37.38 -0.56 -4.44
C LEU B 190 36.70 0.68 -5.00
N ARG B 191 37.35 1.81 -4.74
CA ARG B 191 36.85 3.14 -5.10
C ARG B 191 36.70 3.26 -6.61
N THR B 192 37.48 2.47 -7.34
CA THR B 192 37.54 2.57 -8.79
C THR B 192 36.49 1.68 -9.42
N LYS B 193 35.96 0.74 -8.65
CA LYS B 193 34.93 -0.12 -9.20
C LYS B 193 33.68 0.72 -9.26
N GLN B 194 32.78 0.37 -10.18
CA GLN B 194 31.58 1.18 -10.38
C GLN B 194 30.56 0.91 -9.31
N ALA B 195 29.78 1.93 -9.01
CA ALA B 195 28.81 1.85 -7.94
C ALA B 195 27.83 0.71 -8.09
N ASN B 196 27.47 0.33 -9.30
CA ASN B 196 26.54 -0.79 -9.41
C ASN B 196 27.25 -2.07 -8.89
N GLU B 197 28.55 -2.20 -9.13
CA GLU B 197 29.27 -3.39 -8.66
C GLU B 197 29.32 -3.45 -7.15
N VAL B 198 29.64 -2.31 -6.55
CA VAL B 198 29.73 -2.19 -5.10
C VAL B 198 28.38 -2.36 -4.40
N ALA B 199 27.31 -1.89 -5.05
CA ALA B 199 26.01 -1.84 -4.42
C ALA B 199 25.47 -3.21 -4.03
N ALA B 200 25.74 -4.21 -4.87
CA ALA B 200 25.14 -5.55 -4.74
C ALA B 200 25.43 -6.36 -3.47
N THR B 201 26.63 -6.25 -2.92
CA THR B 201 26.99 -7.02 -1.72
C THR B 201 26.48 -6.52 -0.36
N PHE B 202 26.00 -5.28 -0.28
CA PHE B 202 25.67 -4.69 1.02
C PHE B 202 24.23 -4.88 1.51
N GLU B 203 23.31 -5.25 0.64
CA GLU B 203 21.90 -5.37 1.00
C GLU B 203 21.54 -6.47 1.99
N LYS B 204 22.14 -7.65 1.84
CA LYS B 204 21.74 -8.79 2.66
C LYS B 204 21.97 -8.54 4.16
N PRO B 205 23.15 -8.02 4.56
CA PRO B 205 23.19 -7.68 5.98
C PRO B 205 22.31 -6.48 6.31
N ASN B 206 22.32 -5.49 5.43
CA ASN B 206 21.57 -4.24 5.59
C ASN B 206 20.08 -4.51 5.71
N MET B 207 19.60 -5.46 4.91
CA MET B 207 18.18 -5.78 4.87
C MET B 207 17.77 -6.29 6.25
N ALA B 208 18.67 -7.01 6.92
CA ALA B 208 18.40 -7.51 8.26
C ALA B 208 18.18 -6.33 9.20
N ALA B 209 18.96 -5.28 9.02
CA ALA B 209 18.77 -4.08 9.80
C ALA B 209 17.46 -3.40 9.39
N MET B 210 17.20 -3.35 8.08
CA MET B 210 16.03 -2.62 7.59
C MET B 210 14.72 -3.27 8.05
N SER B 211 14.70 -4.59 8.08
CA SER B 211 13.54 -5.33 8.58
C SER B 211 13.88 -6.01 9.90
N GLY B 212 13.29 -5.55 11.00
CA GLY B 212 13.58 -6.15 12.29
C GLY B 212 12.42 -6.18 13.27
N ARG B 213 12.35 -7.25 14.07
CA ARG B 213 11.28 -7.41 15.04
C ARG B 213 11.65 -6.71 16.35
N PHE B 214 12.90 -6.26 16.43
CA PHE B 214 13.42 -5.63 17.63
C PHE B 214 12.73 -4.30 17.90
N PHE B 215 12.51 -3.53 16.83
CA PHE B 215 11.99 -2.17 16.93
C PHE B 215 10.59 -2.04 16.31
N THR B 216 9.68 -1.40 17.05
CA THR B 216 8.31 -1.17 16.62
C THR B 216 8.26 -0.15 15.50
N ARG B 217 7.15 -0.10 14.76
CA ARG B 217 7.02 0.92 13.73
C ARG B 217 6.91 2.30 14.39
N GLU B 218 6.24 2.36 15.53
CA GLU B 218 6.00 3.61 16.26
C GLU B 218 7.29 4.25 16.76
N ASP B 219 8.21 3.42 17.28
CA ASP B 219 9.46 3.97 17.79
C ASP B 219 10.20 4.56 16.59
N LYS B 220 10.10 3.87 15.46
CA LYS B 220 10.74 4.34 14.24
C LYS B 220 10.15 5.67 13.82
N LYS B 221 8.85 5.83 14.05
CA LYS B 221 8.16 7.08 13.72
C LYS B 221 8.69 8.22 14.57
N LYS B 222 8.86 7.97 15.87
CA LYS B 222 9.38 9.01 16.76
C LYS B 222 10.79 9.45 16.38
N LEU B 223 11.64 8.48 16.08
CA LEU B 223 12.98 8.72 15.55
C LEU B 223 12.96 9.63 14.33
N LEU B 224 12.28 9.16 13.29
CA LEU B 224 12.28 9.86 12.00
C LEU B 224 11.63 11.24 12.07
N ILE B 225 10.56 11.40 12.84
CA ILE B 225 9.93 12.72 12.97
C ILE B 225 10.81 13.65 13.80
N ALA B 226 11.50 13.10 14.81
CA ALA B 226 12.35 13.92 15.67
C ALA B 226 13.53 14.50 14.93
N VAL B 227 14.18 13.72 14.07
CA VAL B 227 15.26 14.30 13.26
C VAL B 227 14.73 15.45 12.37
N GLY B 228 13.48 15.31 11.91
CA GLY B 228 12.88 16.35 11.09
C GLY B 228 13.02 16.21 9.58
N ILE B 229 13.66 15.13 9.15
CA ILE B 229 13.83 14.87 7.72
C ILE B 229 12.45 14.58 7.09
N ILE B 230 11.59 13.95 7.88
CA ILE B 230 10.24 13.61 7.47
C ILE B 230 9.26 14.33 8.38
N ASP B 231 8.27 15.00 7.79
CA ASP B 231 7.27 15.71 8.56
C ASP B 231 6.30 14.73 9.19
N GLU B 232 5.44 15.21 10.08
CA GLU B 232 4.45 14.35 10.70
C GLU B 232 3.39 13.95 9.67
N ASP B 233 3.22 14.78 8.66
CA ASP B 233 2.35 14.53 7.52
C ASP B 233 2.87 13.48 6.55
N LEU B 234 3.65 12.53 7.06
CA LEU B 234 4.29 11.48 6.27
C LEU B 234 4.77 11.92 4.88
N VAL B 235 5.27 13.15 4.76
CA VAL B 235 5.83 13.64 3.50
C VAL B 235 7.36 13.62 3.52
N LEU B 236 7.97 12.96 2.53
CA LEU B 236 9.43 12.87 2.53
C LEU B 236 10.05 14.15 1.99
N ALA B 237 11.19 14.53 2.57
CA ALA B 237 11.91 15.72 2.15
C ALA B 237 12.37 15.59 0.71
N SER B 238 12.40 16.71 0.01
CA SER B 238 12.85 16.74 -1.39
C SER B 238 14.28 16.25 -1.48
N ALA B 239 15.06 16.48 -0.43
CA ALA B 239 16.46 16.08 -0.38
C ALA B 239 16.60 14.57 -0.53
N VAL B 240 15.72 13.83 0.16
CA VAL B 240 15.76 12.37 0.14
C VAL B 240 15.49 11.80 -1.25
N VAL B 241 14.41 12.24 -1.88
CA VAL B 241 14.04 11.75 -3.21
C VAL B 241 15.02 12.21 -4.28
N ARG B 242 15.43 13.48 -4.21
CA ARG B 242 16.37 14.06 -5.16
C ARG B 242 17.72 13.35 -5.07
N SER B 243 18.12 12.97 -3.86
CA SER B 243 19.33 12.18 -3.71
C SER B 243 19.09 10.76 -4.25
N ALA B 244 17.88 10.25 -4.05
CA ALA B 244 17.53 8.90 -4.50
C ALA B 244 17.55 8.74 -6.02
N GLU B 245 17.24 9.82 -6.74
CA GLU B 245 17.23 9.77 -8.20
C GLU B 245 18.63 9.42 -8.69
N LYS B 246 19.64 9.93 -7.99
CA LYS B 246 21.03 9.65 -8.30
C LYS B 246 21.36 8.16 -8.13
N TYR B 247 20.84 7.54 -7.07
CA TYR B 247 21.09 6.12 -6.82
C TYR B 247 20.43 5.32 -7.93
N ARG B 248 19.19 5.69 -8.27
CA ARG B 248 18.43 5.03 -9.32
C ARG B 248 19.08 5.17 -10.70
N ALA B 249 19.63 6.35 -10.96
CA ALA B 249 20.31 6.69 -12.22
C ALA B 249 21.58 5.87 -12.40
N LYS B 250 22.44 5.91 -11.39
CA LYS B 250 23.71 5.21 -11.43
C LYS B 250 23.45 3.71 -11.38
N VAL B 251 22.29 3.33 -10.84
CA VAL B 251 21.85 1.93 -10.70
C VAL B 251 22.82 1.09 -9.86
N GLU C 4 24.49 8.03 69.52
CA GLU C 4 23.57 7.58 70.57
C GLU C 4 22.13 7.87 70.20
N ASN C 5 21.97 8.56 69.09
CA ASN C 5 20.67 8.99 68.56
C ASN C 5 20.22 8.25 67.28
N TYR C 6 19.02 7.69 67.38
CA TYR C 6 18.43 6.80 66.39
C TYR C 6 17.84 7.65 65.27
N ARG C 7 17.35 8.82 65.68
CA ARG C 7 16.66 9.75 64.79
C ARG C 7 17.45 10.24 63.58
N ASP C 8 18.72 10.61 63.73
CA ASP C 8 19.46 11.11 62.58
C ASP C 8 19.65 10.07 61.50
N ILE C 9 19.95 8.82 61.88
CA ILE C 9 20.13 7.80 60.85
C ILE C 9 18.77 7.50 60.23
N ALA C 10 17.75 7.44 61.09
CA ALA C 10 16.40 7.11 60.65
C ALA C 10 15.91 8.09 59.60
N LEU C 11 16.13 9.37 59.86
CA LEU C 11 15.82 10.41 58.88
C LEU C 11 16.83 10.40 57.73
N ALA C 12 18.07 9.97 58.02
CA ALA C 12 19.15 10.02 57.04
C ALA C 12 18.91 9.10 55.86
N PHE C 13 18.13 8.05 56.05
CA PHE C 13 17.85 7.18 54.91
C PHE C 13 17.25 7.93 53.70
N LEU C 14 16.38 8.91 53.95
CA LEU C 14 15.79 9.79 52.91
C LEU C 14 16.62 10.04 51.65
N ASP C 15 17.84 10.55 51.82
CA ASP C 15 18.62 10.99 50.68
C ASP C 15 19.35 9.87 49.96
N GLU C 16 18.72 8.70 49.95
CA GLU C 16 19.21 7.53 49.23
C GLU C 16 18.98 7.71 47.73
N SER C 17 20.01 7.45 46.94
CA SER C 17 19.93 7.51 45.49
C SER C 17 19.13 6.34 44.92
N ALA C 18 17.97 6.61 44.33
CA ALA C 18 17.12 5.54 43.82
C ALA C 18 17.06 5.49 42.29
N ASP C 19 17.27 4.29 41.78
CA ASP C 19 17.28 4.00 40.35
C ASP C 19 16.20 2.96 40.04
N SER C 20 15.43 3.21 38.98
CA SER C 20 14.35 2.33 38.59
C SER C 20 14.84 0.90 38.37
N GLY C 21 15.88 0.77 37.55
CA GLY C 21 16.39 -0.52 37.14
C GLY C 21 16.82 -1.46 38.25
N THR C 22 17.38 -0.94 39.34
CA THR C 22 17.88 -1.84 40.37
C THR C 22 16.79 -2.43 41.26
N ILE C 23 15.81 -1.62 41.64
CA ILE C 23 14.67 -2.14 42.39
C ILE C 23 13.76 -2.99 41.51
N ASN C 24 13.61 -2.64 40.23
CA ASN C 24 12.78 -3.50 39.36
C ASN C 24 13.44 -4.85 39.10
N ALA C 25 14.75 -4.81 38.83
CA ALA C 25 15.50 -6.01 38.54
C ALA C 25 15.50 -6.92 39.74
N TRP C 26 15.75 -6.37 40.93
CA TRP C 26 15.69 -7.21 42.12
C TRP C 26 14.27 -7.67 42.46
N VAL C 27 13.27 -6.82 42.24
CA VAL C 27 11.91 -7.12 42.68
C VAL C 27 11.28 -8.21 41.83
N ASN C 28 11.84 -8.46 40.65
CA ASN C 28 11.23 -9.51 39.84
C ASN C 28 11.68 -10.88 40.30
N GLU C 29 12.98 -11.01 40.57
CA GLU C 29 13.52 -12.26 41.09
C GLU C 29 13.19 -12.48 42.58
N PHE C 30 12.43 -11.57 43.17
CA PHE C 30 11.88 -11.81 44.52
C PHE C 30 10.58 -12.60 44.48
N ALA C 31 9.95 -12.70 43.31
CA ALA C 31 8.62 -13.32 43.17
C ALA C 31 8.48 -14.79 43.63
N TYR C 32 9.35 -15.19 44.56
CA TYR C 32 9.27 -16.45 45.32
C TYR C 32 9.61 -17.76 44.61
N GLN C 33 9.17 -18.88 45.18
CA GLN C 33 9.55 -20.18 44.65
C GLN C 33 8.40 -21.19 44.56
N GLY C 34 7.17 -20.71 44.39
CA GLY C 34 6.03 -21.58 44.31
C GLY C 34 6.04 -22.60 43.19
N PHE C 35 6.47 -22.17 42.02
CA PHE C 35 6.43 -23.02 40.83
C PHE C 35 7.56 -22.73 39.84
N ASP C 36 8.49 -23.67 39.71
CA ASP C 36 9.57 -23.55 38.73
C ASP C 36 9.42 -24.50 37.54
N PRO C 37 9.25 -23.94 36.33
CA PRO C 37 9.22 -24.68 35.06
C PRO C 37 10.49 -25.50 34.82
N LYS C 38 11.64 -24.87 35.00
CA LYS C 38 12.94 -25.47 34.68
C LYS C 38 13.27 -26.74 35.46
N ARG C 39 12.92 -26.78 36.75
CA ARG C 39 13.13 -27.96 37.59
C ARG C 39 12.38 -29.16 37.02
N ILE C 40 11.13 -28.89 36.64
CA ILE C 40 10.24 -29.91 36.11
C ILE C 40 10.80 -30.60 34.89
N VAL C 41 11.33 -29.83 33.93
CA VAL C 41 11.88 -30.43 32.73
C VAL C 41 13.05 -31.37 33.07
N GLN C 42 13.89 -31.00 34.04
CA GLN C 42 15.02 -31.84 34.41
C GLN C 42 14.56 -33.15 35.05
N LEU C 43 13.66 -33.04 36.02
CA LEU C 43 13.20 -34.24 36.74
C LEU C 43 12.34 -35.16 35.85
N VAL C 44 11.44 -34.57 35.07
CA VAL C 44 10.63 -35.33 34.12
C VAL C 44 11.52 -36.00 33.08
N LYS C 45 12.55 -35.29 32.62
CA LYS C 45 13.46 -35.89 31.64
C LYS C 45 14.18 -37.08 32.24
N GLU C 46 14.64 -36.95 33.48
CA GLU C 46 15.33 -38.04 34.14
C GLU C 46 14.42 -39.25 34.35
N ARG C 47 13.19 -38.97 34.81
CA ARG C 47 12.21 -40.02 35.05
C ARG C 47 11.83 -40.76 33.77
N GLY C 48 11.53 -39.99 32.72
CA GLY C 48 11.16 -40.55 31.43
C GLY C 48 12.28 -41.34 30.77
N THR C 49 13.51 -40.84 30.88
CA THR C 49 14.66 -41.55 30.34
C THR C 49 14.92 -42.86 31.07
N ALA C 50 14.87 -42.80 32.40
CA ALA C 50 15.12 -43.98 33.23
C ALA C 50 14.06 -45.06 33.00
N LYS C 51 12.80 -44.66 32.94
CA LYS C 51 11.70 -45.58 32.68
C LYS C 51 11.67 -45.93 31.19
N GLY C 52 11.18 -47.12 30.86
CA GLY C 52 11.14 -47.52 29.47
C GLY C 52 9.91 -47.02 28.74
N ARG C 53 9.75 -45.70 28.73
CA ARG C 53 8.65 -45.05 28.03
C ARG C 53 9.10 -43.66 27.58
N ASP C 54 8.44 -43.12 26.56
CA ASP C 54 8.83 -41.82 26.04
C ASP C 54 8.15 -40.72 26.84
N TRP C 55 8.94 -39.81 27.40
CA TRP C 55 8.41 -38.76 28.25
C TRP C 55 7.50 -37.84 27.44
N LYS C 56 7.90 -37.50 26.22
CA LYS C 56 7.10 -36.61 25.37
C LYS C 56 5.72 -37.20 25.04
N LYS C 57 5.70 -38.48 24.67
CA LYS C 57 4.45 -39.13 24.31
C LYS C 57 3.51 -39.17 25.51
N ASP C 58 4.05 -39.54 26.66
CA ASP C 58 3.31 -39.57 27.91
C ASP C 58 2.80 -38.18 28.31
N VAL C 59 3.69 -37.20 28.26
CA VAL C 59 3.42 -35.83 28.65
C VAL C 59 2.26 -35.31 27.81
N LYS C 60 2.24 -35.61 26.52
CA LYS C 60 1.17 -35.13 25.65
C LYS C 60 -0.20 -35.56 26.21
N MET C 61 -0.28 -36.83 26.59
CA MET C 61 -1.48 -37.40 27.19
C MET C 61 -1.80 -36.71 28.51
N MET C 62 -0.76 -36.45 29.31
CA MET C 62 -0.95 -35.82 30.60
C MET C 62 -1.53 -34.41 30.48
N ILE C 63 -1.02 -33.64 29.52
CA ILE C 63 -1.53 -32.30 29.25
C ILE C 63 -2.96 -32.28 28.72
N VAL C 64 -3.22 -33.10 27.69
CA VAL C 64 -4.57 -33.16 27.13
C VAL C 64 -5.52 -33.55 28.25
N LEU C 65 -5.10 -34.46 29.12
CA LEU C 65 -5.89 -34.82 30.29
C LEU C 65 -6.07 -33.59 31.18
N ASN C 66 -5.00 -32.84 31.39
CA ASN C 66 -5.03 -31.65 32.25
C ASN C 66 -6.02 -30.58 31.88
N LEU C 67 -6.13 -30.27 30.59
CA LEU C 67 -6.90 -29.09 30.21
C LEU C 67 -8.36 -29.21 30.70
N VAL C 68 -8.99 -30.35 30.41
CA VAL C 68 -10.40 -30.59 30.74
C VAL C 68 -10.64 -31.32 32.09
N ARG C 69 -9.73 -32.23 32.47
CA ARG C 69 -9.96 -33.10 33.64
C ARG C 69 -9.71 -32.45 34.97
N GLY C 70 -9.00 -31.32 34.97
CA GLY C 70 -8.71 -30.64 36.22
C GLY C 70 -7.38 -31.10 36.79
N ASN C 71 -6.95 -30.46 37.87
CA ASN C 71 -5.60 -30.67 38.39
C ASN C 71 -5.42 -32.02 39.10
N LYS C 72 -6.43 -32.44 39.87
CA LYS C 72 -6.33 -33.68 40.63
C LYS C 72 -6.89 -34.92 39.92
N PRO C 73 -6.02 -35.91 39.66
CA PRO C 73 -6.44 -37.18 39.06
C PRO C 73 -6.57 -38.34 40.05
N GLU C 74 -6.30 -38.08 41.34
CA GLU C 74 -6.24 -39.15 42.34
C GLU C 74 -7.59 -39.83 42.55
N ALA C 75 -8.68 -39.09 42.39
CA ALA C 75 -10.01 -39.69 42.50
C ALA C 75 -10.09 -40.85 41.51
N MET C 76 -9.42 -40.67 40.37
CA MET C 76 -9.35 -41.66 39.29
C MET C 76 -10.67 -42.35 39.00
N MET C 77 -11.76 -41.58 39.06
CA MET C 77 -13.09 -42.16 38.88
C MET C 77 -14.11 -41.19 38.28
N LYS C 78 -14.68 -41.56 37.13
CA LYS C 78 -15.79 -40.82 36.51
C LYS C 78 -16.55 -41.53 35.37
N LYS C 79 -17.33 -42.56 35.71
CA LYS C 79 -18.28 -43.18 34.75
C LYS C 79 -17.73 -43.72 33.41
N MET C 80 -16.80 -44.68 33.47
CA MET C 80 -16.22 -45.25 32.26
C MET C 80 -15.54 -46.65 32.46
N SER C 81 -15.18 -47.34 31.37
CA SER C 81 -14.54 -48.67 31.38
C SER C 81 -13.03 -48.63 31.71
N GLU C 82 -12.56 -49.68 32.41
CA GLU C 82 -11.24 -49.75 33.07
C GLU C 82 -9.92 -49.61 32.30
N LYS C 83 -9.76 -50.28 31.17
CA LYS C 83 -8.46 -50.28 30.48
C LYS C 83 -7.93 -48.91 30.04
N GLY C 84 -8.81 -47.99 29.64
CA GLY C 84 -8.37 -46.68 29.23
C GLY C 84 -7.73 -45.82 30.30
N ALA C 85 -8.26 -45.85 31.52
CA ALA C 85 -7.71 -45.08 32.64
C ALA C 85 -6.42 -45.73 33.17
N SER C 86 -6.29 -47.03 32.93
CA SER C 86 -5.19 -47.84 33.45
C SER C 86 -3.77 -47.34 33.13
N ILE C 87 -3.58 -46.84 31.92
CA ILE C 87 -2.27 -46.37 31.47
C ILE C 87 -1.74 -45.20 32.31
N VAL C 88 -2.65 -44.37 32.83
CA VAL C 88 -2.29 -43.19 33.61
C VAL C 88 -1.50 -43.51 34.88
N ALA C 89 -1.85 -44.62 35.53
CA ALA C 89 -1.24 -45.03 36.78
C ALA C 89 0.28 -45.17 36.70
N ASN C 90 0.75 -45.79 35.61
CA ASN C 90 2.19 -45.98 35.40
C ASN C 90 2.90 -44.64 35.48
N LEU C 91 2.31 -43.67 34.78
CA LEU C 91 2.84 -42.32 34.70
C LEU C 91 2.84 -41.68 36.09
N ILE C 92 1.71 -41.81 36.80
CA ILE C 92 1.55 -41.18 38.11
C ILE C 92 2.58 -41.67 39.13
N SER C 93 2.86 -42.97 39.11
CA SER C 93 3.79 -43.54 40.10
C SER C 93 5.18 -42.91 40.00
N VAL C 94 5.72 -42.88 38.78
CA VAL C 94 7.04 -42.29 38.58
C VAL C 94 7.00 -40.79 38.84
N TYR C 95 5.93 -40.11 38.41
CA TYR C 95 5.87 -38.66 38.63
C TYR C 95 5.54 -38.23 40.06
N GLN C 96 4.82 -39.07 40.80
CA GLN C 96 4.42 -38.73 42.17
C GLN C 96 3.63 -37.42 42.24
N LEU C 97 2.67 -37.27 41.32
CA LEU C 97 1.84 -36.07 41.26
C LEU C 97 1.03 -35.92 42.55
N LYS C 98 0.88 -34.69 43.02
CA LYS C 98 0.12 -34.42 44.24
C LYS C 98 -0.98 -33.37 44.07
N GLU C 99 -2.12 -33.61 44.70
CA GLU C 99 -3.29 -32.73 44.61
C GLU C 99 -3.06 -31.35 45.21
N GLY C 100 -3.63 -30.34 44.56
CA GLY C 100 -3.47 -28.96 45.00
C GLY C 100 -2.05 -28.50 44.81
N ASN C 101 -1.59 -27.63 45.69
CA ASN C 101 -0.19 -27.17 45.65
C ASN C 101 0.44 -27.45 47.01
N PRO C 102 1.03 -28.64 47.17
CA PRO C 102 1.82 -28.99 48.36
C PRO C 102 3.24 -28.43 48.36
N GLY C 103 3.89 -28.48 47.21
CA GLY C 103 5.27 -28.06 47.10
C GLY C 103 5.70 -27.67 45.70
N ARG C 104 6.74 -26.86 45.61
CA ARG C 104 7.28 -26.42 44.33
C ARG C 104 7.89 -27.55 43.53
N ASP C 105 8.67 -28.40 44.20
CA ASP C 105 9.31 -29.53 43.56
C ASP C 105 8.27 -30.56 43.13
N THR C 106 7.19 -30.65 43.90
CA THR C 106 6.09 -31.52 43.52
C THR C 106 5.58 -31.01 42.18
N ILE C 107 5.28 -31.93 41.28
CA ILE C 107 4.82 -31.55 39.97
C ILE C 107 3.30 -31.64 39.93
N THR C 108 2.68 -30.62 39.37
CA THR C 108 1.28 -30.72 39.07
C THR C 108 1.12 -30.63 37.56
N LEU C 109 0.08 -31.26 37.04
CA LEU C 109 -0.19 -31.25 35.61
C LEU C 109 -0.32 -29.88 34.98
N SER C 110 -0.79 -28.89 35.73
CA SER C 110 -0.88 -27.55 35.19
C SER C 110 0.50 -26.94 34.99
N ARG C 111 1.44 -27.36 35.83
CA ARG C 111 2.84 -26.99 35.67
C ARG C 111 3.41 -27.70 34.43
N VAL C 112 2.92 -28.91 34.20
CA VAL C 112 3.28 -29.65 33.00
C VAL C 112 2.83 -28.88 31.76
N SER C 113 1.60 -28.40 31.78
CA SER C 113 1.10 -27.58 30.69
C SER C 113 1.89 -26.27 30.55
N ALA C 114 2.15 -25.62 31.67
CA ALA C 114 2.82 -24.31 31.67
C ALA C 114 4.27 -24.37 31.16
N ALA C 115 5.04 -25.32 31.66
CA ALA C 115 6.44 -25.43 31.27
C ALA C 115 6.57 -25.79 29.80
N PHE C 116 5.67 -26.64 29.33
CA PHE C 116 5.64 -27.06 27.93
C PHE C 116 4.42 -26.47 27.24
N VAL C 117 4.12 -25.20 27.51
CA VAL C 117 2.94 -24.54 26.95
C VAL C 117 2.86 -24.47 25.41
N PRO C 118 4.00 -24.37 24.70
CA PRO C 118 3.82 -24.38 23.25
C PRO C 118 3.20 -25.68 22.69
N TRP C 119 3.56 -26.81 23.29
CA TRP C 119 2.99 -28.07 22.85
C TRP C 119 1.50 -28.01 23.17
N THR C 120 1.19 -27.43 24.33
CA THR C 120 -0.19 -27.33 24.78
C THR C 120 -1.04 -26.50 23.82
N VAL C 121 -0.50 -25.38 23.31
CA VAL C 121 -1.27 -24.58 22.37
C VAL C 121 -1.45 -25.41 21.10
N GLN C 122 -0.42 -26.18 20.74
CA GLN C 122 -0.53 -27.03 19.56
C GLN C 122 -1.66 -28.07 19.69
N ALA C 123 -1.81 -28.65 20.88
CA ALA C 123 -2.89 -29.63 21.14
C ALA C 123 -4.28 -29.00 21.26
N LEU C 124 -4.29 -27.85 21.91
CA LEU C 124 -5.46 -27.10 22.34
C LEU C 124 -6.48 -26.78 21.25
N ARG C 125 -6.02 -26.58 20.03
CA ARG C 125 -6.86 -26.09 18.93
C ARG C 125 -8.12 -26.93 18.69
N VAL C 126 -7.95 -28.24 18.59
CA VAL C 126 -9.06 -29.13 18.33
C VAL C 126 -9.92 -29.38 19.57
N LEU C 127 -9.32 -29.26 20.74
CA LEU C 127 -10.06 -29.50 21.97
C LEU C 127 -10.60 -28.21 22.60
N SER C 128 -10.50 -27.11 21.87
CA SER C 128 -10.98 -25.83 22.37
C SER C 128 -12.49 -25.89 22.57
N GLU C 129 -13.16 -26.52 21.62
CA GLU C 129 -14.59 -26.75 21.71
C GLU C 129 -14.89 -27.78 22.79
N SER C 130 -13.99 -28.76 22.88
CA SER C 130 -14.09 -29.87 23.82
C SER C 130 -14.05 -29.44 25.28
N LEU C 131 -13.42 -28.29 25.54
CA LEU C 131 -13.25 -27.78 26.89
C LEU C 131 -14.64 -27.38 27.42
N PRO C 132 -14.77 -27.19 28.76
CA PRO C 132 -16.09 -26.82 29.29
C PRO C 132 -16.65 -25.58 28.62
N VAL C 133 -15.78 -24.65 28.24
CA VAL C 133 -16.23 -23.52 27.45
C VAL C 133 -16.12 -23.89 25.97
N SER C 134 -17.27 -24.10 25.36
CA SER C 134 -17.39 -24.46 23.96
C SER C 134 -16.91 -23.31 23.09
N GLY C 135 -16.49 -23.62 21.86
CA GLY C 135 -16.16 -22.58 20.92
C GLY C 135 -17.40 -21.74 20.65
N THR C 136 -18.56 -22.38 20.57
CA THR C 136 -19.83 -21.69 20.30
C THR C 136 -20.32 -20.72 21.39
N THR C 137 -20.24 -21.13 22.66
CA THR C 137 -20.64 -20.27 23.77
C THR C 137 -19.73 -19.07 23.75
N MET C 138 -18.48 -19.33 23.38
CA MET C 138 -17.46 -18.31 23.32
C MET C 138 -17.67 -17.37 22.13
N ASP C 139 -18.26 -17.89 21.06
CA ASP C 139 -18.67 -17.03 19.95
C ASP C 139 -19.83 -16.15 20.38
N ALA C 140 -20.66 -16.70 21.25
CA ALA C 140 -21.78 -15.95 21.81
C ALA C 140 -21.27 -14.81 22.66
N ILE C 141 -20.24 -15.08 23.49
CA ILE C 141 -19.68 -14.04 24.33
C ILE C 141 -19.00 -12.95 23.51
N ALA C 142 -18.18 -13.34 22.53
CA ALA C 142 -17.55 -12.38 21.62
C ALA C 142 -17.82 -12.69 20.16
N GLY C 143 -18.41 -11.73 19.46
CA GLY C 143 -18.81 -11.88 18.07
C GLY C 143 -17.69 -12.28 17.12
N VAL C 144 -16.51 -11.69 17.33
CA VAL C 144 -15.33 -11.98 16.51
C VAL C 144 -14.73 -13.37 16.78
N THR C 145 -14.13 -13.95 15.73
CA THR C 145 -13.50 -15.27 15.79
C THR C 145 -12.40 -15.37 16.83
N TYR C 146 -12.42 -16.46 17.61
CA TYR C 146 -11.51 -16.65 18.73
C TYR C 146 -10.06 -17.09 18.46
N PRO C 147 -9.13 -16.48 19.22
CA PRO C 147 -7.68 -16.75 19.29
C PRO C 147 -7.38 -18.13 19.84
N ARG C 148 -6.66 -18.95 19.08
CA ARG C 148 -6.37 -20.31 19.49
C ARG C 148 -5.59 -20.27 20.81
N ALA C 149 -4.41 -19.70 20.72
CA ALA C 149 -3.40 -19.74 21.81
C ALA C 149 -3.81 -19.14 23.16
N MET C 150 -4.50 -18.02 23.13
CA MET C 150 -4.85 -17.32 24.35
C MET C 150 -5.90 -18.00 25.24
N MET C 151 -6.29 -19.23 24.92
CA MET C 151 -7.33 -19.89 25.70
C MET C 151 -6.85 -20.27 27.10
N HIS C 152 -5.97 -21.25 27.21
CA HIS C 152 -5.66 -21.82 28.52
C HIS C 152 -5.12 -20.80 29.51
N PRO C 153 -5.62 -20.84 30.75
CA PRO C 153 -5.16 -19.89 31.78
C PRO C 153 -3.67 -19.99 32.03
N SER C 154 -3.11 -21.20 31.90
CA SER C 154 -1.67 -21.38 32.03
C SER C 154 -0.89 -20.77 30.87
N PHE C 155 -1.57 -20.51 29.75
CA PHE C 155 -0.92 -19.95 28.57
C PHE C 155 -0.42 -18.55 28.86
N ALA C 156 -0.93 -17.94 29.92
CA ALA C 156 -0.72 -16.54 30.18
C ALA C 156 0.76 -16.20 30.40
N GLY C 157 1.53 -17.16 30.89
CA GLY C 157 2.92 -16.91 31.23
C GLY C 157 3.81 -16.34 30.12
N ILE C 158 3.62 -16.80 28.89
CA ILE C 158 4.44 -16.34 27.77
C ILE C 158 4.42 -14.82 27.52
N ILE C 159 3.22 -14.25 27.41
CA ILE C 159 3.08 -12.85 27.01
C ILE C 159 3.75 -11.92 28.01
N ASP C 160 4.39 -10.89 27.48
CA ASP C 160 5.05 -9.90 28.31
C ASP C 160 4.33 -8.56 28.26
N LEU C 161 3.96 -8.03 29.42
CA LEU C 161 3.32 -6.72 29.47
C LEU C 161 4.29 -5.59 29.13
N ASP C 162 5.58 -5.82 29.39
CA ASP C 162 6.60 -4.79 29.21
C ASP C 162 7.02 -4.52 27.76
N LEU C 163 6.44 -5.26 26.82
CA LEU C 163 6.74 -5.05 25.39
C LEU C 163 6.37 -3.63 24.95
N PRO C 164 7.13 -3.07 24.00
CA PRO C 164 6.83 -1.73 23.47
C PRO C 164 5.40 -1.64 22.93
N ASN C 165 4.74 -0.51 23.22
CA ASN C 165 3.35 -0.18 22.83
C ASN C 165 2.30 -0.84 23.73
N GLY C 166 2.76 -1.57 24.74
CA GLY C 166 1.91 -2.21 25.73
C GLY C 166 0.81 -3.14 25.23
N ALA C 167 1.05 -3.77 24.09
CA ALA C 167 0.05 -4.67 23.50
C ALA C 167 -0.24 -5.80 24.46
N GLY C 168 0.81 -6.26 25.13
CA GLY C 168 0.69 -7.37 26.07
C GLY C 168 -0.31 -7.06 27.15
N ALA C 169 -0.38 -5.78 27.55
CA ALA C 169 -1.31 -5.39 28.60
C ALA C 169 -2.72 -5.73 28.17
N THR C 170 -3.03 -5.39 26.93
CA THR C 170 -4.35 -5.65 26.38
C THR C 170 -4.63 -7.13 26.46
N ILE C 171 -3.63 -7.93 26.07
CA ILE C 171 -3.79 -9.37 26.04
C ILE C 171 -4.18 -9.86 27.42
N ALA C 172 -3.49 -9.33 28.44
CA ALA C 172 -3.74 -9.76 29.81
C ALA C 172 -5.20 -9.55 30.18
N ASP C 173 -5.74 -8.41 29.79
CA ASP C 173 -7.15 -8.14 30.03
C ASP C 173 -8.00 -9.06 29.15
N ALA C 174 -7.64 -9.10 27.86
CA ALA C 174 -8.41 -9.84 26.87
C ALA C 174 -8.47 -11.33 27.19
N HIS C 175 -7.33 -11.88 27.59
CA HIS C 175 -7.23 -13.28 27.96
C HIS C 175 -7.94 -13.53 29.28
N GLY C 176 -8.05 -12.49 30.10
CA GLY C 176 -8.66 -12.60 31.42
C GLY C 176 -10.08 -13.12 31.41
N LEU C 177 -10.86 -12.70 30.42
CA LEU C 177 -12.28 -13.04 30.39
C LEU C 177 -12.58 -14.53 30.26
N PHE C 178 -11.74 -15.25 29.52
CA PHE C 178 -11.94 -16.68 29.42
C PHE C 178 -11.86 -17.25 30.82
N MET C 179 -10.87 -16.75 31.56
CA MET C 179 -10.63 -17.25 32.89
C MET C 179 -11.90 -17.12 33.72
N ILE C 180 -12.58 -15.97 33.64
CA ILE C 180 -13.71 -15.78 34.53
C ILE C 180 -14.73 -16.87 34.21
N GLU C 181 -14.92 -17.14 32.92
CA GLU C 181 -15.93 -18.11 32.53
C GLU C 181 -15.47 -19.49 32.94
N PHE C 182 -14.17 -19.74 32.84
CA PHE C 182 -13.71 -21.05 33.22
C PHE C 182 -13.82 -21.15 34.73
N SER C 183 -13.57 -20.02 35.40
CA SER C 183 -13.69 -20.00 36.84
C SER C 183 -15.14 -20.29 37.12
N LYS C 184 -15.99 -19.66 36.32
CA LYS C 184 -17.42 -19.76 36.48
C LYS C 184 -17.85 -21.22 36.45
N THR C 185 -17.25 -22.02 35.57
CA THR C 185 -17.60 -23.42 35.54
C THR C 185 -17.06 -24.19 36.74
N ILE C 186 -15.79 -23.99 37.08
CA ILE C 186 -15.18 -24.76 38.16
C ILE C 186 -15.54 -24.22 39.56
N ASN C 187 -15.58 -22.90 39.70
CA ASN C 187 -16.07 -22.26 40.94
C ASN C 187 -17.41 -22.83 41.36
N PRO C 188 -17.51 -23.27 42.62
CA PRO C 188 -18.75 -23.89 43.11
C PRO C 188 -19.97 -22.96 43.11
N SER C 189 -19.82 -21.69 43.47
CA SER C 189 -20.96 -20.76 43.53
C SER C 189 -20.88 -19.66 42.47
N LEU C 190 -21.90 -19.57 41.63
CA LEU C 190 -21.91 -18.60 40.54
C LEU C 190 -23.03 -17.57 40.52
N ARG C 191 -24.11 -17.84 41.23
CA ARG C 191 -25.34 -17.10 40.96
C ARG C 191 -25.40 -15.61 41.14
N THR C 192 -24.67 -15.12 42.11
CA THR C 192 -24.77 -13.73 42.45
C THR C 192 -23.41 -13.10 42.25
N LYS C 193 -22.42 -13.93 41.91
CA LYS C 193 -21.07 -13.41 41.79
C LYS C 193 -20.89 -12.49 40.60
N GLN C 194 -19.96 -11.54 40.73
CA GLN C 194 -19.74 -10.57 39.68
C GLN C 194 -18.40 -10.83 39.00
N ALA C 195 -18.38 -10.71 37.69
CA ALA C 195 -17.19 -10.96 36.90
C ALA C 195 -16.07 -9.96 37.21
N ASN C 196 -16.46 -8.72 37.48
CA ASN C 196 -15.50 -7.64 37.72
C ASN C 196 -14.62 -7.84 38.96
N GLU C 197 -15.28 -8.08 40.07
CA GLU C 197 -14.65 -8.20 41.39
C GLU C 197 -13.85 -9.48 41.63
N VAL C 198 -14.32 -10.59 41.07
CA VAL C 198 -13.69 -11.90 41.18
C VAL C 198 -12.25 -11.91 40.63
N ALA C 199 -11.90 -10.87 39.90
CA ALA C 199 -10.61 -10.78 39.23
C ALA C 199 -9.45 -10.91 40.22
N ALA C 200 -9.67 -10.44 41.45
CA ALA C 200 -8.61 -10.43 42.47
C ALA C 200 -8.09 -11.84 42.75
N THR C 201 -8.98 -12.82 42.74
CA THR C 201 -8.54 -14.20 42.87
C THR C 201 -7.97 -14.50 41.48
N PHE C 202 -7.03 -15.43 41.39
CA PHE C 202 -6.27 -15.75 40.18
C PHE C 202 -5.51 -14.57 39.49
N GLU C 203 -5.75 -13.31 39.87
CA GLU C 203 -4.99 -12.22 39.21
C GLU C 203 -3.50 -12.28 39.53
N LYS C 204 -3.17 -12.57 40.79
CA LYS C 204 -1.79 -12.59 41.25
C LYS C 204 -0.95 -13.68 40.55
N PRO C 205 -1.48 -14.92 40.45
CA PRO C 205 -0.72 -15.90 39.66
C PRO C 205 -0.63 -15.51 38.19
N ASN C 206 -1.66 -14.86 37.67
CA ASN C 206 -1.64 -14.41 36.26
C ASN C 206 -0.51 -13.40 36.04
N MET C 207 -0.36 -12.43 36.93
CA MET C 207 0.70 -11.43 36.79
C MET C 207 2.05 -12.07 37.04
N ALA C 208 2.08 -13.04 37.95
CA ALA C 208 3.29 -13.79 38.25
C ALA C 208 3.72 -14.51 36.98
N ALA C 209 2.74 -14.98 36.23
CA ALA C 209 2.95 -15.61 34.94
C ALA C 209 3.51 -14.61 33.94
N MET C 210 3.01 -13.37 33.98
CA MET C 210 3.44 -12.37 33.00
C MET C 210 4.93 -12.11 33.03
N SER C 211 5.49 -12.12 34.25
CA SER C 211 6.91 -11.89 34.45
C SER C 211 7.63 -13.17 34.88
N GLY C 212 8.52 -13.66 34.00
CA GLY C 212 9.26 -14.87 34.30
C GLY C 212 10.67 -14.82 33.76
N ARG C 213 11.59 -15.41 34.51
CA ARG C 213 13.00 -15.39 34.13
C ARG C 213 13.29 -16.55 33.19
N PHE C 214 12.29 -17.41 33.02
CA PHE C 214 12.42 -18.65 32.26
C PHE C 214 12.62 -18.40 30.77
N PHE C 215 11.83 -17.47 30.22
CA PHE C 215 11.84 -17.17 28.80
C PHE C 215 12.29 -15.74 28.48
N THR C 216 13.22 -15.61 27.56
CA THR C 216 13.62 -14.29 27.09
C THR C 216 12.47 -13.76 26.21
N ARG C 217 12.46 -12.46 25.94
CA ARG C 217 11.38 -11.86 25.14
C ARG C 217 11.29 -12.45 23.73
N GLU C 218 12.43 -12.79 23.17
CA GLU C 218 12.50 -13.35 21.82
C GLU C 218 11.72 -14.66 21.74
N ASP C 219 11.81 -15.45 22.81
CA ASP C 219 11.12 -16.74 22.86
C ASP C 219 9.62 -16.58 22.84
N LYS C 220 9.12 -15.59 23.59
CA LYS C 220 7.69 -15.29 23.65
C LYS C 220 7.21 -14.78 22.30
N LYS C 221 8.09 -14.02 21.65
CA LYS C 221 7.79 -13.47 20.34
C LYS C 221 7.65 -14.62 19.36
N LYS C 222 8.53 -15.60 19.47
CA LYS C 222 8.50 -16.75 18.58
C LYS C 222 7.19 -17.53 18.67
N LEU C 223 6.74 -17.84 19.88
CA LEU C 223 5.42 -18.44 20.07
C LEU C 223 4.29 -17.60 19.45
N LEU C 224 4.20 -16.33 19.86
CA LEU C 224 3.10 -15.49 19.37
C LEU C 224 3.07 -15.30 17.84
N ILE C 225 4.22 -15.19 17.20
CA ILE C 225 4.21 -15.14 15.73
C ILE C 225 3.91 -16.54 15.17
N ALA C 226 4.34 -17.59 15.89
CA ALA C 226 4.15 -18.96 15.43
C ALA C 226 2.68 -19.33 15.31
N VAL C 227 1.86 -18.93 16.28
CA VAL C 227 0.42 -19.11 16.16
C VAL C 227 -0.05 -18.32 14.93
N GLY C 228 0.62 -17.20 14.66
CA GLY C 228 0.29 -16.39 13.49
C GLY C 228 -0.71 -15.30 13.77
N ILE C 229 -1.10 -15.20 15.04
CA ILE C 229 -2.06 -14.20 15.47
C ILE C 229 -1.48 -12.78 15.36
N ILE C 230 -0.16 -12.64 15.57
CA ILE C 230 0.50 -11.35 15.47
C ILE C 230 1.56 -11.35 14.38
N ASP C 231 1.54 -10.33 13.52
CA ASP C 231 2.52 -10.19 12.45
C ASP C 231 3.88 -9.70 12.96
N GLU C 232 4.87 -9.68 12.06
CA GLU C 232 6.21 -9.21 12.38
C GLU C 232 6.23 -7.70 12.65
N ASP C 233 5.28 -7.01 12.04
CA ASP C 233 5.07 -5.58 12.27
C ASP C 233 4.46 -5.33 13.66
N LEU C 234 4.21 -6.41 14.39
CA LEU C 234 3.61 -6.39 15.73
C LEU C 234 2.24 -5.71 15.79
N VAL C 235 1.41 -5.98 14.79
CA VAL C 235 0.06 -5.44 14.83
C VAL C 235 -0.83 -6.45 15.53
N LEU C 236 -1.60 -5.97 16.49
CA LEU C 236 -2.39 -6.86 17.32
C LEU C 236 -3.58 -7.38 16.54
N ALA C 237 -3.92 -8.65 16.76
CA ALA C 237 -5.06 -9.23 16.07
C ALA C 237 -6.31 -8.50 16.52
N SER C 238 -7.25 -8.34 15.60
CA SER C 238 -8.49 -7.65 15.92
C SER C 238 -9.25 -8.38 17.02
N ALA C 239 -9.14 -9.70 17.02
CA ALA C 239 -9.86 -10.55 17.97
C ALA C 239 -9.52 -10.25 19.43
N VAL C 240 -8.24 -10.07 19.73
CA VAL C 240 -7.81 -9.83 21.10
C VAL C 240 -8.36 -8.53 21.69
N VAL C 241 -8.16 -7.42 20.99
CA VAL C 241 -8.61 -6.12 21.46
C VAL C 241 -10.14 -6.00 21.42
N ARG C 242 -10.74 -6.49 20.34
CA ARG C 242 -12.20 -6.46 20.19
C ARG C 242 -12.88 -7.31 21.25
N SER C 243 -12.27 -8.44 21.61
CA SER C 243 -12.81 -9.24 22.70
C SER C 243 -12.60 -8.48 24.01
N ALA C 244 -11.48 -7.78 24.10
CA ALA C 244 -11.13 -7.01 25.29
C ALA C 244 -12.12 -5.87 25.59
N GLU C 245 -12.76 -5.33 24.57
CA GLU C 245 -13.71 -4.21 24.76
C GLU C 245 -14.83 -4.57 25.73
N LYS C 246 -15.30 -5.82 25.71
CA LYS C 246 -16.38 -6.24 26.60
C LYS C 246 -15.96 -6.08 28.05
N TYR C 247 -14.74 -6.51 28.36
CA TYR C 247 -14.22 -6.41 29.71
C TYR C 247 -13.96 -4.96 30.08
N ARG C 248 -13.37 -4.22 29.14
CA ARG C 248 -13.02 -2.82 29.39
C ARG C 248 -14.27 -2.00 29.70
N ALA C 249 -15.34 -2.27 28.98
CA ALA C 249 -16.62 -1.62 29.21
C ALA C 249 -17.22 -2.07 30.55
N LYS C 250 -17.36 -3.38 30.71
CA LYS C 250 -17.96 -3.98 31.90
C LYS C 250 -17.07 -3.89 33.14
N VAL C 251 -15.75 -3.81 32.94
CA VAL C 251 -14.78 -3.73 34.03
C VAL C 251 -14.90 -4.92 34.98
N LEU D 11 -4.19 28.53 8.64
CA LEU D 11 -4.17 29.04 7.27
C LEU D 11 -3.80 27.94 6.27
N ALA D 12 -3.05 26.95 6.72
CA ALA D 12 -2.62 25.89 5.80
C ALA D 12 -3.79 25.04 5.32
N PHE D 13 -4.80 24.84 6.17
CA PHE D 13 -5.99 24.09 5.77
C PHE D 13 -6.78 24.76 4.63
N LEU D 14 -6.85 26.09 4.64
CA LEU D 14 -7.34 26.89 3.50
C LEU D 14 -7.13 26.13 2.20
N ASP D 15 -5.87 25.83 1.97
CA ASP D 15 -5.40 25.18 0.76
C ASP D 15 -5.92 23.77 0.62
N GLU D 16 -6.28 23.11 1.71
CA GLU D 16 -6.68 21.69 1.62
C GLU D 16 -7.98 21.47 0.85
N SER D 17 -7.92 20.49 -0.04
CA SER D 17 -9.00 20.05 -0.92
C SER D 17 -10.15 19.34 -0.29
N ALA D 18 -11.34 19.93 -0.35
CA ALA D 18 -12.50 19.24 0.18
C ALA D 18 -13.31 18.84 -1.04
N ASP D 19 -13.61 17.55 -1.15
CA ASP D 19 -14.34 17.04 -2.31
C ASP D 19 -15.63 16.36 -1.89
N SER D 20 -16.73 16.74 -2.54
CA SER D 20 -18.04 16.19 -2.26
C SER D 20 -18.09 14.68 -2.52
N GLY D 21 -17.73 14.29 -3.73
CA GLY D 21 -17.84 12.91 -4.17
C GLY D 21 -17.05 11.92 -3.32
N THR D 22 -15.88 12.33 -2.86
CA THR D 22 -15.02 11.42 -2.10
C THR D 22 -15.44 11.23 -0.65
N ILE D 23 -15.91 12.30 -0.02
CA ILE D 23 -16.41 12.17 1.33
C ILE D 23 -17.71 11.38 1.27
N ASN D 24 -18.50 11.61 0.22
CA ASN D 24 -19.77 10.91 0.04
C ASN D 24 -19.61 9.41 -0.24
N ALA D 25 -18.63 9.04 -1.04
CA ALA D 25 -18.35 7.65 -1.37
C ALA D 25 -17.89 6.89 -0.12
N TRP D 26 -17.03 7.54 0.65
CA TRP D 26 -16.48 7.02 1.90
C TRP D 26 -17.54 6.76 2.97
N VAL D 27 -18.70 7.39 2.84
CA VAL D 27 -19.73 7.31 3.88
C VAL D 27 -20.32 5.91 4.03
N ASN D 28 -20.21 5.07 3.01
CA ASN D 28 -20.84 3.75 3.08
C ASN D 28 -20.14 2.85 4.07
N GLU D 29 -18.82 2.86 4.07
CA GLU D 29 -18.07 2.11 5.05
C GLU D 29 -18.20 2.76 6.43
N PHE D 30 -18.34 4.08 6.46
CA PHE D 30 -18.59 4.77 7.72
C PHE D 30 -20.05 4.66 8.17
N ALA D 31 -20.95 4.40 7.22
CA ALA D 31 -22.38 4.23 7.51
C ALA D 31 -22.72 2.96 8.26
N TYR D 32 -23.72 3.04 9.12
CA TYR D 32 -24.29 1.85 9.76
C TYR D 32 -24.54 0.68 8.82
N GLN D 33 -24.15 -0.50 9.28
CA GLN D 33 -24.44 -1.74 8.56
C GLN D 33 -24.83 -2.69 9.66
N GLY D 34 -26.08 -2.58 10.11
CA GLY D 34 -26.57 -3.35 11.24
C GLY D 34 -26.27 -4.81 11.04
N PHE D 35 -26.36 -5.26 9.79
CA PHE D 35 -26.11 -6.65 9.45
C PHE D 35 -25.55 -6.75 8.03
N ASP D 36 -24.74 -7.78 7.80
CA ASP D 36 -24.20 -8.06 6.47
C ASP D 36 -24.95 -9.24 5.85
N PRO D 37 -25.59 -9.01 4.71
CA PRO D 37 -26.33 -10.02 3.94
C PRO D 37 -25.50 -11.27 3.61
N LYS D 38 -24.29 -11.10 3.10
CA LYS D 38 -23.47 -12.24 2.68
C LYS D 38 -23.17 -13.17 3.85
N ARG D 39 -22.91 -12.58 5.01
CA ARG D 39 -22.68 -13.34 6.22
C ARG D 39 -23.91 -14.18 6.48
N ILE D 40 -25.07 -13.54 6.33
CA ILE D 40 -26.35 -14.19 6.55
C ILE D 40 -26.52 -15.38 5.61
N VAL D 41 -26.19 -15.22 4.33
CA VAL D 41 -26.30 -16.35 3.40
C VAL D 41 -25.36 -17.47 3.87
N GLN D 42 -24.19 -17.13 4.40
CA GLN D 42 -23.27 -18.18 4.88
C GLN D 42 -23.86 -18.96 6.05
N LEU D 43 -24.39 -18.23 7.04
CA LEU D 43 -24.93 -18.85 8.24
C LEU D 43 -26.21 -19.64 7.98
N VAL D 44 -27.13 -19.06 7.22
CA VAL D 44 -28.38 -19.73 6.85
C VAL D 44 -28.10 -20.96 6.00
N LYS D 45 -27.16 -20.85 5.06
CA LYS D 45 -26.79 -21.98 4.22
C LYS D 45 -26.19 -23.08 5.09
N GLU D 46 -25.37 -22.69 6.06
CA GLU D 46 -24.75 -23.64 6.97
C GLU D 46 -25.82 -24.37 7.79
N ARG D 47 -26.81 -23.62 8.26
CA ARG D 47 -27.91 -24.19 9.04
C ARG D 47 -28.73 -25.18 8.21
N GLY D 48 -29.08 -24.76 6.99
CA GLY D 48 -29.86 -25.59 6.09
C GLY D 48 -29.13 -26.85 5.66
N THR D 49 -27.84 -26.75 5.42
CA THR D 49 -27.02 -27.91 5.09
C THR D 49 -26.93 -28.85 6.28
N ALA D 50 -26.67 -28.29 7.45
CA ALA D 50 -26.55 -29.08 8.67
C ALA D 50 -27.85 -29.77 9.03
N LYS D 51 -28.96 -29.05 8.94
CA LYS D 51 -30.25 -29.67 9.17
C LYS D 51 -30.62 -30.48 7.93
N GLY D 52 -31.34 -31.58 8.09
CA GLY D 52 -31.72 -32.35 6.93
C GLY D 52 -33.06 -31.91 6.37
N ARG D 53 -33.16 -30.62 5.99
CA ARG D 53 -34.40 -30.07 5.45
C ARG D 53 -34.18 -28.96 4.41
N ASP D 54 -35.22 -28.70 3.63
CA ASP D 54 -35.16 -27.77 2.49
C ASP D 54 -35.33 -26.29 2.82
N TRP D 55 -34.41 -25.48 2.25
CA TRP D 55 -34.33 -24.04 2.50
C TRP D 55 -35.58 -23.25 2.11
N LYS D 56 -36.19 -23.57 0.98
CA LYS D 56 -37.32 -22.80 0.44
C LYS D 56 -38.48 -22.71 1.43
N LYS D 57 -38.84 -23.82 2.05
CA LYS D 57 -39.92 -23.82 3.02
C LYS D 57 -39.57 -22.93 4.21
N ASP D 58 -38.30 -23.03 4.64
CA ASP D 58 -37.83 -22.24 5.75
C ASP D 58 -37.99 -20.76 5.46
N VAL D 59 -37.42 -20.34 4.32
CA VAL D 59 -37.40 -18.92 3.93
C VAL D 59 -38.80 -18.37 3.77
N LYS D 60 -39.65 -19.13 3.08
CA LYS D 60 -41.03 -18.74 2.87
C LYS D 60 -41.68 -18.52 4.24
N MET D 61 -41.39 -19.43 5.17
CA MET D 61 -41.91 -19.32 6.51
C MET D 61 -41.45 -18.02 7.21
N MET D 62 -40.15 -17.70 7.14
CA MET D 62 -39.72 -16.46 7.80
C MET D 62 -40.34 -15.22 7.19
N ILE D 63 -40.45 -15.16 5.87
CA ILE D 63 -41.09 -13.99 5.25
C ILE D 63 -42.56 -13.85 5.65
N VAL D 64 -43.33 -14.94 5.52
CA VAL D 64 -44.74 -14.92 5.88
C VAL D 64 -44.91 -14.52 7.33
N LEU D 65 -44.11 -15.12 8.21
CA LEU D 65 -44.13 -14.79 9.63
C LEU D 65 -43.72 -13.32 9.85
N ASN D 66 -42.72 -12.87 9.10
CA ASN D 66 -42.22 -11.51 9.25
C ASN D 66 -43.35 -10.54 9.01
N LEU D 67 -44.19 -10.85 8.04
CA LEU D 67 -45.29 -9.94 7.74
C LEU D 67 -46.25 -9.77 8.92
N VAL D 68 -46.92 -10.85 9.31
CA VAL D 68 -47.99 -10.76 10.31
C VAL D 68 -47.49 -11.06 11.73
N ARG D 69 -46.51 -11.95 11.83
CA ARG D 69 -46.06 -12.41 13.14
C ARG D 69 -45.09 -11.46 13.83
N GLY D 70 -44.34 -10.68 13.04
CA GLY D 70 -43.41 -9.72 13.58
C GLY D 70 -42.07 -10.38 13.83
N ASN D 71 -41.08 -9.59 14.24
CA ASN D 71 -39.73 -10.07 14.44
C ASN D 71 -39.52 -10.93 15.69
N LYS D 72 -40.25 -10.60 16.76
CA LYS D 72 -40.13 -11.32 18.04
C LYS D 72 -41.09 -12.51 18.18
N PRO D 73 -40.55 -13.70 18.48
CA PRO D 73 -41.39 -14.88 18.66
C PRO D 73 -41.75 -15.21 20.12
N GLU D 74 -41.30 -14.42 21.08
CA GLU D 74 -41.48 -14.74 22.50
C GLU D 74 -42.92 -14.67 23.03
N ALA D 75 -43.68 -13.69 22.54
CA ALA D 75 -45.06 -13.48 22.98
C ALA D 75 -46.03 -14.01 21.97
N MET D 76 -45.55 -14.00 20.73
CA MET D 76 -46.34 -14.26 19.55
C MET D 76 -46.55 -15.76 19.21
N MET D 77 -46.21 -16.64 20.16
CA MET D 77 -46.32 -18.08 19.93
C MET D 77 -47.38 -18.72 20.81
N LYS D 78 -48.13 -17.85 21.45
CA LYS D 78 -49.26 -18.23 22.26
C LYS D 78 -50.43 -18.00 21.34
N LYS D 79 -50.48 -16.79 20.79
CA LYS D 79 -51.44 -16.46 19.75
C LYS D 79 -51.04 -17.10 18.41
N MET D 80 -50.87 -18.42 18.38
CA MET D 80 -50.56 -19.10 17.13
C MET D 80 -50.92 -20.58 17.27
N SER D 81 -51.01 -21.32 16.16
CA SER D 81 -51.38 -22.72 16.20
C SER D 81 -50.23 -23.62 16.63
N GLU D 82 -50.54 -24.64 17.41
CA GLU D 82 -49.51 -25.51 17.99
C GLU D 82 -48.72 -26.23 16.90
N LYS D 83 -49.45 -26.84 15.96
CA LYS D 83 -48.83 -27.56 14.85
C LYS D 83 -48.06 -26.61 13.94
N GLY D 84 -48.62 -25.43 13.73
CA GLY D 84 -47.95 -24.38 12.97
C GLY D 84 -46.72 -23.91 13.69
N ALA D 85 -46.81 -23.81 15.02
CA ALA D 85 -45.71 -23.32 15.84
C ALA D 85 -44.57 -24.33 15.92
N SER D 86 -44.88 -25.62 15.73
CA SER D 86 -43.86 -26.66 15.80
C SER D 86 -42.76 -26.43 14.77
N ILE D 87 -43.18 -26.09 13.55
CA ILE D 87 -42.24 -25.85 12.47
C ILE D 87 -41.34 -24.66 12.80
N VAL D 88 -41.94 -23.64 13.39
CA VAL D 88 -41.20 -22.44 13.73
C VAL D 88 -40.21 -22.78 14.85
N ALA D 89 -40.62 -23.63 15.80
CA ALA D 89 -39.73 -24.04 16.90
C ALA D 89 -38.50 -24.72 16.34
N ASN D 90 -38.72 -25.64 15.40
CA ASN D 90 -37.63 -26.31 14.72
C ASN D 90 -36.74 -25.25 14.07
N LEU D 91 -37.41 -24.28 13.43
CA LEU D 91 -36.72 -23.20 12.74
C LEU D 91 -35.82 -22.44 13.72
N ILE D 92 -36.34 -22.11 14.90
CA ILE D 92 -35.55 -21.37 15.88
C ILE D 92 -34.36 -22.21 16.29
N SER D 93 -34.56 -23.52 16.45
CA SER D 93 -33.45 -24.37 16.87
C SER D 93 -32.32 -24.38 15.84
N VAL D 94 -32.66 -24.64 14.58
CA VAL D 94 -31.62 -24.67 13.54
C VAL D 94 -30.99 -23.29 13.25
N TYR D 95 -31.84 -22.26 13.14
CA TYR D 95 -31.42 -20.90 12.83
C TYR D 95 -30.88 -20.09 14.00
N GLN D 96 -31.32 -20.45 15.21
CA GLN D 96 -30.98 -19.71 16.43
C GLN D 96 -31.45 -18.26 16.34
N LEU D 97 -32.66 -18.07 15.81
CA LEU D 97 -33.25 -16.74 15.71
C LEU D 97 -33.51 -16.14 17.08
N LYS D 98 -33.25 -14.85 17.24
CA LYS D 98 -33.50 -14.16 18.50
C LYS D 98 -34.31 -12.88 18.31
N GLU D 99 -35.21 -12.62 19.26
CA GLU D 99 -36.07 -11.43 19.22
C GLU D 99 -35.22 -10.16 19.32
N GLY D 100 -35.61 -9.13 18.60
CA GLY D 100 -34.82 -7.90 18.56
C GLY D 100 -33.56 -8.15 17.76
N ASN D 101 -32.47 -7.45 18.11
CA ASN D 101 -31.19 -7.64 17.42
C ASN D 101 -30.08 -7.97 18.43
N PRO D 102 -29.75 -9.27 18.57
CA PRO D 102 -28.68 -9.81 19.42
C PRO D 102 -27.25 -9.61 18.85
N GLY D 103 -27.07 -9.80 17.56
CA GLY D 103 -25.77 -9.71 16.93
C GLY D 103 -25.92 -9.41 15.45
N ARG D 104 -24.87 -8.88 14.80
CA ARG D 104 -24.96 -8.65 13.35
C ARG D 104 -25.08 -9.98 12.63
N ASP D 105 -24.30 -10.96 13.06
CA ASP D 105 -24.36 -12.30 12.48
C ASP D 105 -25.66 -13.00 12.83
N THR D 106 -26.15 -12.77 14.04
CA THR D 106 -27.41 -13.35 14.48
C THR D 106 -28.57 -12.87 13.62
N ILE D 107 -29.47 -13.80 13.31
CA ILE D 107 -30.61 -13.52 12.44
C ILE D 107 -31.95 -13.30 13.14
N THR D 108 -32.67 -12.29 12.67
CA THR D 108 -34.08 -12.07 13.02
C THR D 108 -34.83 -12.21 11.70
N LEU D 109 -36.13 -12.50 11.76
CA LEU D 109 -36.92 -12.69 10.54
C LEU D 109 -36.77 -11.53 9.55
N SER D 110 -36.56 -10.33 10.09
CA SER D 110 -36.38 -9.16 9.25
C SER D 110 -35.10 -9.25 8.43
N ARG D 111 -34.10 -9.97 8.95
CA ARG D 111 -32.88 -10.21 8.18
C ARG D 111 -33.15 -11.17 7.04
N VAL D 112 -34.01 -12.17 7.28
CA VAL D 112 -34.39 -13.10 6.23
C VAL D 112 -35.15 -12.38 5.13
N SER D 113 -36.09 -11.54 5.52
CA SER D 113 -36.86 -10.75 4.56
C SER D 113 -35.95 -9.80 3.78
N ALA D 114 -35.05 -9.12 4.48
CA ALA D 114 -34.17 -8.15 3.82
C ALA D 114 -33.17 -8.82 2.88
N ALA D 115 -32.51 -9.86 3.36
CA ALA D 115 -31.50 -10.58 2.58
C ALA D 115 -32.14 -11.35 1.41
N PHE D 116 -33.33 -11.89 1.65
CA PHE D 116 -34.03 -12.64 0.61
C PHE D 116 -35.23 -11.84 0.14
N VAL D 117 -35.02 -10.54 -0.04
CA VAL D 117 -36.06 -9.62 -0.50
C VAL D 117 -36.67 -9.91 -1.89
N PRO D 118 -35.89 -10.47 -2.85
CA PRO D 118 -36.58 -10.73 -4.13
C PRO D 118 -37.75 -11.71 -4.01
N TRP D 119 -37.60 -12.72 -3.16
CA TRP D 119 -38.65 -13.70 -2.91
C TRP D 119 -39.86 -13.07 -2.25
N THR D 120 -39.61 -12.12 -1.37
CA THR D 120 -40.66 -11.45 -0.60
C THR D 120 -41.72 -10.76 -1.45
N VAL D 121 -41.34 -10.22 -2.60
CA VAL D 121 -42.27 -9.46 -3.43
C VAL D 121 -43.50 -10.28 -3.84
N GLN D 122 -43.30 -11.54 -4.22
CA GLN D 122 -44.42 -12.38 -4.61
C GLN D 122 -45.37 -12.69 -3.46
N ALA D 123 -44.81 -13.01 -2.29
CA ALA D 123 -45.62 -13.34 -1.12
C ALA D 123 -46.33 -12.14 -0.49
N LEU D 124 -45.61 -11.03 -0.37
CA LEU D 124 -46.10 -9.84 0.32
C LEU D 124 -47.37 -9.33 -0.34
N ARG D 125 -47.40 -9.44 -1.67
CA ARG D 125 -48.53 -8.93 -2.43
C ARG D 125 -49.84 -9.57 -2.01
N VAL D 126 -49.86 -10.90 -2.00
CA VAL D 126 -51.11 -11.60 -1.72
C VAL D 126 -51.48 -11.56 -0.23
N LEU D 127 -50.47 -11.44 0.63
CA LEU D 127 -50.72 -11.36 2.06
C LEU D 127 -50.73 -9.91 2.55
N SER D 128 -50.77 -8.95 1.63
CA SER D 128 -50.73 -7.54 1.98
C SER D 128 -51.93 -7.08 2.80
N GLU D 129 -53.11 -7.57 2.46
CA GLU D 129 -54.32 -7.26 3.20
C GLU D 129 -54.28 -7.87 4.59
N SER D 130 -53.64 -9.03 4.69
CA SER D 130 -53.53 -9.77 5.94
C SER D 130 -52.78 -8.99 7.03
N LEU D 131 -51.94 -8.05 6.62
CA LEU D 131 -51.14 -7.30 7.59
C LEU D 131 -51.97 -6.38 8.46
N PRO D 132 -51.39 -5.92 9.59
CA PRO D 132 -52.10 -5.02 10.50
C PRO D 132 -52.57 -3.77 9.77
N VAL D 133 -51.76 -3.35 8.81
CA VAL D 133 -52.12 -2.22 7.97
C VAL D 133 -52.88 -2.74 6.75
N SER D 134 -54.16 -2.41 6.67
CA SER D 134 -55.06 -2.85 5.60
C SER D 134 -54.69 -2.37 4.20
N GLY D 135 -55.11 -3.12 3.19
CA GLY D 135 -54.98 -2.64 1.82
C GLY D 135 -55.90 -1.42 1.69
N THR D 136 -57.06 -1.53 2.34
CA THR D 136 -58.08 -0.49 2.32
C THR D 136 -57.60 0.83 2.92
N THR D 137 -56.86 0.77 4.02
CA THR D 137 -56.33 1.99 4.62
C THR D 137 -55.36 2.64 3.65
N MET D 138 -54.60 1.83 2.91
CA MET D 138 -53.64 2.36 1.95
C MET D 138 -54.29 2.95 0.72
N ASP D 139 -55.47 2.44 0.36
CA ASP D 139 -56.29 3.12 -0.64
C ASP D 139 -56.93 4.41 -0.11
N ALA D 140 -57.22 4.43 1.19
CA ALA D 140 -57.73 5.63 1.83
C ALA D 140 -56.67 6.75 1.86
N ILE D 141 -55.45 6.37 2.21
CA ILE D 141 -54.32 7.30 2.25
C ILE D 141 -53.97 7.80 0.86
N ALA D 142 -53.94 6.87 -0.10
CA ALA D 142 -53.66 7.23 -1.49
C ALA D 142 -54.82 6.80 -2.39
N GLY D 143 -55.41 7.77 -3.08
CA GLY D 143 -56.59 7.55 -3.91
C GLY D 143 -56.36 6.47 -4.96
N VAL D 144 -55.18 6.50 -5.57
CA VAL D 144 -54.78 5.49 -6.53
C VAL D 144 -54.46 4.19 -5.80
N THR D 145 -54.63 3.05 -6.47
CA THR D 145 -54.33 1.76 -5.86
C THR D 145 -52.88 1.73 -5.41
N TYR D 146 -52.64 1.37 -4.16
CA TYR D 146 -51.29 1.37 -3.62
C TYR D 146 -50.56 0.10 -4.07
N PRO D 147 -49.26 0.25 -4.42
CA PRO D 147 -48.42 -0.88 -4.84
C PRO D 147 -48.21 -1.91 -3.74
N ARG D 148 -48.69 -3.12 -3.97
CA ARG D 148 -48.62 -4.19 -2.98
C ARG D 148 -47.21 -4.61 -2.57
N ALA D 149 -46.31 -4.72 -3.54
CA ALA D 149 -44.94 -5.12 -3.24
C ALA D 149 -44.26 -4.04 -2.41
N MET D 150 -44.50 -2.78 -2.79
CA MET D 150 -43.85 -1.65 -2.15
C MET D 150 -44.37 -1.36 -0.73
N MET D 151 -45.34 -2.15 -0.27
CA MET D 151 -45.87 -1.93 1.07
C MET D 151 -44.85 -2.39 2.09
N HIS D 152 -44.29 -3.57 1.86
CA HIS D 152 -43.43 -4.23 2.83
C HIS D 152 -42.27 -3.31 3.23
N PRO D 153 -42.05 -3.15 4.54
CA PRO D 153 -40.98 -2.29 5.06
C PRO D 153 -39.59 -2.71 4.61
N SER D 154 -39.40 -4.01 4.40
CA SER D 154 -38.13 -4.55 3.91
C SER D 154 -37.81 -4.14 2.47
N PHE D 155 -38.81 -3.64 1.74
CA PHE D 155 -38.65 -3.28 0.33
C PHE D 155 -37.63 -2.17 0.14
N ALA D 156 -37.33 -1.43 1.22
CA ALA D 156 -36.55 -0.21 1.15
C ALA D 156 -35.11 -0.43 0.67
N GLY D 157 -34.55 -1.60 0.97
CA GLY D 157 -33.17 -1.88 0.59
C GLY D 157 -32.96 -1.85 -0.92
N ILE D 158 -33.94 -2.35 -1.64
CA ILE D 158 -33.90 -2.45 -3.10
C ILE D 158 -33.67 -1.13 -3.83
N ILE D 159 -34.39 -0.09 -3.42
CA ILE D 159 -34.39 1.18 -4.15
C ILE D 159 -33.00 1.81 -4.24
N ASP D 160 -32.75 2.45 -5.38
CA ASP D 160 -31.47 3.12 -5.59
C ASP D 160 -31.67 4.64 -5.57
N LEU D 161 -30.90 5.30 -4.71
CA LEU D 161 -30.89 6.77 -4.62
C LEU D 161 -30.23 7.40 -5.84
N ASP D 162 -29.34 6.63 -6.46
CA ASP D 162 -28.52 7.13 -7.56
C ASP D 162 -29.29 7.31 -8.87
N LEU D 163 -30.59 7.01 -8.87
CA LEU D 163 -31.40 7.17 -10.07
C LEU D 163 -31.38 8.61 -10.58
N PRO D 164 -31.40 8.78 -11.92
CA PRO D 164 -31.43 10.12 -12.53
C PRO D 164 -32.63 10.90 -12.02
N ASN D 165 -32.43 12.20 -11.73
CA ASN D 165 -33.47 13.09 -11.25
C ASN D 165 -33.76 12.86 -9.78
N GLY D 166 -32.95 12.01 -9.14
CA GLY D 166 -33.13 11.69 -7.74
C GLY D 166 -34.45 11.02 -7.45
N ALA D 167 -34.91 10.18 -8.38
CA ALA D 167 -36.19 9.50 -8.26
C ALA D 167 -36.22 8.62 -7.01
N GLY D 168 -35.06 8.05 -6.68
CA GLY D 168 -34.95 7.18 -5.53
C GLY D 168 -35.40 7.85 -4.26
N ALA D 169 -35.15 9.14 -4.15
CA ALA D 169 -35.59 9.93 -3.01
C ALA D 169 -37.12 9.91 -2.92
N THR D 170 -37.76 10.14 -4.06
CA THR D 170 -39.23 10.15 -4.15
C THR D 170 -39.78 8.80 -3.73
N ILE D 171 -39.19 7.74 -4.26
CA ILE D 171 -39.61 6.38 -3.94
C ILE D 171 -39.49 6.16 -2.44
N ALA D 172 -38.37 6.62 -1.89
CA ALA D 172 -38.05 6.51 -0.47
C ALA D 172 -39.09 7.20 0.40
N ASP D 173 -39.53 8.38 -0.01
CA ASP D 173 -40.56 9.12 0.72
C ASP D 173 -41.89 8.38 0.66
N ALA D 174 -42.25 7.96 -0.55
CA ALA D 174 -43.52 7.28 -0.79
C ALA D 174 -43.63 6.03 0.07
N HIS D 175 -42.55 5.26 0.14
CA HIS D 175 -42.52 4.07 0.98
C HIS D 175 -42.45 4.52 2.43
N GLY D 176 -41.85 5.69 2.63
CA GLY D 176 -41.63 6.25 3.96
C GLY D 176 -42.93 6.46 4.70
N LEU D 177 -43.97 6.90 3.98
CA LEU D 177 -45.24 7.13 4.65
C LEU D 177 -45.83 5.81 5.14
N PHE D 178 -45.59 4.74 4.38
CA PHE D 178 -46.01 3.43 4.82
C PHE D 178 -45.23 3.11 6.08
N MET D 179 -43.93 3.43 6.05
CA MET D 179 -43.04 3.10 7.16
C MET D 179 -43.64 3.69 8.44
N ILE D 180 -44.02 4.97 8.36
CA ILE D 180 -44.57 5.66 9.51
C ILE D 180 -45.87 5.00 9.94
N GLU D 181 -46.68 4.57 8.97
CA GLU D 181 -47.97 3.96 9.32
C GLU D 181 -47.79 2.59 9.99
N PHE D 182 -46.80 1.83 9.55
CA PHE D 182 -46.54 0.52 10.12
C PHE D 182 -45.91 0.65 11.50
N SER D 183 -45.15 1.73 11.69
CA SER D 183 -44.59 2.03 12.99
C SER D 183 -45.75 2.33 13.93
N LYS D 184 -46.70 3.10 13.41
CA LYS D 184 -47.91 3.47 14.13
C LYS D 184 -48.75 2.26 14.53
N THR D 185 -48.84 1.28 13.63
CA THR D 185 -49.59 0.07 13.93
C THR D 185 -48.87 -0.79 14.97
N ILE D 186 -47.55 -0.92 14.84
CA ILE D 186 -46.81 -1.77 15.77
C ILE D 186 -46.67 -1.10 17.14
N ASN D 187 -46.36 0.19 17.14
CA ASN D 187 -46.36 0.98 18.37
C ASN D 187 -47.58 1.90 18.48
N PRO D 188 -48.41 1.70 19.52
CA PRO D 188 -49.63 2.49 19.74
C PRO D 188 -49.38 3.96 20.08
N SER D 189 -48.33 4.23 20.84
CA SER D 189 -48.06 5.59 21.31
C SER D 189 -47.22 6.43 20.35
N LEU D 190 -46.84 5.84 19.22
CA LEU D 190 -46.03 6.56 18.25
C LEU D 190 -47.00 7.07 17.19
N ARG D 191 -48.16 6.44 17.16
CA ARG D 191 -49.21 6.72 16.19
C ARG D 191 -49.81 8.11 16.35
N THR D 192 -49.81 8.62 17.57
CA THR D 192 -50.49 9.88 17.88
C THR D 192 -49.56 11.08 17.74
N LYS D 193 -48.26 10.81 17.72
CA LYS D 193 -47.27 11.87 17.56
C LYS D 193 -47.27 12.26 16.09
N GLN D 194 -46.76 13.44 15.78
CA GLN D 194 -46.81 13.91 14.40
C GLN D 194 -45.79 13.12 13.59
N ALA D 195 -46.15 12.84 12.33
CA ALA D 195 -45.32 12.01 11.47
C ALA D 195 -43.92 12.55 11.33
N ASN D 196 -43.78 13.87 11.39
CA ASN D 196 -42.48 14.51 11.29
C ASN D 196 -41.53 14.09 12.41
N GLU D 197 -42.01 14.17 13.65
CA GLU D 197 -41.18 13.84 14.81
C GLU D 197 -40.88 12.35 14.88
N VAL D 198 -41.88 11.54 14.56
CA VAL D 198 -41.74 10.08 14.54
C VAL D 198 -40.74 9.64 13.45
N ALA D 199 -40.72 10.40 12.35
CA ALA D 199 -39.97 10.03 11.15
C ALA D 199 -38.46 9.92 11.34
N ALA D 200 -37.90 10.75 12.20
CA ALA D 200 -36.44 10.83 12.37
C ALA D 200 -35.83 9.49 12.78
N THR D 201 -36.55 8.72 13.58
CA THR D 201 -36.08 7.42 14.03
C THR D 201 -36.15 6.33 12.97
N PHE D 202 -37.10 6.44 12.04
CA PHE D 202 -37.29 5.36 11.06
C PHE D 202 -36.61 5.69 9.72
N GLU D 203 -36.28 6.96 9.53
CA GLU D 203 -35.63 7.43 8.33
C GLU D 203 -34.19 6.89 8.22
N LYS D 204 -33.49 6.88 9.36
CA LYS D 204 -32.09 6.45 9.42
C LYS D 204 -31.85 4.96 9.09
N PRO D 205 -32.64 4.04 9.67
CA PRO D 205 -32.44 2.64 9.25
C PRO D 205 -32.81 2.41 7.79
N ASN D 206 -33.85 3.10 7.33
CA ASN D 206 -34.26 2.99 5.93
C ASN D 206 -33.15 3.47 5.02
N MET D 207 -32.51 4.57 5.40
CA MET D 207 -31.42 5.14 4.60
C MET D 207 -30.16 4.28 4.63
N ALA D 208 -29.86 3.70 5.80
CA ALA D 208 -28.72 2.79 5.94
C ALA D 208 -28.90 1.52 5.11
N ALA D 209 -30.11 0.97 5.16
CA ALA D 209 -30.46 -0.22 4.41
C ALA D 209 -30.46 0.05 2.91
N MET D 210 -30.99 1.21 2.53
CA MET D 210 -31.15 1.58 1.13
C MET D 210 -29.82 1.63 0.39
N SER D 211 -28.76 2.01 1.08
CA SER D 211 -27.44 2.08 0.47
C SER D 211 -26.54 0.93 0.89
N GLY D 212 -26.24 0.06 -0.06
CA GLY D 212 -25.37 -1.09 0.18
C GLY D 212 -24.55 -1.41 -1.06
N ARG D 213 -23.30 -1.83 -0.84
CA ARG D 213 -22.41 -2.15 -1.95
C ARG D 213 -22.57 -3.59 -2.42
N PHE D 214 -23.35 -4.36 -1.67
CA PHE D 214 -23.53 -5.78 -1.94
C PHE D 214 -24.23 -6.01 -3.27
N PHE D 215 -25.23 -5.19 -3.57
CA PHE D 215 -26.05 -5.40 -4.75
C PHE D 215 -25.80 -4.28 -5.75
N THR D 216 -25.48 -4.68 -6.98
CA THR D 216 -25.29 -3.72 -8.06
C THR D 216 -26.64 -3.18 -8.52
N ARG D 217 -26.62 -2.09 -9.28
CA ARG D 217 -27.84 -1.47 -9.78
C ARG D 217 -28.64 -2.44 -10.64
N GLU D 218 -27.93 -3.31 -11.34
CA GLU D 218 -28.54 -4.29 -12.23
C GLU D 218 -29.47 -5.24 -11.49
N ASP D 219 -29.09 -5.66 -10.29
CA ASP D 219 -29.91 -6.58 -9.51
C ASP D 219 -31.24 -5.94 -9.11
N LYS D 220 -31.14 -4.71 -8.65
CA LYS D 220 -32.31 -3.94 -8.22
C LYS D 220 -33.22 -3.60 -9.39
N LYS D 221 -32.63 -3.28 -10.53
CA LYS D 221 -33.38 -2.97 -11.73
C LYS D 221 -34.07 -4.21 -12.27
N LYS D 222 -33.39 -5.36 -12.21
CA LYS D 222 -33.97 -6.62 -12.64
C LYS D 222 -35.20 -6.88 -11.77
N LEU D 223 -35.05 -6.65 -10.46
CA LEU D 223 -36.18 -6.70 -9.53
C LEU D 223 -37.31 -5.78 -9.99
N LEU D 224 -36.99 -4.51 -10.21
CA LEU D 224 -37.97 -3.48 -10.55
C LEU D 224 -38.72 -3.74 -11.85
N ILE D 225 -38.03 -4.30 -12.84
CA ILE D 225 -38.68 -4.68 -14.08
C ILE D 225 -39.54 -5.92 -13.84
N ALA D 226 -39.06 -6.80 -12.96
CA ALA D 226 -39.79 -8.02 -12.65
C ALA D 226 -41.13 -7.76 -11.97
N VAL D 227 -41.16 -6.85 -11.00
CA VAL D 227 -42.43 -6.45 -10.38
C VAL D 227 -43.33 -5.82 -11.44
N GLY D 228 -42.72 -5.11 -12.39
CA GLY D 228 -43.47 -4.49 -13.46
C GLY D 228 -43.92 -3.06 -13.20
N ILE D 229 -43.56 -2.53 -12.03
CA ILE D 229 -43.93 -1.17 -11.67
C ILE D 229 -43.25 -0.12 -12.56
N ILE D 230 -42.02 -0.38 -12.96
CA ILE D 230 -41.29 0.53 -13.84
C ILE D 230 -40.89 -0.16 -15.15
N ASP D 231 -41.11 0.52 -16.27
CA ASP D 231 -40.74 -0.03 -17.57
C ASP D 231 -39.23 0.00 -17.72
N GLU D 232 -38.72 -0.61 -18.80
CA GLU D 232 -37.29 -0.65 -19.02
C GLU D 232 -36.71 0.73 -19.30
N ASP D 233 -37.55 1.64 -19.83
CA ASP D 233 -37.17 3.04 -19.98
C ASP D 233 -37.17 3.82 -18.66
N LEU D 234 -36.95 3.10 -17.56
CA LEU D 234 -36.92 3.68 -16.21
C LEU D 234 -38.03 4.72 -15.91
N VAL D 235 -39.26 4.47 -16.35
CA VAL D 235 -40.36 5.37 -16.02
C VAL D 235 -41.13 4.88 -14.79
N LEU D 236 -41.31 5.77 -13.82
CA LEU D 236 -41.93 5.42 -12.55
C LEU D 236 -43.46 5.35 -12.62
N ALA D 237 -44.02 4.40 -11.88
CA ALA D 237 -45.46 4.19 -11.81
C ALA D 237 -46.20 5.38 -11.19
N SER D 238 -47.42 5.62 -11.67
CA SER D 238 -48.27 6.72 -11.19
C SER D 238 -48.57 6.58 -9.70
N ALA D 239 -48.65 5.33 -9.24
CA ALA D 239 -48.94 5.04 -7.84
C ALA D 239 -47.88 5.66 -6.93
N VAL D 240 -46.62 5.58 -7.36
CA VAL D 240 -45.53 6.12 -6.57
C VAL D 240 -45.66 7.62 -6.37
N VAL D 241 -45.87 8.36 -7.45
CA VAL D 241 -46.00 9.82 -7.35
C VAL D 241 -47.27 10.26 -6.62
N ARG D 242 -48.39 9.63 -6.94
CA ARG D 242 -49.65 10.01 -6.30
C ARG D 242 -49.64 9.72 -4.80
N SER D 243 -49.05 8.59 -4.40
CA SER D 243 -48.90 8.28 -2.99
C SER D 243 -47.88 9.20 -2.34
N ALA D 244 -46.83 9.53 -3.09
CA ALA D 244 -45.75 10.40 -2.62
C ALA D 244 -46.25 11.80 -2.34
N GLU D 245 -47.31 12.21 -3.02
CA GLU D 245 -47.83 13.56 -2.85
C GLU D 245 -48.23 13.84 -1.39
N LYS D 246 -48.85 12.86 -0.74
CA LYS D 246 -49.24 13.00 0.66
C LYS D 246 -48.05 13.17 1.60
N TYR D 247 -47.03 12.34 1.41
CA TYR D 247 -45.84 12.36 2.26
C TYR D 247 -45.04 13.64 2.04
N ARG D 248 -44.86 14.00 0.78
CA ARG D 248 -44.11 15.20 0.40
C ARG D 248 -44.82 16.45 0.89
N ALA D 249 -46.15 16.44 0.81
CA ALA D 249 -46.97 17.56 1.28
C ALA D 249 -46.92 17.74 2.79
N LYS D 250 -47.27 16.69 3.52
CA LYS D 250 -47.35 16.79 4.98
C LYS D 250 -45.97 16.91 5.65
N VAL D 251 -44.95 16.33 5.03
CA VAL D 251 -43.58 16.37 5.56
C VAL D 251 -43.50 15.84 6.99
N ALA E 25 -10.10 26.61 -8.82
CA ALA E 25 -9.30 27.17 -7.73
C ALA E 25 -8.86 26.09 -6.76
N TRP E 26 -9.22 24.85 -7.05
CA TRP E 26 -8.77 23.80 -6.17
C TRP E 26 -7.24 23.76 -6.22
N VAL E 27 -6.66 23.85 -7.42
CA VAL E 27 -5.23 23.64 -7.62
C VAL E 27 -4.37 24.86 -7.21
N ASN E 28 -4.07 24.98 -5.90
CA ASN E 28 -2.97 25.81 -5.40
C ASN E 28 -2.08 24.83 -4.61
N GLU E 29 -2.76 24.06 -3.75
CA GLU E 29 -2.85 22.58 -3.75
C GLU E 29 -1.75 21.69 -4.33
N PHE E 30 -2.22 20.78 -5.19
CA PHE E 30 -1.40 19.87 -5.99
C PHE E 30 -0.86 20.59 -7.22
N ALA E 31 -1.02 21.91 -7.18
CA ALA E 31 -0.57 22.81 -8.23
C ALA E 31 0.93 22.86 -8.44
N TYR E 32 1.36 23.04 -9.69
CA TYR E 32 2.75 23.32 -10.04
C TYR E 32 3.18 24.54 -9.23
N GLN E 33 3.95 24.30 -8.18
CA GLN E 33 4.37 25.33 -7.25
C GLN E 33 5.85 25.22 -6.94
N GLY E 34 6.68 25.81 -7.81
CA GLY E 34 8.12 25.70 -7.70
C GLY E 34 8.67 26.07 -6.32
N PHE E 35 8.02 27.01 -5.66
CA PHE E 35 8.50 27.52 -4.37
C PHE E 35 7.39 27.97 -3.42
N ASP E 36 7.63 27.83 -2.12
CA ASP E 36 6.70 28.30 -1.09
C ASP E 36 7.24 29.57 -0.44
N PRO E 37 6.49 30.67 -0.58
CA PRO E 37 6.79 31.98 0.02
C PRO E 37 6.97 31.94 1.54
N LYS E 38 6.04 31.30 2.24
CA LYS E 38 6.03 31.27 3.70
C LYS E 38 7.29 30.61 4.25
N ARG E 39 7.72 29.54 3.58
CA ARG E 39 8.94 28.85 3.97
C ARG E 39 10.10 29.83 3.87
N ILE E 40 10.15 30.56 2.76
CA ILE E 40 11.21 31.53 2.51
C ILE E 40 11.26 32.65 3.54
N VAL E 41 10.12 33.26 3.85
CA VAL E 41 10.09 34.31 4.87
C VAL E 41 10.48 33.75 6.24
N GLN E 42 10.04 32.54 6.55
CA GLN E 42 10.34 31.92 7.85
C GLN E 42 11.85 31.66 7.99
N LEU E 43 12.43 31.07 6.95
CA LEU E 43 13.86 30.73 6.94
C LEU E 43 14.72 31.98 6.96
N VAL E 44 14.32 32.98 6.17
CA VAL E 44 14.99 34.26 6.13
C VAL E 44 14.94 34.89 7.52
N LYS E 45 13.80 34.73 8.17
CA LYS E 45 13.61 35.22 9.52
C LYS E 45 14.58 34.52 10.47
N GLU E 46 14.77 33.21 10.28
CA GLU E 46 15.70 32.46 11.11
C GLU E 46 17.13 32.98 10.93
N ARG E 47 17.51 33.20 9.68
CA ARG E 47 18.85 33.71 9.37
C ARG E 47 19.08 35.10 9.95
N GLY E 48 18.13 36.00 9.73
CA GLY E 48 18.23 37.37 10.23
C GLY E 48 18.22 37.47 11.75
N THR E 49 17.37 36.67 12.39
CA THR E 49 17.30 36.61 13.84
C THR E 49 18.58 36.06 14.43
N ALA E 50 19.12 35.00 13.81
CA ALA E 50 20.34 34.39 14.34
C ALA E 50 21.51 35.37 14.29
N LYS E 51 21.68 36.06 13.17
CA LYS E 51 22.74 37.07 13.08
C LYS E 51 22.35 38.36 13.80
N GLY E 52 23.35 39.07 14.30
CA GLY E 52 23.13 40.34 14.97
C GLY E 52 23.10 41.48 13.97
N ARG E 53 22.16 41.42 13.05
CA ARG E 53 21.99 42.46 12.03
C ARG E 53 20.54 42.57 11.63
N ASP E 54 20.16 43.72 11.06
CA ASP E 54 18.77 43.94 10.69
C ASP E 54 18.50 43.34 9.31
N TRP E 55 17.49 42.47 9.26
CA TRP E 55 17.15 41.72 8.05
C TRP E 55 16.66 42.58 6.87
N LYS E 56 15.83 43.58 7.16
CA LYS E 56 15.16 44.38 6.13
C LYS E 56 16.10 45.06 5.13
N LYS E 57 17.17 45.67 5.62
CA LYS E 57 18.11 46.35 4.73
C LYS E 57 18.77 45.35 3.79
N ASP E 58 19.17 44.21 4.36
CA ASP E 58 19.79 43.13 3.61
C ASP E 58 18.86 42.63 2.51
N VAL E 59 17.61 42.34 2.86
CA VAL E 59 16.61 41.87 1.91
C VAL E 59 16.37 42.88 0.78
N LYS E 60 16.17 44.13 1.18
CA LYS E 60 15.91 45.22 0.24
C LYS E 60 17.04 45.29 -0.78
N MET E 61 18.27 45.20 -0.28
CA MET E 61 19.44 45.16 -1.15
C MET E 61 19.42 43.92 -2.04
N MET E 62 19.02 42.80 -1.44
CA MET E 62 19.00 41.48 -2.09
C MET E 62 18.15 41.48 -3.34
N ILE E 63 17.03 42.20 -3.31
CA ILE E 63 16.21 42.30 -4.51
C ILE E 63 17.03 42.91 -5.66
N VAL E 64 17.70 44.03 -5.36
CA VAL E 64 18.54 44.72 -6.33
C VAL E 64 19.66 43.82 -6.87
N LEU E 65 20.33 43.09 -5.96
CA LEU E 65 21.38 42.17 -6.39
C LEU E 65 20.81 41.08 -7.30
N ASN E 66 19.62 40.58 -6.99
CA ASN E 66 19.03 39.56 -7.84
C ASN E 66 18.78 40.12 -9.23
N LEU E 67 18.29 41.36 -9.25
CA LEU E 67 17.93 42.03 -10.50
C LEU E 67 19.13 42.23 -11.40
N VAL E 68 20.22 42.77 -10.85
CA VAL E 68 21.37 43.12 -11.69
C VAL E 68 22.40 42.01 -11.85
N ARG E 69 22.65 41.24 -10.80
CA ARG E 69 23.66 40.18 -10.84
C ARG E 69 23.13 38.85 -11.36
N GLY E 70 21.82 38.66 -11.30
CA GLY E 70 21.21 37.42 -11.76
C GLY E 70 21.10 36.41 -10.64
N ASN E 71 20.52 35.25 -10.93
CA ASN E 71 20.26 34.26 -9.89
C ASN E 71 21.52 33.55 -9.37
N LYS E 72 22.46 33.26 -10.26
CA LYS E 72 23.72 32.60 -9.86
C LYS E 72 24.86 33.58 -9.57
N PRO E 73 25.44 33.51 -8.36
CA PRO E 73 26.58 34.33 -7.95
C PRO E 73 27.94 33.64 -8.08
N GLU E 74 27.98 32.41 -8.59
CA GLU E 74 29.21 31.63 -8.60
C GLU E 74 30.30 32.29 -9.45
N ALA E 75 29.89 32.96 -10.52
CA ALA E 75 30.82 33.68 -11.38
C ALA E 75 30.78 35.15 -11.00
N MET E 76 29.60 35.59 -10.56
CA MET E 76 29.35 36.99 -10.19
C MET E 76 29.96 37.41 -8.86
N MET E 77 30.83 36.59 -8.27
CA MET E 77 31.45 36.96 -7.00
C MET E 77 32.93 37.21 -7.21
N LYS E 78 33.33 37.02 -8.46
CA LYS E 78 34.66 37.37 -8.93
C LYS E 78 34.45 38.66 -9.67
N LYS E 79 33.52 38.64 -10.62
CA LYS E 79 33.10 39.84 -11.32
C LYS E 79 32.33 40.84 -10.46
N MET E 80 32.88 41.23 -9.31
CA MET E 80 32.24 42.27 -8.49
C MET E 80 33.29 42.83 -7.51
N SER E 81 32.97 43.91 -6.80
CA SER E 81 33.94 44.58 -5.92
C SER E 81 34.19 43.78 -4.64
N GLU E 82 35.42 43.78 -4.16
CA GLU E 82 35.82 42.95 -3.01
C GLU E 82 35.08 43.32 -1.73
N LYS E 83 35.11 44.61 -1.40
CA LYS E 83 34.43 45.14 -0.23
C LYS E 83 32.95 44.89 -0.48
N GLY E 84 32.59 45.02 -1.75
CA GLY E 84 31.26 44.69 -2.23
C GLY E 84 30.98 43.20 -2.16
N ALA E 85 31.97 42.36 -2.46
CA ALA E 85 31.76 40.91 -2.50
C ALA E 85 31.52 40.30 -1.12
N SER E 86 32.07 40.96 -0.10
CA SER E 86 31.90 40.48 1.26
C SER E 86 30.42 40.38 1.62
N ILE E 87 29.65 41.37 1.20
CA ILE E 87 28.23 41.44 1.56
C ILE E 87 27.51 40.23 0.99
N VAL E 88 27.86 39.86 -0.25
CA VAL E 88 27.23 38.72 -0.91
C VAL E 88 27.60 37.41 -0.25
N ALA E 89 28.89 37.26 0.06
CA ALA E 89 29.34 36.01 0.66
C ALA E 89 28.66 35.79 2.01
N ASN E 90 28.73 36.81 2.86
CA ASN E 90 28.11 36.74 4.18
C ASN E 90 26.59 36.55 4.14
N LEU E 91 25.93 37.38 3.33
CA LEU E 91 24.47 37.34 3.23
C LEU E 91 23.99 36.00 2.70
N ILE E 92 24.57 35.56 1.59
CA ILE E 92 24.17 34.30 0.98
C ILE E 92 24.43 33.15 1.94
N SER E 93 25.57 33.18 2.63
CA SER E 93 25.90 32.12 3.56
C SER E 93 24.88 32.04 4.70
N VAL E 94 24.56 33.18 5.28
CA VAL E 94 23.60 33.24 6.38
C VAL E 94 22.19 32.83 5.94
N TYR E 95 21.77 33.31 4.77
CA TYR E 95 20.45 33.01 4.23
C TYR E 95 20.40 31.60 3.68
N GLN E 96 21.56 31.09 3.30
CA GLN E 96 21.72 29.78 2.66
C GLN E 96 20.93 29.71 1.37
N LEU E 97 20.92 30.82 0.64
CA LEU E 97 20.32 30.90 -0.67
C LEU E 97 21.07 30.03 -1.66
N LYS E 98 20.38 29.39 -2.59
CA LYS E 98 21.07 28.59 -3.60
C LYS E 98 20.70 29.05 -5.00
N GLU E 99 21.70 29.03 -5.87
CA GLU E 99 21.54 29.51 -7.24
C GLU E 99 20.56 28.68 -8.05
N GLY E 100 19.76 29.38 -8.85
CA GLY E 100 18.72 28.76 -9.64
C GLY E 100 17.63 28.23 -8.74
N ASN E 101 16.96 27.16 -9.17
CA ASN E 101 15.96 26.53 -8.32
C ASN E 101 16.25 25.03 -8.18
N PRO E 102 17.01 24.67 -7.14
CA PRO E 102 17.23 23.25 -6.80
C PRO E 102 16.05 22.59 -6.08
N GLY E 103 15.40 23.33 -5.19
CA GLY E 103 14.33 22.79 -4.36
C GLY E 103 13.34 23.84 -3.88
N ARG E 104 12.15 23.39 -3.47
CA ARG E 104 11.13 24.28 -2.90
C ARG E 104 11.57 24.89 -1.57
N ASP E 105 12.20 24.06 -0.73
CA ASP E 105 12.68 24.49 0.58
C ASP E 105 13.76 25.54 0.39
N THR E 106 14.47 25.42 -0.73
CA THR E 106 15.48 26.40 -1.09
C THR E 106 14.92 27.80 -1.32
N ILE E 107 15.69 28.78 -0.85
CA ILE E 107 15.40 30.17 -1.04
C ILE E 107 16.28 30.62 -2.20
N THR E 108 15.69 31.29 -3.18
CA THR E 108 16.46 31.92 -4.26
C THR E 108 16.21 33.42 -4.24
N LEU E 109 17.18 34.18 -4.75
CA LEU E 109 17.10 35.63 -4.79
C LEU E 109 15.81 36.11 -5.47
N SER E 110 15.32 35.35 -6.44
CA SER E 110 14.09 35.69 -7.13
C SER E 110 12.88 35.55 -6.19
N ARG E 111 12.99 34.64 -5.24
CA ARG E 111 11.97 34.52 -4.19
C ARG E 111 12.02 35.71 -3.24
N VAL E 112 13.23 36.20 -2.99
CA VAL E 112 13.42 37.40 -2.19
C VAL E 112 12.78 38.60 -2.86
N SER E 113 13.02 38.73 -4.16
CA SER E 113 12.42 39.79 -4.96
C SER E 113 10.89 39.67 -4.98
N ALA E 114 10.39 38.45 -5.15
CA ALA E 114 8.96 38.19 -5.24
C ALA E 114 8.23 38.50 -3.94
N ALA E 115 8.78 38.03 -2.82
CA ALA E 115 8.17 38.23 -1.51
C ALA E 115 8.15 39.70 -1.15
N PHE E 116 9.20 40.42 -1.54
CA PHE E 116 9.28 41.84 -1.25
C PHE E 116 9.12 42.67 -2.52
N VAL E 117 8.21 42.24 -3.38
CA VAL E 117 7.95 42.91 -4.65
C VAL E 117 7.48 44.39 -4.56
N PRO E 118 6.70 44.74 -3.51
CA PRO E 118 6.31 46.16 -3.45
C PRO E 118 7.49 47.14 -3.35
N TRP E 119 8.53 46.78 -2.61
CA TRP E 119 9.73 47.61 -2.57
C TRP E 119 10.41 47.62 -3.94
N THR E 120 10.43 46.43 -4.55
CA THR E 120 11.06 46.24 -5.84
C THR E 120 10.46 47.11 -6.92
N VAL E 121 9.14 47.31 -6.94
CA VAL E 121 8.56 48.14 -8.00
C VAL E 121 9.09 49.58 -7.86
N GLN E 122 9.17 50.05 -6.62
CA GLN E 122 9.62 51.41 -6.32
C GLN E 122 11.07 51.59 -6.76
N ALA E 123 11.91 50.60 -6.49
CA ALA E 123 13.30 50.69 -6.94
C ALA E 123 13.40 50.56 -8.46
N LEU E 124 12.61 49.62 -9.01
CA LEU E 124 12.66 49.25 -10.42
C LEU E 124 12.33 50.42 -11.30
N ARG E 125 11.43 51.28 -10.83
CA ARG E 125 10.98 52.42 -11.63
C ARG E 125 12.20 53.25 -12.02
N VAL E 126 13.03 53.53 -11.02
CA VAL E 126 14.23 54.34 -11.22
C VAL E 126 15.39 53.54 -11.84
N LEU E 127 15.42 52.23 -11.58
CA LEU E 127 16.49 51.40 -12.10
C LEU E 127 16.15 50.68 -13.41
N SER E 128 15.03 51.05 -14.02
CA SER E 128 14.61 50.38 -15.25
C SER E 128 15.60 50.62 -16.39
N GLU E 129 16.10 51.84 -16.51
CA GLU E 129 17.12 52.13 -17.49
C GLU E 129 18.42 51.44 -17.09
N SER E 130 18.66 51.40 -15.79
CA SER E 130 19.85 50.79 -15.22
C SER E 130 19.91 49.28 -15.45
N LEU E 131 18.75 48.65 -15.60
CA LEU E 131 18.67 47.21 -15.76
C LEU E 131 19.21 46.79 -17.13
N PRO E 132 19.45 45.48 -17.31
CA PRO E 132 20.01 44.98 -18.57
C PRO E 132 19.14 45.40 -19.75
N VAL E 133 17.83 45.40 -19.53
CA VAL E 133 16.90 45.94 -20.51
C VAL E 133 16.65 47.41 -20.16
N SER E 134 17.12 48.33 -21.00
CA SER E 134 16.93 49.74 -20.74
C SER E 134 15.43 50.06 -20.76
N GLY E 135 15.03 51.06 -19.99
CA GLY E 135 13.66 51.53 -20.04
C GLY E 135 13.34 52.11 -21.41
N THR E 136 14.33 52.82 -21.95
CA THR E 136 14.21 53.51 -23.24
C THR E 136 13.87 52.56 -24.39
N THR E 137 14.40 51.34 -24.34
CA THR E 137 14.13 50.37 -25.40
C THR E 137 12.65 50.04 -25.52
N MET E 138 12.00 49.80 -24.39
CA MET E 138 10.56 49.52 -24.40
C MET E 138 9.78 50.83 -24.54
N ASP E 139 10.40 51.96 -24.23
CA ASP E 139 9.76 53.24 -24.58
C ASP E 139 9.63 53.36 -26.09
N ALA E 140 10.64 52.88 -26.81
CA ALA E 140 10.55 52.83 -28.27
C ALA E 140 9.54 51.76 -28.70
N ILE E 141 9.63 50.62 -28.04
CA ILE E 141 8.78 49.46 -28.30
C ILE E 141 7.31 49.70 -27.97
N ALA E 142 7.02 50.38 -26.87
CA ALA E 142 5.64 50.67 -26.53
C ALA E 142 5.39 52.16 -26.55
N GLY E 143 4.46 52.58 -27.41
CA GLY E 143 4.20 53.99 -27.64
C GLY E 143 3.81 54.76 -26.40
N VAL E 144 2.90 54.19 -25.61
CA VAL E 144 2.55 54.78 -24.33
C VAL E 144 3.70 54.48 -23.38
N THR E 145 3.93 55.37 -22.41
CA THR E 145 5.03 55.16 -21.48
C THR E 145 4.85 53.84 -20.74
N TYR E 146 5.89 53.00 -20.78
CA TYR E 146 5.83 51.71 -20.13
C TYR E 146 6.07 51.86 -18.63
N PRO E 147 5.30 51.15 -17.80
CA PRO E 147 5.59 51.25 -16.37
C PRO E 147 6.94 50.62 -16.05
N ARG E 148 7.87 51.47 -15.63
CA ARG E 148 9.22 51.05 -15.29
C ARG E 148 9.21 50.11 -14.09
N ALA E 149 8.35 50.42 -13.12
CA ALA E 149 8.24 49.68 -11.87
C ALA E 149 7.81 48.23 -12.03
N MET E 150 6.83 48.01 -12.91
CA MET E 150 6.27 46.68 -13.14
C MET E 150 7.21 45.74 -13.89
N MET E 151 8.47 46.10 -14.02
CA MET E 151 9.35 45.37 -14.94
C MET E 151 9.64 43.92 -14.56
N HIS E 152 10.11 43.68 -13.35
CA HIS E 152 10.59 42.36 -12.98
C HIS E 152 9.47 41.32 -13.12
N PRO E 153 9.79 40.12 -13.66
CA PRO E 153 8.81 39.04 -13.77
C PRO E 153 8.19 38.72 -12.41
N SER E 154 8.91 39.09 -11.35
CA SER E 154 8.47 38.92 -9.97
C SER E 154 7.06 39.42 -9.76
N PHE E 155 6.70 40.43 -10.55
CA PHE E 155 5.45 41.16 -10.45
C PHE E 155 4.24 40.26 -10.73
N ALA E 156 4.49 39.11 -11.34
CA ALA E 156 3.42 38.25 -11.84
C ALA E 156 2.53 37.73 -10.71
N GLY E 157 3.10 37.58 -9.52
CA GLY E 157 2.38 37.04 -8.37
C GLY E 157 1.14 37.80 -7.90
N ILE E 158 1.22 39.12 -7.90
CA ILE E 158 0.14 39.97 -7.41
C ILE E 158 -1.23 39.78 -8.09
N ILE E 159 -1.25 39.79 -9.43
CA ILE E 159 -2.48 39.79 -10.23
C ILE E 159 -3.40 38.58 -10.07
N ASP E 160 -4.70 38.85 -10.09
CA ASP E 160 -5.73 37.83 -10.04
C ASP E 160 -6.41 37.77 -11.40
N LEU E 161 -6.49 36.58 -11.97
CA LEU E 161 -7.20 36.35 -13.23
C LEU E 161 -8.71 36.49 -13.02
N ASP E 162 -9.14 36.29 -11.78
CA ASP E 162 -10.56 36.27 -11.43
C ASP E 162 -11.25 37.64 -11.35
N LEU E 163 -10.51 38.72 -11.61
CA LEU E 163 -11.12 40.06 -11.62
C LEU E 163 -12.25 40.11 -12.66
N PRO E 164 -13.31 40.90 -12.39
CA PRO E 164 -14.50 41.00 -13.24
C PRO E 164 -14.21 41.32 -14.70
N ASN E 165 -14.97 40.67 -15.59
CA ASN E 165 -14.86 40.82 -17.05
C ASN E 165 -13.69 39.99 -17.57
N GLY E 166 -13.12 39.16 -16.70
CA GLY E 166 -11.96 38.36 -17.03
C GLY E 166 -10.80 39.29 -17.30
N ALA E 167 -10.77 40.38 -16.54
CA ALA E 167 -9.77 41.42 -16.65
C ALA E 167 -8.34 40.96 -16.40
N GLY E 168 -8.15 39.97 -15.52
CA GLY E 168 -6.79 39.55 -15.19
C GLY E 168 -5.97 39.15 -16.40
N ALA E 169 -6.63 38.50 -17.35
CA ALA E 169 -5.94 38.03 -18.54
C ALA E 169 -5.19 39.22 -19.15
N THR E 170 -5.81 40.40 -19.13
CA THR E 170 -5.19 41.58 -19.73
C THR E 170 -3.81 41.92 -19.17
N ILE E 171 -3.70 41.97 -17.85
CA ILE E 171 -2.39 42.27 -17.24
C ILE E 171 -1.36 41.22 -17.64
N ALA E 172 -1.81 39.98 -17.74
CA ALA E 172 -0.94 38.90 -18.14
C ALA E 172 -0.38 39.25 -19.51
N ASP E 173 -1.22 39.80 -20.38
CA ASP E 173 -0.79 40.21 -21.71
C ASP E 173 0.16 41.41 -21.72
N ALA E 174 -0.25 42.50 -21.07
CA ALA E 174 0.53 43.75 -21.13
C ALA E 174 1.95 43.56 -20.63
N HIS E 175 2.07 42.89 -19.49
CA HIS E 175 3.37 42.59 -18.92
C HIS E 175 4.04 41.41 -19.61
N GLY E 176 3.23 40.51 -20.15
CA GLY E 176 3.76 39.24 -20.63
C GLY E 176 4.85 39.29 -21.67
N LEU E 177 4.73 40.19 -22.62
CA LEU E 177 5.72 40.27 -23.68
C LEU E 177 7.07 40.68 -23.12
N PHE E 178 7.05 41.51 -22.08
CA PHE E 178 8.32 41.92 -21.49
C PHE E 178 9.00 40.68 -20.94
N MET E 179 8.22 39.82 -20.29
CA MET E 179 8.79 38.61 -19.70
C MET E 179 9.50 37.87 -20.81
N ILE E 180 8.81 37.73 -21.94
CA ILE E 180 9.33 36.98 -23.07
C ILE E 180 10.63 37.62 -23.55
N GLU E 181 10.63 38.95 -23.57
CA GLU E 181 11.77 39.70 -24.06
C GLU E 181 12.94 39.49 -23.13
N PHE E 182 12.65 39.33 -21.85
CA PHE E 182 13.72 39.16 -20.89
C PHE E 182 14.43 37.83 -21.13
N SER E 183 13.70 36.85 -21.69
CA SER E 183 14.32 35.58 -22.02
C SER E 183 15.41 35.83 -23.03
N LYS E 184 15.07 36.71 -23.98
CA LYS E 184 15.96 37.08 -25.07
C LYS E 184 17.23 37.66 -24.47
N THR E 185 17.08 38.47 -23.42
CA THR E 185 18.23 39.02 -22.73
C THR E 185 18.95 37.96 -21.91
N ILE E 186 18.19 37.10 -21.22
CA ILE E 186 18.83 36.12 -20.35
C ILE E 186 19.44 35.00 -21.19
N ASN E 187 18.74 34.56 -22.23
CA ASN E 187 19.33 33.62 -23.19
C ASN E 187 19.75 34.34 -24.46
N PRO E 188 21.06 34.35 -24.75
CA PRO E 188 21.63 35.07 -25.91
C PRO E 188 21.25 34.53 -27.29
N SER E 189 21.21 33.21 -27.46
CA SER E 189 20.93 32.63 -28.77
C SER E 189 19.43 32.46 -28.96
N LEU E 190 18.67 33.24 -28.20
CA LEU E 190 17.22 33.21 -28.26
C LEU E 190 16.76 34.40 -29.09
N ARG E 191 17.64 35.38 -29.27
CA ARG E 191 17.25 36.63 -29.91
C ARG E 191 16.78 36.41 -31.36
N THR E 192 17.26 35.36 -32.01
CA THR E 192 16.94 35.15 -33.42
C THR E 192 15.66 34.29 -33.50
N LYS E 193 15.31 33.67 -32.38
CA LYS E 193 14.15 32.81 -32.31
C LYS E 193 12.86 33.63 -32.28
N GLN E 194 11.75 33.01 -32.67
CA GLN E 194 10.48 33.71 -32.77
C GLN E 194 9.87 33.92 -31.40
N ALA E 195 9.21 35.07 -31.24
CA ALA E 195 8.62 35.47 -29.98
C ALA E 195 7.56 34.48 -29.48
N ASN E 196 6.89 33.79 -30.40
CA ASN E 196 5.88 32.80 -30.01
C ASN E 196 6.45 31.69 -29.14
N GLU E 197 7.57 31.12 -29.57
CA GLU E 197 8.15 29.99 -28.86
C GLU E 197 8.67 30.39 -27.48
N VAL E 198 9.26 31.59 -27.39
CA VAL E 198 9.69 32.07 -26.10
C VAL E 198 8.46 32.29 -25.24
N ALA E 199 7.38 32.72 -25.89
CA ALA E 199 6.14 33.06 -25.20
C ALA E 199 5.46 31.86 -24.56
N ALA E 200 5.48 30.74 -25.28
CA ALA E 200 4.77 29.52 -24.89
C ALA E 200 5.27 28.85 -23.61
N THR E 201 6.58 28.89 -23.40
CA THR E 201 7.20 28.25 -22.25
C THR E 201 7.08 28.93 -20.87
N PHE E 202 7.52 30.19 -20.76
CA PHE E 202 7.59 30.86 -19.45
C PHE E 202 6.34 30.83 -18.54
N GLU E 203 5.17 30.42 -19.04
CA GLU E 203 3.97 30.44 -18.19
C GLU E 203 4.03 29.51 -16.99
N LYS E 204 4.58 28.31 -17.15
CA LYS E 204 4.59 27.34 -16.05
C LYS E 204 5.36 27.85 -14.81
N PRO E 205 6.57 28.40 -14.99
CA PRO E 205 7.17 29.02 -13.80
C PRO E 205 6.36 30.25 -13.37
N ASN E 206 5.88 30.99 -14.36
CA ASN E 206 5.04 32.16 -14.13
C ASN E 206 3.72 31.80 -13.46
N MET E 207 3.16 30.64 -13.83
CA MET E 207 1.86 30.22 -13.34
C MET E 207 1.85 30.02 -11.84
N ALA E 208 2.97 29.56 -11.29
CA ALA E 208 3.10 29.43 -9.86
C ALA E 208 3.00 30.80 -9.18
N ALA E 209 3.60 31.83 -9.77
CA ALA E 209 3.51 33.17 -9.21
C ALA E 209 2.11 33.76 -9.34
N MET E 210 1.54 33.73 -10.54
CA MET E 210 0.23 34.34 -10.77
C MET E 210 -0.82 33.61 -9.94
N SER E 211 -0.54 32.36 -9.61
CA SER E 211 -1.47 31.59 -8.84
C SER E 211 -1.05 31.55 -7.35
N GLY E 212 -1.81 32.21 -6.48
CA GLY E 212 -1.41 32.16 -5.09
C GLY E 212 -2.53 32.21 -4.06
N ARG E 213 -2.41 31.33 -3.08
CA ARG E 213 -3.34 31.22 -1.96
C ARG E 213 -2.81 32.05 -0.80
N PHE E 214 -1.56 32.49 -0.93
CA PHE E 214 -0.88 33.18 0.17
C PHE E 214 -1.50 34.53 0.53
N PHE E 215 -1.81 35.32 -0.49
CA PHE E 215 -2.32 36.68 -0.29
C PHE E 215 -3.74 36.84 -0.82
N THR E 216 -4.61 37.41 0.02
CA THR E 216 -6.00 37.66 -0.38
C THR E 216 -6.09 38.78 -1.42
N ARG E 217 -7.24 38.86 -2.08
CA ARG E 217 -7.47 39.87 -3.12
C ARG E 217 -7.39 41.31 -2.63
N GLU E 218 -7.83 41.55 -1.40
CA GLU E 218 -7.83 42.89 -0.83
C GLU E 218 -6.42 43.45 -0.74
N ASP E 219 -5.49 42.56 -0.37
CA ASP E 219 -4.09 42.93 -0.22
C ASP E 219 -3.58 43.37 -1.57
N LYS E 220 -4.01 42.63 -2.58
CA LYS E 220 -3.63 42.92 -3.94
C LYS E 220 -4.19 44.27 -4.37
N LYS E 221 -5.41 44.59 -3.95
CA LYS E 221 -6.01 45.87 -4.33
C LYS E 221 -5.27 47.04 -3.71
N LYS E 222 -4.92 46.91 -2.43
CA LYS E 222 -4.16 47.95 -1.74
C LYS E 222 -2.81 48.14 -2.43
N LEU E 223 -2.17 47.02 -2.76
CA LEU E 223 -0.94 47.02 -3.55
C LEU E 223 -1.09 47.78 -4.87
N LEU E 224 -2.09 47.40 -5.66
CA LEU E 224 -2.30 47.95 -6.99
C LEU E 224 -2.49 49.45 -6.91
N ILE E 225 -3.21 49.89 -5.89
CA ILE E 225 -3.41 51.31 -5.69
C ILE E 225 -2.13 52.01 -5.22
N ALA E 226 -1.35 51.31 -4.42
CA ALA E 226 -0.10 51.83 -3.89
C ALA E 226 0.88 52.13 -5.01
N VAL E 227 0.95 51.21 -5.98
CA VAL E 227 1.76 51.42 -7.17
C VAL E 227 1.28 52.67 -7.91
N GLY E 228 -0.03 52.89 -7.88
CA GLY E 228 -0.59 54.07 -8.50
C GLY E 228 -0.95 53.81 -9.94
N ILE E 229 -0.71 52.58 -10.40
CA ILE E 229 -1.04 52.22 -11.76
C ILE E 229 -2.54 52.27 -12.01
N ILE E 230 -3.32 51.78 -11.04
CA ILE E 230 -4.79 51.78 -11.08
C ILE E 230 -5.43 52.43 -9.86
N ASP E 231 -6.41 53.28 -10.11
CA ASP E 231 -7.16 53.91 -9.03
C ASP E 231 -8.02 52.81 -8.40
N GLU E 232 -8.68 53.12 -7.29
CA GLU E 232 -9.53 52.14 -6.61
C GLU E 232 -10.71 51.80 -7.50
N ASP E 233 -11.00 52.70 -8.42
CA ASP E 233 -11.99 52.44 -9.44
C ASP E 233 -11.52 51.34 -10.40
N LEU E 234 -12.48 50.56 -10.89
CA LEU E 234 -12.23 49.41 -11.76
C LEU E 234 -11.82 49.69 -13.22
N VAL E 235 -10.68 50.36 -13.45
CA VAL E 235 -10.24 50.64 -14.83
C VAL E 235 -8.74 50.34 -15.10
N LEU E 236 -8.47 49.60 -16.17
CA LEU E 236 -7.10 49.16 -16.47
C LEU E 236 -6.29 50.33 -17.01
N ALA E 237 -5.00 50.35 -16.67
CA ALA E 237 -4.12 51.44 -17.06
C ALA E 237 -3.99 51.57 -18.56
N SER E 238 -3.92 52.80 -19.03
CA SER E 238 -3.82 53.09 -20.47
C SER E 238 -2.53 52.54 -21.07
N ALA E 239 -1.45 52.60 -20.29
CA ALA E 239 -0.15 52.10 -20.75
C ALA E 239 -0.24 50.62 -21.01
N VAL E 240 -0.89 49.91 -20.08
CA VAL E 240 -1.08 48.48 -20.14
C VAL E 240 -1.93 48.10 -21.35
N VAL E 241 -3.04 48.80 -21.53
CA VAL E 241 -3.97 48.49 -22.61
C VAL E 241 -3.34 48.76 -23.98
N ARG E 242 -2.65 49.87 -24.12
CA ARG E 242 -1.98 50.20 -25.37
C ARG E 242 -0.83 49.23 -25.68
N SER E 243 -0.09 48.84 -24.64
CA SER E 243 1.01 47.88 -24.78
C SER E 243 0.60 46.44 -25.07
N ALA E 244 -0.52 46.00 -24.51
CA ALA E 244 -0.98 44.62 -24.65
C ALA E 244 -1.29 44.23 -26.10
N GLU E 245 -1.70 45.20 -26.90
CA GLU E 245 -2.03 44.95 -28.30
C GLU E 245 -0.79 44.44 -29.05
N LYS E 246 0.38 44.99 -28.70
CA LYS E 246 1.63 44.62 -29.32
C LYS E 246 1.91 43.14 -29.09
N TYR E 247 1.71 42.71 -27.85
CA TYR E 247 1.93 41.32 -27.45
C TYR E 247 0.92 40.37 -28.07
N ARG E 248 -0.35 40.72 -28.03
CA ARG E 248 -1.37 39.84 -28.58
C ARG E 248 -1.18 39.66 -30.08
N ALA E 249 -0.85 40.75 -30.77
CA ALA E 249 -0.60 40.68 -32.19
C ALA E 249 0.66 39.91 -32.54
N LYS E 250 1.82 40.38 -32.04
CA LYS E 250 3.09 39.75 -32.37
C LYS E 250 3.37 38.44 -31.63
N VAL E 251 2.92 38.35 -30.38
CA VAL E 251 3.13 37.17 -29.53
C VAL E 251 4.60 36.81 -29.42
N GLU F 4 0.70 -24.53 -62.40
CA GLU F 4 2.11 -24.67 -62.05
C GLU F 4 2.80 -23.30 -62.04
N ASN F 5 2.11 -22.34 -62.64
CA ASN F 5 2.61 -20.99 -62.82
C ASN F 5 1.97 -19.97 -61.87
N TYR F 6 2.79 -19.06 -61.37
CA TYR F 6 2.38 -18.08 -60.36
C TYR F 6 1.57 -16.95 -60.99
N ARG F 7 1.83 -16.69 -62.27
CA ARG F 7 1.16 -15.60 -62.97
C ARG F 7 -0.37 -15.71 -62.95
N ASP F 8 -0.92 -16.88 -63.24
CA ASP F 8 -2.38 -17.04 -63.19
C ASP F 8 -3.00 -16.93 -61.80
N ILE F 9 -2.34 -17.41 -60.76
CA ILE F 9 -2.91 -17.25 -59.42
C ILE F 9 -2.87 -15.76 -59.05
N ALA F 10 -1.77 -15.10 -59.42
CA ALA F 10 -1.58 -13.69 -59.14
C ALA F 10 -2.67 -12.87 -59.84
N LEU F 11 -2.95 -13.25 -61.09
CA LEU F 11 -4.04 -12.62 -61.84
C LEU F 11 -5.40 -13.04 -61.29
N ALA F 12 -5.44 -14.23 -60.69
CA ALA F 12 -6.68 -14.77 -60.14
C ALA F 12 -7.09 -13.92 -58.95
N PHE F 13 -6.10 -13.28 -58.33
CA PHE F 13 -6.36 -12.35 -57.24
C PHE F 13 -7.33 -11.24 -57.68
N LEU F 14 -7.27 -10.85 -58.95
CA LEU F 14 -8.21 -9.89 -59.49
C LEU F 14 -9.65 -10.38 -59.31
N ASP F 15 -9.84 -11.69 -59.28
CA ASP F 15 -11.17 -12.26 -59.14
C ASP F 15 -11.54 -12.43 -57.67
N GLU F 16 -10.99 -11.57 -56.82
CA GLU F 16 -11.26 -11.57 -55.38
C GLU F 16 -12.61 -10.95 -55.04
N SER F 17 -13.38 -11.62 -54.17
CA SER F 17 -14.65 -11.09 -53.70
C SER F 17 -14.40 -9.95 -52.71
N ALA F 18 -14.71 -8.72 -53.10
CA ALA F 18 -14.45 -7.57 -52.23
C ALA F 18 -15.69 -6.84 -51.73
N ASP F 19 -15.78 -6.68 -50.41
CA ASP F 19 -16.88 -5.95 -49.81
C ASP F 19 -16.41 -4.83 -48.89
N SER F 20 -16.99 -3.64 -49.07
CA SER F 20 -16.68 -2.47 -48.28
C SER F 20 -16.97 -2.62 -46.78
N GLY F 21 -18.20 -3.00 -46.47
CA GLY F 21 -18.68 -3.03 -45.10
C GLY F 21 -17.97 -3.86 -44.04
N THR F 22 -17.51 -5.06 -44.38
CA THR F 22 -16.88 -5.97 -43.41
C THR F 22 -15.41 -5.60 -43.16
N ILE F 23 -14.87 -4.65 -43.93
CA ILE F 23 -13.51 -4.14 -43.69
C ILE F 23 -13.48 -3.55 -42.28
N ASN F 24 -14.65 -3.02 -41.94
CA ASN F 24 -14.91 -2.40 -40.66
C ASN F 24 -14.75 -3.35 -39.50
N ALA F 25 -15.05 -4.64 -39.69
CA ALA F 25 -14.92 -5.58 -38.59
C ALA F 25 -13.47 -5.78 -38.12
N TRP F 26 -12.55 -6.08 -39.04
CA TRP F 26 -11.12 -6.26 -38.70
C TRP F 26 -10.35 -4.96 -38.41
N VAL F 27 -10.78 -3.85 -39.02
CA VAL F 27 -9.95 -2.63 -38.98
C VAL F 27 -9.67 -2.20 -37.55
N ASN F 28 -10.51 -2.63 -36.61
CA ASN F 28 -10.33 -2.23 -35.22
C ASN F 28 -9.21 -3.05 -34.61
N GLU F 29 -9.19 -4.34 -34.92
CA GLU F 29 -8.16 -5.20 -34.41
C GLU F 29 -6.77 -4.99 -35.01
N PHE F 30 -6.65 -4.80 -36.33
CA PHE F 30 -5.29 -4.54 -36.84
C PHE F 30 -4.82 -3.08 -36.78
N ALA F 31 -5.72 -2.13 -36.60
CA ALA F 31 -5.33 -0.72 -36.53
C ALA F 31 -4.38 -0.54 -35.35
N TYR F 32 -3.49 0.44 -35.47
CA TYR F 32 -2.60 0.80 -34.37
C TYR F 32 -3.42 1.17 -33.16
N GLN F 33 -3.03 0.59 -32.03
CA GLN F 33 -3.81 0.65 -30.80
C GLN F 33 -2.95 0.83 -29.55
N GLY F 34 -2.62 2.09 -29.26
CA GLY F 34 -1.66 2.46 -28.22
C GLY F 34 -1.84 1.88 -26.84
N PHE F 35 -3.06 1.79 -26.34
CA PHE F 35 -3.27 1.26 -25.00
C PHE F 35 -4.65 0.62 -24.80
N ASP F 36 -4.71 -0.39 -23.92
CA ASP F 36 -5.96 -1.05 -23.57
C ASP F 36 -6.45 -0.61 -22.18
N PRO F 37 -7.59 0.11 -22.13
CA PRO F 37 -8.31 0.60 -20.95
C PRO F 37 -8.78 -0.45 -19.94
N LYS F 38 -9.40 -1.53 -20.42
CA LYS F 38 -9.99 -2.54 -19.54
C LYS F 38 -8.93 -3.14 -18.63
N ARG F 39 -7.74 -3.34 -19.20
CA ARG F 39 -6.62 -3.85 -18.43
C ARG F 39 -6.32 -2.87 -17.30
N ILE F 40 -6.26 -1.58 -17.64
CA ILE F 40 -5.93 -0.55 -16.65
C ILE F 40 -6.92 -0.47 -15.49
N VAL F 41 -8.21 -0.40 -15.82
CA VAL F 41 -9.23 -0.33 -14.78
C VAL F 41 -9.22 -1.59 -13.92
N GLN F 42 -9.06 -2.75 -14.56
CA GLN F 42 -9.09 -3.99 -13.79
C GLN F 42 -7.87 -4.11 -12.86
N LEU F 43 -6.67 -3.79 -13.34
CA LEU F 43 -5.48 -3.90 -12.49
C LEU F 43 -5.55 -2.90 -11.34
N VAL F 44 -5.97 -1.67 -11.62
CA VAL F 44 -6.13 -0.69 -10.55
C VAL F 44 -7.17 -1.17 -9.53
N LYS F 45 -8.26 -1.76 -10.02
CA LYS F 45 -9.30 -2.27 -9.13
C LYS F 45 -8.85 -3.44 -8.24
N GLU F 46 -8.13 -4.39 -8.82
CA GLU F 46 -7.62 -5.54 -8.06
C GLU F 46 -6.53 -5.15 -7.05
N ARG F 47 -5.59 -4.31 -7.49
CA ARG F 47 -4.52 -3.84 -6.63
C ARG F 47 -5.14 -3.06 -5.48
N GLY F 48 -6.08 -2.18 -5.84
CA GLY F 48 -6.79 -1.36 -4.88
C GLY F 48 -7.65 -2.14 -3.89
N THR F 49 -8.29 -3.21 -4.36
CA THR F 49 -9.09 -4.04 -3.46
C THR F 49 -8.12 -4.68 -2.47
N ALA F 50 -6.97 -5.13 -2.96
CA ALA F 50 -5.95 -5.70 -2.08
C ALA F 50 -5.42 -4.64 -1.10
N LYS F 51 -5.20 -3.43 -1.63
CA LYS F 51 -4.70 -2.31 -0.84
C LYS F 51 -5.73 -1.67 0.08
N GLY F 52 -5.26 -1.07 1.17
CA GLY F 52 -6.14 -0.42 2.13
C GLY F 52 -6.51 1.00 1.80
N ARG F 53 -7.16 1.20 0.66
CA ARG F 53 -7.65 2.51 0.24
C ARG F 53 -8.91 2.38 -0.62
N ASP F 54 -9.71 3.43 -0.70
CA ASP F 54 -10.96 3.35 -1.46
C ASP F 54 -10.65 3.67 -2.91
N TRP F 55 -11.12 2.79 -3.78
CA TRP F 55 -10.84 2.82 -5.21
C TRP F 55 -11.33 4.11 -5.90
N LYS F 56 -12.54 4.53 -5.57
CA LYS F 56 -13.15 5.71 -6.22
C LYS F 56 -12.35 6.99 -6.01
N LYS F 57 -11.93 7.22 -4.76
CA LYS F 57 -11.15 8.39 -4.40
C LYS F 57 -9.84 8.40 -5.15
N ASP F 58 -9.21 7.23 -5.23
CA ASP F 58 -7.96 7.08 -5.95
C ASP F 58 -8.16 7.53 -7.38
N VAL F 59 -9.19 6.99 -8.02
CA VAL F 59 -9.47 7.29 -9.42
C VAL F 59 -9.65 8.79 -9.65
N LYS F 60 -10.48 9.41 -8.82
CA LYS F 60 -10.75 10.84 -8.94
C LYS F 60 -9.44 11.62 -8.87
N MET F 61 -8.59 11.20 -7.93
CA MET F 61 -7.29 11.85 -7.77
C MET F 61 -6.43 11.74 -9.03
N MET F 62 -6.35 10.55 -9.64
CA MET F 62 -5.52 10.45 -10.84
C MET F 62 -6.08 11.31 -11.96
N ILE F 63 -7.40 11.38 -12.11
CA ILE F 63 -7.97 12.21 -13.17
C ILE F 63 -7.67 13.71 -13.00
N VAL F 64 -7.92 14.26 -11.82
CA VAL F 64 -7.61 15.69 -11.62
C VAL F 64 -6.11 15.94 -11.86
N LEU F 65 -5.28 15.02 -11.34
CA LEU F 65 -3.84 15.12 -11.48
C LEU F 65 -3.37 15.09 -12.91
N ASN F 66 -3.90 14.18 -13.71
CA ASN F 66 -3.52 14.08 -15.10
C ASN F 66 -3.94 15.33 -15.85
N LEU F 67 -5.14 15.78 -15.52
CA LEU F 67 -5.74 16.89 -16.24
C LEU F 67 -4.88 18.13 -16.13
N VAL F 68 -4.54 18.56 -14.91
CA VAL F 68 -3.77 19.81 -14.88
C VAL F 68 -2.25 19.59 -14.89
N ARG F 69 -1.78 18.55 -14.21
CA ARG F 69 -0.34 18.30 -14.10
C ARG F 69 0.28 17.48 -15.24
N GLY F 70 -0.53 16.74 -15.99
CA GLY F 70 0.01 15.94 -17.08
C GLY F 70 0.35 14.52 -16.64
N ASN F 71 0.85 13.72 -17.58
CA ASN F 71 1.10 12.30 -17.31
C ASN F 71 2.25 12.00 -16.35
N LYS F 72 3.36 12.73 -16.47
CA LYS F 72 4.50 12.51 -15.59
C LYS F 72 4.51 13.45 -14.39
N PRO F 73 4.51 12.89 -13.18
CA PRO F 73 4.57 13.74 -11.97
C PRO F 73 5.94 13.90 -11.31
N GLU F 74 7.00 13.26 -11.81
CA GLU F 74 8.26 13.31 -11.08
C GLU F 74 8.87 14.71 -11.07
N ALA F 75 8.74 15.42 -12.19
CA ALA F 75 9.18 16.81 -12.25
C ALA F 75 8.21 17.66 -11.45
N MET F 76 6.94 17.23 -11.45
CA MET F 76 5.83 17.91 -10.81
C MET F 76 5.78 17.76 -9.29
N MET F 77 6.76 17.08 -8.71
CA MET F 77 6.77 16.85 -7.26
C MET F 77 7.93 17.55 -6.58
N LYS F 78 8.60 18.39 -7.35
CA LYS F 78 9.63 19.27 -6.86
C LYS F 78 8.93 20.60 -6.72
N LYS F 79 8.31 20.99 -7.82
CA LYS F 79 7.43 22.16 -7.88
C LYS F 79 6.03 21.85 -7.33
N MET F 80 5.94 21.39 -6.09
CA MET F 80 4.62 21.16 -5.48
C MET F 80 4.62 21.13 -3.95
N SER F 81 3.42 21.17 -3.39
CA SER F 81 3.21 21.20 -1.95
C SER F 81 3.38 19.84 -1.28
N GLU F 82 3.91 19.85 -0.06
CA GLU F 82 4.24 18.61 0.64
C GLU F 82 2.99 17.75 0.84
N LYS F 83 1.91 18.36 1.32
CA LYS F 83 0.66 17.66 1.57
C LYS F 83 0.12 17.14 0.24
N GLY F 84 0.30 17.94 -0.80
CA GLY F 84 -0.07 17.54 -2.14
C GLY F 84 0.79 16.40 -2.65
N ALA F 85 2.07 16.41 -2.31
CA ALA F 85 3.00 15.39 -2.78
C ALA F 85 2.83 14.03 -2.10
N SER F 86 2.31 14.02 -0.87
CA SER F 86 2.16 12.76 -0.14
C SER F 86 1.28 11.77 -0.88
N ILE F 87 0.14 12.25 -1.38
CA ILE F 87 -0.78 11.39 -2.11
C ILE F 87 -0.13 10.89 -3.40
N VAL F 88 0.70 11.72 -4.02
CA VAL F 88 1.36 11.31 -5.26
C VAL F 88 2.31 10.16 -4.95
N ALA F 89 3.03 10.27 -3.83
CA ALA F 89 3.95 9.22 -3.42
C ALA F 89 3.17 7.93 -3.19
N ASN F 90 2.06 8.05 -2.46
CA ASN F 90 1.17 6.92 -2.18
C ASN F 90 0.56 6.22 -3.40
N LEU F 91 0.12 7.03 -4.36
CA LEU F 91 -0.57 6.59 -5.58
C LEU F 91 0.17 5.60 -6.48
N ILE F 92 1.43 5.91 -6.76
CA ILE F 92 2.21 5.17 -7.76
C ILE F 92 2.38 3.67 -7.51
N SER F 93 2.57 3.25 -6.26
CA SER F 93 2.81 1.83 -5.99
C SER F 93 1.63 0.98 -6.45
N VAL F 94 0.43 1.38 -6.04
CA VAL F 94 -0.78 0.68 -6.46
C VAL F 94 -1.03 0.86 -7.95
N TYR F 95 -0.83 2.08 -8.45
CA TYR F 95 -1.09 2.36 -9.85
C TYR F 95 0.01 1.88 -10.81
N GLN F 96 1.25 1.85 -10.34
CA GLN F 96 2.40 1.48 -11.16
C GLN F 96 2.47 2.35 -12.41
N LEU F 97 2.22 3.65 -12.24
CA LEU F 97 2.25 4.60 -13.34
C LEU F 97 3.63 4.73 -13.97
N LYS F 98 3.66 4.85 -15.30
CA LYS F 98 4.90 5.03 -16.03
C LYS F 98 4.82 6.27 -16.92
N GLU F 99 5.91 7.04 -16.97
CA GLU F 99 5.91 8.28 -17.75
C GLU F 99 5.83 8.03 -19.25
N GLY F 100 5.03 8.82 -19.94
CA GLY F 100 4.85 8.69 -21.38
C GLY F 100 4.18 7.36 -21.70
N ASN F 101 4.45 6.83 -22.89
CA ASN F 101 3.98 5.49 -23.22
C ASN F 101 5.08 4.59 -23.80
N PRO F 102 5.82 3.89 -22.92
CA PRO F 102 6.77 2.88 -23.40
C PRO F 102 6.01 1.64 -23.84
N GLY F 103 4.90 1.33 -23.16
CA GLY F 103 4.13 0.14 -23.47
C GLY F 103 2.65 0.26 -23.17
N ARG F 104 1.87 -0.53 -23.89
CA ARG F 104 0.42 -0.56 -23.75
C ARG F 104 -0.03 -1.09 -22.38
N ASP F 105 0.67 -2.11 -21.90
CA ASP F 105 0.35 -2.72 -20.62
C ASP F 105 0.58 -1.77 -19.44
N THR F 106 1.60 -0.93 -19.57
CA THR F 106 1.91 0.09 -18.57
C THR F 106 0.77 1.08 -18.39
N ILE F 107 0.55 1.52 -17.15
CA ILE F 107 -0.53 2.44 -16.85
C ILE F 107 -0.04 3.88 -16.84
N THR F 108 -0.75 4.75 -17.54
CA THR F 108 -0.51 6.19 -17.49
C THR F 108 -1.74 6.92 -16.98
N LEU F 109 -1.52 8.11 -16.42
CA LEU F 109 -2.62 8.93 -15.91
C LEU F 109 -3.69 9.18 -16.99
N SER F 110 -3.27 9.27 -18.25
CA SER F 110 -4.19 9.46 -19.36
C SER F 110 -5.04 8.22 -19.57
N ARG F 111 -4.48 7.06 -19.24
CA ARG F 111 -5.24 5.82 -19.28
C ARG F 111 -6.29 5.82 -18.18
N VAL F 112 -5.96 6.43 -17.04
CA VAL F 112 -6.93 6.59 -15.96
C VAL F 112 -8.07 7.50 -16.41
N SER F 113 -7.71 8.61 -17.06
CA SER F 113 -8.71 9.54 -17.58
C SER F 113 -9.64 8.84 -18.58
N ALA F 114 -9.04 8.07 -19.49
CA ALA F 114 -9.81 7.38 -20.52
C ALA F 114 -10.71 6.30 -19.94
N ALA F 115 -10.16 5.48 -19.05
CA ALA F 115 -10.88 4.39 -18.42
C ALA F 115 -12.00 4.87 -17.52
N PHE F 116 -11.78 6.01 -16.87
CA PHE F 116 -12.78 6.57 -15.96
C PHE F 116 -13.43 7.81 -16.56
N VAL F 117 -13.75 7.71 -17.86
CA VAL F 117 -14.38 8.81 -18.57
C VAL F 117 -15.78 9.23 -18.03
N PRO F 118 -16.60 8.29 -17.50
CA PRO F 118 -17.89 8.80 -16.99
C PRO F 118 -17.71 9.81 -15.85
N TRP F 119 -16.76 9.55 -14.97
CA TRP F 119 -16.41 10.51 -13.93
C TRP F 119 -15.73 11.73 -14.53
N THR F 120 -14.90 11.49 -15.55
CA THR F 120 -14.12 12.54 -16.16
C THR F 120 -14.99 13.66 -16.73
N VAL F 121 -16.11 13.30 -17.36
CA VAL F 121 -16.96 14.36 -17.93
C VAL F 121 -17.54 15.23 -16.81
N GLN F 122 -17.98 14.60 -15.73
CA GLN F 122 -18.55 15.31 -14.58
C GLN F 122 -17.55 16.22 -13.89
N ALA F 123 -16.34 15.72 -13.67
CA ALA F 123 -15.30 16.49 -13.01
C ALA F 123 -14.77 17.62 -13.90
N LEU F 124 -14.58 17.33 -15.18
CA LEU F 124 -13.95 18.29 -16.09
C LEU F 124 -14.70 19.61 -16.16
N ARG F 125 -16.02 19.53 -16.14
CA ARG F 125 -16.87 20.71 -16.26
C ARG F 125 -16.56 21.70 -15.15
N VAL F 126 -16.52 21.18 -13.93
CA VAL F 126 -16.32 21.99 -12.74
C VAL F 126 -14.85 22.38 -12.60
N LEU F 127 -13.96 21.57 -13.16
CA LEU F 127 -12.53 21.86 -13.12
C LEU F 127 -12.01 22.47 -14.44
N SER F 128 -12.93 22.80 -15.35
CA SER F 128 -12.56 23.31 -16.69
C SER F 128 -11.85 24.66 -16.70
N GLU F 129 -12.28 25.58 -15.86
CA GLU F 129 -11.65 26.89 -15.77
C GLU F 129 -10.24 26.84 -15.21
N SER F 130 -9.99 25.93 -14.28
CA SER F 130 -8.71 25.82 -13.59
C SER F 130 -7.48 25.46 -14.44
N LEU F 131 -7.68 24.72 -15.52
CA LEU F 131 -6.57 24.25 -16.35
C LEU F 131 -5.92 25.41 -17.12
N PRO F 132 -4.72 25.18 -17.72
CA PRO F 132 -4.04 26.30 -18.38
C PRO F 132 -4.87 27.03 -19.45
N VAL F 133 -5.71 26.32 -20.20
CA VAL F 133 -6.62 27.00 -21.10
C VAL F 133 -7.93 27.26 -20.35
N SER F 134 -8.18 28.53 -20.05
CA SER F 134 -9.40 28.90 -19.33
C SER F 134 -10.64 28.61 -20.15
N GLY F 135 -11.76 28.39 -19.47
CA GLY F 135 -13.04 28.27 -20.14
C GLY F 135 -13.34 29.58 -20.84
N THR F 136 -12.94 30.69 -20.20
CA THR F 136 -13.15 32.02 -20.76
C THR F 136 -12.38 32.19 -22.07
N THR F 137 -11.17 31.65 -22.13
CA THR F 137 -10.39 31.65 -23.37
C THR F 137 -11.15 30.88 -24.43
N MET F 138 -11.80 29.80 -24.00
CA MET F 138 -12.52 28.94 -24.94
C MET F 138 -13.76 29.65 -25.45
N ASP F 139 -14.32 30.55 -24.63
CA ASP F 139 -15.38 31.45 -25.07
C ASP F 139 -14.89 32.55 -26.01
N ALA F 140 -13.66 33.01 -25.81
CA ALA F 140 -13.06 33.99 -26.72
C ALA F 140 -12.79 33.38 -28.09
N ILE F 141 -12.22 32.17 -28.08
CA ILE F 141 -11.88 31.42 -29.29
C ILE F 141 -13.12 31.02 -30.08
N ALA F 142 -14.16 30.60 -29.38
CA ALA F 142 -15.41 30.21 -30.04
C ALA F 142 -16.56 31.11 -29.58
N GLY F 143 -17.20 31.78 -30.53
CA GLY F 143 -18.22 32.77 -30.22
C GLY F 143 -19.33 32.21 -29.36
N VAL F 144 -19.80 31.01 -29.71
CA VAL F 144 -20.76 30.30 -28.87
C VAL F 144 -19.98 29.75 -27.68
N THR F 145 -20.63 29.63 -26.53
CA THR F 145 -19.93 29.10 -25.36
C THR F 145 -19.42 27.71 -25.68
N TYR F 146 -18.14 27.49 -25.44
CA TYR F 146 -17.53 26.21 -25.76
C TYR F 146 -17.95 25.23 -24.67
N PRO F 147 -18.31 24.00 -25.05
CA PRO F 147 -18.68 23.08 -23.97
C PRO F 147 -17.47 22.79 -23.07
N ARG F 148 -17.55 23.29 -21.84
CA ARG F 148 -16.47 23.16 -20.86
C ARG F 148 -16.23 21.71 -20.43
N ALA F 149 -17.29 20.93 -20.31
CA ALA F 149 -17.12 19.54 -19.92
C ALA F 149 -16.32 18.78 -20.98
N MET F 150 -16.58 19.10 -22.24
CA MET F 150 -15.98 18.44 -23.40
C MET F 150 -14.49 18.75 -23.67
N MET F 151 -13.73 19.10 -22.64
CA MET F 151 -12.30 19.41 -22.82
C MET F 151 -11.34 18.23 -22.64
N HIS F 152 -11.53 17.43 -21.60
CA HIS F 152 -10.55 16.44 -21.15
C HIS F 152 -10.10 15.48 -22.26
N PRO F 153 -8.78 15.17 -22.28
CA PRO F 153 -8.09 14.30 -23.25
C PRO F 153 -8.74 12.93 -23.40
N SER F 154 -9.47 12.48 -22.39
CA SER F 154 -10.27 11.25 -22.46
C SER F 154 -11.45 11.35 -23.46
N PHE F 155 -11.52 12.45 -24.20
CA PHE F 155 -12.65 12.78 -25.08
C PHE F 155 -13.04 11.87 -26.24
N ALA F 156 -12.11 11.08 -26.75
CA ALA F 156 -12.36 10.39 -28.04
C ALA F 156 -13.17 9.09 -28.03
N GLY F 157 -13.01 8.26 -27.01
CA GLY F 157 -13.65 6.95 -27.01
C GLY F 157 -15.16 7.04 -27.10
N ILE F 158 -15.69 8.01 -26.38
CA ILE F 158 -17.11 8.25 -26.27
C ILE F 158 -17.81 8.55 -27.62
N ILE F 159 -17.27 9.44 -28.44
CA ILE F 159 -17.95 9.76 -29.69
C ILE F 159 -17.97 8.56 -30.64
N ASP F 160 -19.10 8.36 -31.29
CA ASP F 160 -19.24 7.31 -32.28
C ASP F 160 -19.44 7.95 -33.65
N LEU F 161 -18.56 7.63 -34.60
CA LEU F 161 -18.69 8.13 -35.96
C LEU F 161 -19.84 7.46 -36.71
N ASP F 162 -20.17 6.24 -36.30
CA ASP F 162 -21.16 5.42 -36.98
C ASP F 162 -22.61 5.87 -36.73
N LEU F 163 -22.81 6.94 -35.95
CA LEU F 163 -24.17 7.43 -35.76
C LEU F 163 -24.85 7.74 -37.07
N PRO F 164 -26.17 7.48 -37.13
CA PRO F 164 -26.93 7.81 -38.32
C PRO F 164 -26.77 9.30 -38.60
N ASN F 165 -26.67 9.65 -39.88
CA ASN F 165 -26.54 11.03 -40.37
C ASN F 165 -25.10 11.53 -40.28
N GLY F 166 -24.18 10.67 -39.85
CA GLY F 166 -22.77 11.02 -39.75
C GLY F 166 -22.42 12.16 -38.81
N ALA F 167 -23.14 12.29 -37.69
CA ALA F 167 -22.90 13.37 -36.73
C ALA F 167 -21.50 13.32 -36.14
N GLY F 168 -20.98 12.10 -35.97
CA GLY F 168 -19.69 11.89 -35.35
C GLY F 168 -18.61 12.67 -36.06
N ALA F 169 -18.75 12.80 -37.38
CA ALA F 169 -17.81 13.59 -38.15
C ALA F 169 -17.81 15.05 -37.68
N THR F 170 -19.00 15.62 -37.54
CA THR F 170 -19.15 17.01 -37.09
C THR F 170 -18.53 17.22 -35.70
N ILE F 171 -18.86 16.33 -34.77
CA ILE F 171 -18.30 16.44 -33.42
C ILE F 171 -16.75 16.32 -33.47
N ALA F 172 -16.28 15.39 -34.28
CA ALA F 172 -14.86 15.14 -34.46
C ALA F 172 -14.15 16.40 -34.95
N ASP F 173 -14.80 17.12 -35.85
CA ASP F 173 -14.25 18.39 -36.34
C ASP F 173 -14.23 19.36 -35.17
N ALA F 174 -15.31 19.39 -34.41
CA ALA F 174 -15.48 20.34 -33.32
C ALA F 174 -14.38 20.28 -32.26
N HIS F 175 -13.91 19.10 -31.88
CA HIS F 175 -12.84 19.03 -30.85
C HIS F 175 -11.46 19.53 -31.31
N GLY F 176 -11.22 19.48 -32.61
CA GLY F 176 -9.89 19.74 -33.15
C GLY F 176 -9.21 21.04 -32.77
N LEU F 177 -9.93 22.15 -32.70
CA LEU F 177 -9.29 23.41 -32.38
C LEU F 177 -8.82 23.41 -30.91
N PHE F 178 -9.59 22.74 -30.05
CA PHE F 178 -9.17 22.58 -28.67
C PHE F 178 -7.91 21.74 -28.65
N MET F 179 -7.94 20.65 -29.40
CA MET F 179 -6.79 19.76 -29.40
C MET F 179 -5.53 20.47 -29.86
N ILE F 180 -5.62 21.24 -30.95
CA ILE F 180 -4.44 21.92 -31.46
C ILE F 180 -3.96 22.90 -30.38
N GLU F 181 -4.90 23.50 -29.64
CA GLU F 181 -4.48 24.45 -28.60
C GLU F 181 -3.78 23.75 -27.43
N PHE F 182 -4.25 22.56 -27.06
CA PHE F 182 -3.65 21.81 -25.96
C PHE F 182 -2.30 21.26 -26.41
N SER F 183 -2.21 20.96 -27.70
CA SER F 183 -0.96 20.52 -28.31
C SER F 183 0.03 21.66 -28.22
N LYS F 184 -0.48 22.87 -28.48
CA LYS F 184 0.30 24.09 -28.40
C LYS F 184 0.83 24.28 -26.99
N THR F 185 0.01 23.96 -25.99
CA THR F 185 0.46 24.06 -24.62
C THR F 185 1.53 23.01 -24.29
N ILE F 186 1.36 21.77 -24.73
CA ILE F 186 2.33 20.74 -24.35
C ILE F 186 3.65 20.86 -25.11
N ASN F 187 3.60 21.15 -26.41
CA ASN F 187 4.81 21.47 -27.18
C ASN F 187 4.88 22.96 -27.54
N PRO F 188 5.96 23.63 -27.13
CA PRO F 188 6.18 25.07 -27.37
C PRO F 188 6.29 25.37 -28.86
N SER F 189 6.94 24.48 -29.62
CA SER F 189 7.13 24.73 -31.03
C SER F 189 5.97 24.14 -31.86
N LEU F 190 4.83 23.91 -31.22
CA LEU F 190 3.64 23.43 -31.92
C LEU F 190 2.71 24.61 -32.15
N ARG F 191 2.88 25.65 -31.33
CA ARG F 191 2.03 26.82 -31.36
C ARG F 191 2.23 27.62 -32.65
N THR F 192 3.43 27.53 -33.20
CA THR F 192 3.83 28.35 -34.36
C THR F 192 3.55 27.66 -35.69
N LYS F 193 3.29 26.36 -35.65
CA LYS F 193 3.02 25.60 -36.85
C LYS F 193 1.60 25.90 -37.32
N GLN F 194 1.32 25.66 -38.59
CA GLN F 194 0.02 26.01 -39.15
C GLN F 194 -1.00 24.99 -38.67
N ALA F 195 -2.21 25.46 -38.38
CA ALA F 195 -3.26 24.59 -37.87
C ALA F 195 -3.59 23.49 -38.87
N ASN F 196 -3.47 23.84 -40.15
CA ASN F 196 -3.75 22.91 -41.24
C ASN F 196 -2.86 21.69 -41.18
N GLU F 197 -1.56 21.96 -41.08
CA GLU F 197 -0.53 20.93 -41.08
C GLU F 197 -0.58 20.17 -39.77
N VAL F 198 -0.86 20.90 -38.70
CA VAL F 198 -0.96 20.33 -37.35
C VAL F 198 -2.10 19.34 -37.26
N ALA F 199 -3.18 19.57 -38.01
CA ALA F 199 -4.37 18.74 -37.90
C ALA F 199 -4.05 17.30 -38.29
N ALA F 200 -3.18 17.14 -39.29
CA ALA F 200 -2.81 15.83 -39.80
C ALA F 200 -2.11 15.04 -38.69
N THR F 201 -1.29 15.75 -37.91
CA THR F 201 -0.61 15.10 -36.80
C THR F 201 -1.64 14.93 -35.68
N PHE F 202 -1.27 14.18 -34.65
CA PHE F 202 -2.19 13.86 -33.56
C PHE F 202 -3.50 13.13 -33.95
N GLU F 203 -3.82 13.06 -35.24
CA GLU F 203 -5.09 12.44 -35.65
C GLU F 203 -5.13 10.95 -35.31
N LYS F 204 -4.02 10.25 -35.47
CA LYS F 204 -3.96 8.80 -35.26
C LYS F 204 -4.22 8.33 -33.81
N PRO F 205 -3.57 8.96 -32.80
CA PRO F 205 -3.90 8.53 -31.44
C PRO F 205 -5.33 8.88 -31.05
N ASN F 206 -5.80 10.04 -31.49
CA ASN F 206 -7.16 10.49 -31.22
C ASN F 206 -8.14 9.49 -31.83
N MET F 207 -7.83 9.04 -33.05
CA MET F 207 -8.68 8.09 -33.75
C MET F 207 -8.64 6.70 -33.10
N ALA F 208 -7.47 6.32 -32.59
CA ALA F 208 -7.31 5.05 -31.90
C ALA F 208 -8.17 5.04 -30.64
N ALA F 209 -8.18 6.16 -29.95
CA ALA F 209 -9.03 6.31 -28.77
C ALA F 209 -10.50 6.30 -29.21
N MET F 210 -10.77 6.95 -30.33
CA MET F 210 -12.13 7.17 -30.82
C MET F 210 -12.98 5.92 -31.15
N SER F 211 -12.35 4.89 -31.72
CA SER F 211 -13.06 3.63 -32.03
C SER F 211 -12.64 2.55 -31.06
N GLY F 212 -13.57 2.08 -30.25
CA GLY F 212 -13.28 1.06 -29.27
C GLY F 212 -14.40 0.05 -29.05
N ARG F 213 -14.04 -1.20 -28.76
CA ARG F 213 -15.00 -2.28 -28.54
C ARG F 213 -15.56 -2.27 -27.12
N PHE F 214 -14.99 -1.39 -26.31
CA PHE F 214 -15.26 -1.33 -24.88
C PHE F 214 -16.70 -0.91 -24.54
N PHE F 215 -17.20 0.10 -25.25
CA PHE F 215 -18.51 0.67 -24.96
C PHE F 215 -19.50 0.54 -26.11
N THR F 216 -20.69 0.03 -25.81
CA THR F 216 -21.76 -0.07 -26.81
C THR F 216 -22.32 1.32 -27.09
N ARG F 217 -23.04 1.47 -28.19
CA ARG F 217 -23.61 2.76 -28.57
C ARG F 217 -24.59 3.30 -27.52
N GLU F 218 -25.31 2.40 -26.87
CA GLU F 218 -26.31 2.78 -25.89
C GLU F 218 -25.73 3.49 -24.65
N ASP F 219 -24.65 2.95 -24.08
CA ASP F 219 -24.09 3.58 -22.89
C ASP F 219 -23.50 4.96 -23.23
N LYS F 220 -22.90 5.11 -24.42
CA LYS F 220 -22.37 6.41 -24.83
C LYS F 220 -23.56 7.37 -25.06
N LYS F 221 -24.70 6.83 -25.49
CA LYS F 221 -25.90 7.67 -25.60
C LYS F 221 -26.33 8.17 -24.20
N LYS F 222 -26.31 7.27 -23.22
CA LYS F 222 -26.65 7.60 -21.83
C LYS F 222 -25.67 8.64 -21.29
N LEU F 223 -24.42 8.41 -21.65
CA LEU F 223 -23.29 9.31 -21.40
C LEU F 223 -23.66 10.70 -21.87
N LEU F 224 -24.06 10.77 -23.13
CA LEU F 224 -24.43 12.00 -23.83
C LEU F 224 -25.65 12.74 -23.27
N ILE F 225 -26.64 12.01 -22.77
CA ILE F 225 -27.84 12.67 -22.26
C ILE F 225 -27.62 13.47 -20.98
N ALA F 226 -26.72 13.01 -20.13
CA ALA F 226 -26.48 13.68 -18.84
C ALA F 226 -25.92 15.10 -18.95
N VAL F 227 -24.96 15.31 -19.84
CA VAL F 227 -24.44 16.67 -20.09
C VAL F 227 -25.56 17.58 -20.61
N GLY F 228 -26.47 17.01 -21.39
CA GLY F 228 -27.62 17.76 -21.88
C GLY F 228 -27.45 18.48 -23.20
N ILE F 229 -26.28 18.34 -23.81
CA ILE F 229 -26.05 18.96 -25.10
C ILE F 229 -26.91 18.29 -26.17
N ILE F 230 -27.09 16.98 -26.06
CA ILE F 230 -27.95 16.22 -26.96
C ILE F 230 -29.09 15.49 -26.22
N ASP F 231 -30.36 15.65 -26.63
CA ASP F 231 -31.46 14.90 -25.97
C ASP F 231 -31.49 13.48 -26.49
N GLU F 232 -32.40 12.68 -25.96
CA GLU F 232 -32.55 11.29 -26.40
C GLU F 232 -33.06 11.18 -27.84
N ASP F 233 -33.81 12.18 -28.30
CA ASP F 233 -34.19 12.30 -29.71
C ASP F 233 -32.99 12.85 -30.50
N LEU F 234 -31.79 12.54 -29.97
CA LEU F 234 -30.47 12.97 -30.43
C LEU F 234 -30.32 14.34 -31.14
N VAL F 235 -30.90 15.41 -30.56
CA VAL F 235 -30.73 16.75 -31.13
C VAL F 235 -29.30 17.19 -30.89
N LEU F 236 -28.61 17.72 -31.89
CA LEU F 236 -27.24 18.15 -31.63
C LEU F 236 -27.26 19.52 -30.95
N ALA F 237 -26.38 19.73 -29.98
CA ALA F 237 -26.33 21.02 -29.29
C ALA F 237 -25.87 22.08 -30.26
N SER F 238 -26.40 23.28 -30.15
CA SER F 238 -26.00 24.36 -31.02
C SER F 238 -24.53 24.73 -30.84
N ALA F 239 -24.04 24.63 -29.61
CA ALA F 239 -22.68 25.02 -29.28
C ALA F 239 -21.59 24.21 -30.01
N VAL F 240 -21.74 22.89 -30.03
CA VAL F 240 -20.75 22.03 -30.68
C VAL F 240 -20.69 22.25 -32.18
N VAL F 241 -21.87 22.21 -32.79
CA VAL F 241 -21.98 22.30 -34.24
C VAL F 241 -21.55 23.71 -34.69
N ARG F 242 -22.00 24.75 -33.98
CA ARG F 242 -21.63 26.14 -34.31
C ARG F 242 -20.15 26.47 -34.06
N SER F 243 -19.58 25.90 -33.00
CA SER F 243 -18.16 26.10 -32.70
C SER F 243 -17.32 25.40 -33.76
N ALA F 244 -17.85 24.30 -34.28
CA ALA F 244 -17.15 23.50 -35.27
C ALA F 244 -16.79 24.26 -36.56
N GLU F 245 -17.53 25.33 -36.89
CA GLU F 245 -17.27 26.09 -38.11
C GLU F 245 -15.86 26.65 -38.20
N LYS F 246 -15.34 27.12 -37.08
CA LYS F 246 -14.00 27.67 -37.05
C LYS F 246 -12.99 26.62 -37.46
N TYR F 247 -13.15 25.41 -36.93
CA TYR F 247 -12.25 24.32 -37.26
C TYR F 247 -12.44 23.88 -38.71
N ARG F 248 -13.69 23.73 -39.14
CA ARG F 248 -13.98 23.25 -40.48
C ARG F 248 -13.43 24.19 -41.54
N ALA F 249 -13.57 25.49 -41.29
CA ALA F 249 -13.03 26.51 -42.19
C ALA F 249 -11.50 26.51 -42.14
N LYS F 250 -10.96 26.68 -40.94
CA LYS F 250 -9.51 26.76 -40.76
C LYS F 250 -8.79 25.43 -40.90
N VAL F 251 -9.49 24.33 -40.62
CA VAL F 251 -8.91 22.98 -40.73
C VAL F 251 -7.64 22.83 -39.90
#